data_5JHJ
#
_entry.id   5JHJ
#
_entity_poly.entity_id   1
_entity_poly.type   'polypeptide(L)'
_entity_poly.pdbx_seq_one_letter_code
;APQDNTSMGSSHHHHHHSSGRENLYFQGHMAAPARSCVYYDGHLPATRVLLMYVRIGNTATITARGHEFEVEAKDQNCKV
ILTNGKQAPDWLAAEPY
;
_entity_poly.pdbx_strand_id   A
#
# COMPACT_ATOMS: atom_id res chain seq x y z
N SER A 19 31.56 0.97 -7.42
CA SER A 19 31.67 0.00 -6.33
C SER A 19 32.20 0.66 -5.06
N GLY A 20 33.48 0.98 -5.01
CA GLY A 20 34.02 1.52 -3.80
C GLY A 20 34.29 3.00 -3.88
N ARG A 21 33.27 3.77 -3.55
CA ARG A 21 33.33 5.20 -3.39
C ARG A 21 32.29 5.55 -2.37
N GLU A 22 32.72 5.71 -1.15
CA GLU A 22 31.84 6.09 -0.06
C GLU A 22 31.53 7.57 -0.17
N ASN A 23 30.41 7.84 -0.77
CA ASN A 23 29.89 9.15 -1.06
C ASN A 23 28.43 9.09 -0.66
N LEU A 24 27.85 10.20 -0.25
CA LEU A 24 26.48 10.18 0.18
C LEU A 24 25.54 10.22 -1.00
N TYR A 25 24.34 9.77 -0.74
CA TYR A 25 23.28 9.81 -1.71
C TYR A 25 22.35 10.91 -1.30
N PHE A 26 21.84 11.61 -2.27
CA PHE A 26 20.98 12.75 -2.04
C PHE A 26 19.70 12.36 -1.35
N GLN A 27 19.22 13.26 -0.52
CA GLN A 27 17.92 13.09 0.06
C GLN A 27 16.94 13.28 -1.09
N GLY A 28 16.22 12.24 -1.40
CA GLY A 28 15.34 12.28 -2.53
C GLY A 28 13.94 12.03 -2.10
N HIS A 29 13.02 12.13 -3.04
CA HIS A 29 11.63 11.91 -2.75
C HIS A 29 11.40 10.45 -2.45
N MET A 30 11.00 10.21 -1.23
CA MET A 30 10.76 8.88 -0.74
C MET A 30 9.34 8.85 -0.24
N ALA A 31 8.91 7.72 0.26
CA ALA A 31 7.58 7.61 0.80
C ALA A 31 7.60 8.23 2.17
N ALA A 32 6.87 9.30 2.35
CA ALA A 32 6.87 10.01 3.61
C ALA A 32 5.68 9.56 4.44
N PRO A 33 5.87 9.32 5.75
CA PRO A 33 4.79 8.89 6.64
C PRO A 33 3.70 9.95 6.77
N ALA A 34 2.74 9.85 5.88
CA ALA A 34 1.66 10.82 5.78
C ALA A 34 0.37 10.32 6.39
N ARG A 35 0.51 9.28 7.16
CA ARG A 35 -0.57 8.65 7.89
C ARG A 35 -1.74 8.13 7.03
N SER A 36 -1.42 7.62 5.86
CA SER A 36 -2.38 6.95 5.03
C SER A 36 -1.59 5.95 4.20
N CYS A 37 -2.13 4.77 3.96
CA CYS A 37 -1.46 3.80 3.14
C CYS A 37 -2.22 3.76 1.85
N VAL A 38 -1.50 3.85 0.79
CA VAL A 38 -2.09 3.94 -0.51
C VAL A 38 -1.72 2.68 -1.23
N TYR A 39 -2.73 1.94 -1.56
CA TYR A 39 -2.57 0.64 -2.15
C TYR A 39 -2.51 0.75 -3.63
N TYR A 40 -1.52 0.13 -4.17
CA TYR A 40 -1.25 0.14 -5.55
C TYR A 40 -0.98 -1.26 -6.05
N ASP A 41 -1.40 -1.50 -7.25
CA ASP A 41 -1.02 -2.70 -7.96
C ASP A 41 0.25 -2.36 -8.69
N GLY A 42 1.35 -2.79 -8.17
CA GLY A 42 2.59 -2.48 -8.76
C GLY A 42 3.67 -3.34 -8.26
N HIS A 43 4.33 -3.90 -9.21
CA HIS A 43 5.47 -4.74 -9.01
C HIS A 43 6.64 -3.84 -8.62
N LEU A 44 6.61 -2.65 -9.20
CA LEU A 44 7.61 -1.65 -8.96
C LEU A 44 6.84 -0.43 -8.53
N PRO A 45 7.48 0.56 -7.90
CA PRO A 45 6.82 1.83 -7.55
C PRO A 45 6.59 2.68 -8.81
N ALA A 46 6.93 2.13 -9.96
CA ALA A 46 6.72 2.79 -11.22
C ALA A 46 5.42 2.33 -11.89
N THR A 47 5.19 1.03 -11.88
CA THR A 47 4.06 0.42 -12.58
C THR A 47 2.81 0.31 -11.69
N ARG A 48 2.84 1.06 -10.61
CA ARG A 48 1.82 1.06 -9.58
C ARG A 48 0.47 1.65 -10.08
N VAL A 49 -0.60 0.91 -9.87
CA VAL A 49 -1.95 1.34 -10.22
C VAL A 49 -2.68 1.70 -8.94
N LEU A 50 -3.29 2.87 -8.91
CA LEU A 50 -3.97 3.40 -7.73
C LEU A 50 -5.22 2.58 -7.43
N LEU A 51 -5.17 1.84 -6.34
CA LEU A 51 -6.31 1.08 -5.88
C LEU A 51 -7.15 1.90 -4.91
N MET A 52 -6.56 2.32 -3.79
CA MET A 52 -7.26 3.12 -2.78
C MET A 52 -6.34 3.64 -1.70
N TYR A 53 -6.84 4.61 -0.97
CA TYR A 53 -6.17 5.23 0.16
C TYR A 53 -6.85 4.76 1.43
N VAL A 54 -6.10 4.19 2.34
CA VAL A 54 -6.62 3.73 3.61
C VAL A 54 -5.95 4.52 4.70
N ARG A 55 -6.71 4.96 5.67
CA ARG A 55 -6.20 5.68 6.80
C ARG A 55 -5.41 4.71 7.67
N ILE A 56 -4.29 5.18 8.18
CA ILE A 56 -3.53 4.36 9.13
C ILE A 56 -4.41 4.10 10.33
N GLY A 57 -4.55 2.84 10.64
CA GLY A 57 -5.32 2.42 11.76
C GLY A 57 -6.71 2.04 11.33
N ASN A 58 -6.85 1.67 10.08
CA ASN A 58 -8.11 1.25 9.56
C ASN A 58 -7.94 0.07 8.63
N THR A 59 -9.01 -0.66 8.47
CA THR A 59 -9.06 -1.82 7.63
C THR A 59 -9.73 -1.49 6.31
N ALA A 60 -9.38 -2.22 5.29
CA ALA A 60 -9.99 -2.06 3.98
C ALA A 60 -9.95 -3.30 3.12
N THR A 61 -11.10 -3.67 2.61
CA THR A 61 -11.24 -4.70 1.62
C THR A 61 -10.70 -4.18 0.28
N ILE A 62 -9.58 -4.67 -0.16
CA ILE A 62 -8.99 -4.25 -1.41
C ILE A 62 -9.39 -5.23 -2.46
N THR A 63 -10.17 -4.83 -3.42
CA THR A 63 -10.46 -5.77 -4.47
C THR A 63 -9.54 -5.44 -5.64
N ALA A 64 -8.80 -6.42 -6.07
CA ALA A 64 -7.92 -6.27 -7.20
C ALA A 64 -7.93 -7.57 -7.96
N ARG A 65 -8.30 -7.49 -9.23
CA ARG A 65 -8.38 -8.63 -10.13
C ARG A 65 -9.46 -9.62 -9.74
N GLY A 66 -10.39 -9.13 -8.96
CA GLY A 66 -11.48 -9.93 -8.46
C GLY A 66 -11.08 -10.70 -7.23
N HIS A 67 -10.02 -10.25 -6.59
CA HIS A 67 -9.57 -10.84 -5.35
C HIS A 67 -9.64 -9.78 -4.30
N GLU A 68 -10.30 -10.05 -3.20
CA GLU A 68 -10.39 -9.10 -2.13
C GLU A 68 -9.37 -9.43 -1.07
N PHE A 69 -8.61 -8.44 -0.68
CA PHE A 69 -7.63 -8.60 0.33
C PHE A 69 -8.08 -7.71 1.46
N GLU A 70 -8.48 -8.28 2.57
CA GLU A 70 -8.89 -7.47 3.69
C GLU A 70 -7.60 -7.03 4.38
N VAL A 71 -7.28 -5.78 4.28
CA VAL A 71 -6.04 -5.26 4.84
C VAL A 71 -6.33 -4.46 6.07
N GLU A 72 -5.28 -4.17 6.78
CA GLU A 72 -5.31 -3.21 7.85
C GLU A 72 -4.08 -2.38 7.67
N ALA A 73 -4.28 -1.09 7.53
CA ALA A 73 -3.15 -0.19 7.42
C ALA A 73 -2.59 -0.01 8.83
N LYS A 74 -1.65 -0.89 9.15
CA LYS A 74 -1.05 -1.01 10.46
C LYS A 74 -0.26 0.22 10.84
N ASP A 75 0.72 0.54 10.03
CA ASP A 75 1.65 1.59 10.34
C ASP A 75 2.00 2.36 9.10
N GLN A 76 2.49 3.58 9.26
CA GLN A 76 2.83 4.48 8.18
C GLN A 76 4.05 4.10 7.35
N ASN A 77 4.65 2.96 7.66
CA ASN A 77 5.67 2.38 6.79
C ASN A 77 4.91 1.82 5.58
N CYS A 78 3.70 1.35 5.88
CA CYS A 78 2.75 0.86 4.90
C CYS A 78 3.07 -0.44 4.23
N LYS A 79 3.31 -1.48 5.01
CA LYS A 79 3.32 -2.79 4.45
C LYS A 79 1.90 -3.21 4.19
N VAL A 80 1.75 -4.10 3.28
CA VAL A 80 0.44 -4.61 3.02
C VAL A 80 0.27 -5.86 3.88
N ILE A 81 -0.39 -5.67 4.98
CA ILE A 81 -0.60 -6.74 5.91
C ILE A 81 -2.06 -6.97 5.99
N LEU A 82 -2.43 -8.18 5.71
CA LEU A 82 -3.79 -8.50 5.64
C LEU A 82 -4.30 -8.82 6.98
N THR A 83 -5.44 -8.30 7.21
CA THR A 83 -6.04 -8.42 8.51
C THR A 83 -6.77 -9.76 8.61
N ASN A 84 -6.81 -10.47 7.50
CA ASN A 84 -7.43 -11.78 7.46
C ASN A 84 -6.40 -12.85 7.83
N GLY A 85 -5.14 -12.45 7.80
CA GLY A 85 -4.06 -13.29 8.27
C GLY A 85 -3.16 -13.72 7.15
N LYS A 86 -3.43 -13.22 5.98
CA LYS A 86 -2.68 -13.55 4.80
C LYS A 86 -1.51 -12.63 4.57
N GLN A 87 -0.68 -13.09 3.66
CA GLN A 87 0.40 -12.33 3.05
C GLN A 87 -0.08 -12.01 1.64
N ALA A 88 0.10 -10.79 1.20
CA ALA A 88 -0.36 -10.38 -0.10
C ALA A 88 0.70 -10.65 -1.15
N PRO A 89 0.27 -10.80 -2.42
CA PRO A 89 1.18 -10.95 -3.57
C PRO A 89 2.19 -9.81 -3.65
N ASP A 90 3.27 -10.06 -4.36
CA ASP A 90 4.38 -9.15 -4.54
C ASP A 90 3.95 -7.89 -5.28
N TRP A 91 2.94 -8.06 -6.13
CA TRP A 91 2.41 -6.96 -6.91
C TRP A 91 1.51 -6.04 -6.10
N LEU A 92 1.11 -6.45 -4.92
CA LEU A 92 0.24 -5.61 -4.14
C LEU A 92 1.11 -4.76 -3.24
N ALA A 93 1.12 -3.48 -3.48
CA ALA A 93 1.97 -2.57 -2.73
C ALA A 93 1.16 -1.54 -2.01
N ALA A 94 1.77 -0.96 -1.02
CA ALA A 94 1.20 0.14 -0.28
C ALA A 94 2.33 1.09 0.06
N GLU A 95 2.08 2.37 -0.07
CA GLU A 95 3.03 3.38 0.28
C GLU A 95 2.25 4.49 0.94
N PRO A 96 2.80 5.19 1.93
CA PRO A 96 2.12 6.32 2.52
C PRO A 96 2.03 7.48 1.50
N TYR A 97 0.83 8.04 1.42
CA TYR A 97 0.44 9.03 0.42
C TYR A 97 1.35 10.26 0.32
N SER A 19 0.48 2.89 -22.19
CA SER A 19 1.76 2.46 -22.74
C SER A 19 2.57 1.88 -21.59
N GLY A 20 3.06 0.67 -21.78
CA GLY A 20 3.91 0.05 -20.80
C GLY A 20 5.34 0.17 -21.26
N ARG A 21 6.10 1.02 -20.62
CA ARG A 21 7.47 1.22 -21.03
C ARG A 21 8.43 0.32 -20.28
N GLU A 22 9.27 -0.34 -21.04
CA GLU A 22 10.31 -1.16 -20.52
C GLU A 22 11.58 -0.38 -20.69
N ASN A 23 11.93 0.27 -19.64
CA ASN A 23 13.07 1.16 -19.61
C ASN A 23 13.57 1.11 -18.18
N LEU A 24 14.67 1.78 -17.87
CA LEU A 24 15.14 1.81 -16.52
C LEU A 24 14.18 2.71 -15.74
N TYR A 25 13.93 2.37 -14.52
CA TYR A 25 12.97 3.09 -13.74
C TYR A 25 13.64 4.14 -12.89
N PHE A 26 13.40 5.37 -13.26
CA PHE A 26 13.98 6.50 -12.59
C PHE A 26 12.86 7.33 -11.99
N GLN A 27 12.66 7.18 -10.71
CA GLN A 27 11.63 7.89 -10.01
C GLN A 27 12.07 8.18 -8.59
N GLY A 28 11.69 9.30 -8.07
CA GLY A 28 12.07 9.68 -6.74
C GLY A 28 10.85 9.83 -5.88
N HIS A 29 10.76 9.07 -4.84
CA HIS A 29 9.61 9.11 -3.98
C HIS A 29 10.00 9.27 -2.53
N MET A 30 9.41 10.24 -1.90
CA MET A 30 9.57 10.47 -0.50
C MET A 30 8.25 10.10 0.13
N ALA A 31 8.14 8.84 0.48
CA ALA A 31 6.94 8.35 1.10
C ALA A 31 7.12 8.46 2.58
N ALA A 32 6.63 9.56 3.11
CA ALA A 32 6.75 9.84 4.52
C ALA A 32 5.46 9.47 5.20
N PRO A 33 5.52 9.03 6.47
CA PRO A 33 4.32 8.72 7.28
C PRO A 33 3.28 9.82 7.18
N ALA A 34 2.19 9.54 6.50
CA ALA A 34 1.18 10.56 6.27
C ALA A 34 -0.18 10.16 6.79
N ARG A 35 -0.15 9.15 7.60
CA ARG A 35 -1.30 8.62 8.32
C ARG A 35 -2.31 7.92 7.39
N SER A 36 -1.82 7.43 6.25
CA SER A 36 -2.60 6.66 5.29
C SER A 36 -1.67 5.85 4.39
N CYS A 37 -2.04 4.62 4.10
CA CYS A 37 -1.30 3.72 3.25
C CYS A 37 -2.07 3.58 1.96
N VAL A 38 -1.39 3.69 0.87
CA VAL A 38 -2.03 3.64 -0.41
C VAL A 38 -1.54 2.40 -1.10
N TYR A 39 -2.49 1.60 -1.54
CA TYR A 39 -2.19 0.34 -2.14
C TYR A 39 -2.21 0.48 -3.64
N TYR A 40 -1.15 0.02 -4.25
CA TYR A 40 -0.96 0.11 -5.66
C TYR A 40 -0.71 -1.25 -6.23
N ASP A 41 -1.17 -1.45 -7.43
CA ASP A 41 -0.86 -2.62 -8.20
C ASP A 41 0.38 -2.30 -8.98
N GLY A 42 1.48 -2.87 -8.62
CA GLY A 42 2.66 -2.57 -9.34
C GLY A 42 3.80 -3.45 -8.99
N HIS A 43 4.47 -3.85 -10.02
CA HIS A 43 5.64 -4.68 -9.90
C HIS A 43 6.84 -3.78 -9.66
N LEU A 44 6.79 -2.62 -10.27
CA LEU A 44 7.81 -1.62 -10.14
C LEU A 44 7.15 -0.42 -9.49
N PRO A 45 7.92 0.43 -8.80
CA PRO A 45 7.37 1.66 -8.21
C PRO A 45 6.81 2.58 -9.31
N ALA A 46 7.26 2.35 -10.53
CA ALA A 46 6.81 3.12 -11.68
C ALA A 46 5.55 2.52 -12.32
N THR A 47 5.35 1.21 -12.21
CA THR A 47 4.22 0.55 -12.88
C THR A 47 3.00 0.43 -11.97
N ARG A 48 3.01 1.28 -10.96
CA ARG A 48 1.98 1.38 -9.95
C ARG A 48 0.63 1.80 -10.53
N VAL A 49 -0.42 1.12 -10.11
CA VAL A 49 -1.77 1.50 -10.43
C VAL A 49 -2.49 1.73 -9.11
N LEU A 50 -3.01 2.94 -8.94
CA LEU A 50 -3.70 3.39 -7.73
C LEU A 50 -4.96 2.53 -7.47
N LEU A 51 -4.91 1.71 -6.43
CA LEU A 51 -6.05 0.89 -6.06
C LEU A 51 -6.96 1.55 -5.04
N MET A 52 -6.41 1.86 -3.86
CA MET A 52 -7.18 2.40 -2.77
C MET A 52 -6.26 3.04 -1.72
N TYR A 53 -6.79 4.05 -1.05
CA TYR A 53 -6.14 4.72 0.07
C TYR A 53 -6.77 4.18 1.35
N VAL A 54 -5.98 3.80 2.31
CA VAL A 54 -6.47 3.31 3.60
C VAL A 54 -5.81 4.15 4.67
N ARG A 55 -6.58 4.64 5.60
CA ARG A 55 -6.07 5.51 6.64
C ARG A 55 -5.45 4.62 7.73
N ILE A 56 -4.35 5.07 8.34
CA ILE A 56 -3.67 4.31 9.41
C ILE A 56 -4.64 4.07 10.58
N GLY A 57 -4.80 2.82 10.91
CA GLY A 57 -5.67 2.38 11.99
C GLY A 57 -6.91 1.74 11.43
N ASN A 58 -7.14 2.03 10.16
CA ASN A 58 -8.34 1.62 9.46
C ASN A 58 -8.09 0.39 8.62
N THR A 59 -9.15 -0.28 8.34
CA THR A 59 -9.15 -1.46 7.54
C THR A 59 -9.93 -1.25 6.26
N ALA A 60 -9.49 -1.91 5.22
CA ALA A 60 -10.15 -1.76 3.93
C ALA A 60 -10.00 -2.99 3.04
N THR A 61 -11.12 -3.39 2.49
CA THR A 61 -11.24 -4.47 1.55
C THR A 61 -10.76 -4.02 0.16
N ILE A 62 -9.64 -4.53 -0.28
CA ILE A 62 -9.10 -4.17 -1.58
C ILE A 62 -9.53 -5.22 -2.57
N THR A 63 -10.40 -4.88 -3.47
CA THR A 63 -10.76 -5.83 -4.48
C THR A 63 -9.93 -5.58 -5.74
N ALA A 64 -9.22 -6.61 -6.15
CA ALA A 64 -8.40 -6.61 -7.34
C ALA A 64 -8.38 -8.03 -7.86
N ARG A 65 -8.69 -8.20 -9.15
CA ARG A 65 -8.77 -9.53 -9.81
C ARG A 65 -9.89 -10.38 -9.25
N GLY A 66 -10.78 -9.74 -8.57
CA GLY A 66 -11.88 -10.43 -7.92
C GLY A 66 -11.46 -10.95 -6.56
N HIS A 67 -10.29 -10.54 -6.11
CA HIS A 67 -9.79 -10.94 -4.81
C HIS A 67 -9.91 -9.76 -3.88
N GLU A 68 -10.54 -9.98 -2.75
CA GLU A 68 -10.59 -9.00 -1.70
C GLU A 68 -9.42 -9.22 -0.76
N PHE A 69 -8.61 -8.22 -0.59
CA PHE A 69 -7.55 -8.28 0.37
C PHE A 69 -8.01 -7.40 1.49
N GLU A 70 -8.37 -7.96 2.61
CA GLU A 70 -8.81 -7.12 3.69
C GLU A 70 -7.54 -6.67 4.39
N VAL A 71 -7.22 -5.43 4.24
CA VAL A 71 -5.97 -4.93 4.76
C VAL A 71 -6.24 -4.08 5.97
N GLU A 72 -5.21 -3.87 6.72
CA GLU A 72 -5.24 -2.93 7.78
C GLU A 72 -4.02 -2.06 7.59
N ALA A 73 -4.24 -0.79 7.34
CA ALA A 73 -3.11 0.11 7.28
C ALA A 73 -2.74 0.37 8.72
N LYS A 74 -1.89 -0.46 9.24
CA LYS A 74 -1.58 -0.46 10.63
C LYS A 74 -0.34 0.32 11.02
N ASP A 75 0.57 0.48 10.09
CA ASP A 75 1.82 1.14 10.40
C ASP A 75 2.17 2.04 9.24
N GLN A 76 2.75 3.19 9.55
CA GLN A 76 3.10 4.23 8.57
C GLN A 76 4.14 3.80 7.56
N ASN A 77 4.75 2.64 7.76
CA ASN A 77 5.75 2.19 6.81
C ASN A 77 5.06 1.50 5.66
N CYS A 78 3.77 1.31 5.85
CA CYS A 78 2.86 0.82 4.86
C CYS A 78 3.20 -0.47 4.18
N LYS A 79 3.39 -1.49 4.98
CA LYS A 79 3.45 -2.80 4.41
C LYS A 79 2.07 -3.23 4.12
N VAL A 80 1.95 -4.10 3.20
CA VAL A 80 0.64 -4.62 2.94
C VAL A 80 0.41 -5.78 3.86
N ILE A 81 -0.28 -5.50 4.92
CA ILE A 81 -0.53 -6.47 5.94
C ILE A 81 -2.00 -6.63 6.00
N LEU A 82 -2.42 -7.83 5.82
CA LEU A 82 -3.78 -8.11 5.79
C LEU A 82 -4.25 -8.27 7.18
N THR A 83 -5.44 -7.87 7.37
CA THR A 83 -5.99 -7.88 8.71
C THR A 83 -6.54 -9.28 9.06
N ASN A 84 -6.62 -10.13 8.06
CA ASN A 84 -7.24 -11.43 8.23
C ASN A 84 -6.24 -12.58 8.35
N GLY A 85 -5.00 -12.33 7.99
CA GLY A 85 -3.99 -13.37 8.17
C GLY A 85 -3.40 -13.84 6.87
N LYS A 86 -3.82 -13.21 5.80
CA LYS A 86 -3.30 -13.48 4.47
C LYS A 86 -1.93 -12.87 4.30
N GLN A 87 -1.29 -13.28 3.25
CA GLN A 87 -0.08 -12.68 2.77
C GLN A 87 -0.43 -12.15 1.40
N ALA A 88 -0.20 -10.89 1.15
CA ALA A 88 -0.52 -10.33 -0.14
C ALA A 88 0.64 -10.53 -1.09
N PRO A 89 0.36 -10.65 -2.40
CA PRO A 89 1.38 -10.85 -3.42
C PRO A 89 2.30 -9.64 -3.58
N ASP A 90 3.45 -9.90 -4.15
CA ASP A 90 4.51 -8.93 -4.41
C ASP A 90 4.07 -7.77 -5.30
N TRP A 91 3.04 -8.00 -6.11
CA TRP A 91 2.54 -6.94 -6.98
C TRP A 91 1.70 -5.92 -6.21
N LEU A 92 1.29 -6.27 -5.01
CA LEU A 92 0.48 -5.39 -4.21
C LEU A 92 1.40 -4.52 -3.37
N ALA A 93 1.52 -3.28 -3.75
CA ALA A 93 2.40 -2.33 -3.07
C ALA A 93 1.61 -1.40 -2.20
N ALA A 94 2.33 -0.71 -1.34
CA ALA A 94 1.76 0.29 -0.46
C ALA A 94 2.82 1.32 -0.10
N GLU A 95 2.42 2.59 -0.11
CA GLU A 95 3.25 3.71 0.29
C GLU A 95 2.35 4.63 1.11
N PRO A 96 2.82 5.28 2.20
CA PRO A 96 2.01 6.28 2.88
C PRO A 96 1.86 7.51 1.98
N TYR A 97 0.60 7.79 1.65
CA TYR A 97 0.18 8.79 0.68
C TYR A 97 0.91 10.12 0.70
N SER A 19 -13.85 31.67 3.61
CA SER A 19 -12.89 32.23 2.68
C SER A 19 -11.53 31.61 2.94
N GLY A 20 -11.33 30.44 2.41
CA GLY A 20 -10.10 29.74 2.60
C GLY A 20 -9.43 29.56 1.28
N ARG A 21 -8.22 30.02 1.17
CA ARG A 21 -7.45 29.90 -0.04
C ARG A 21 -6.07 29.37 0.31
N GLU A 22 -5.94 28.07 0.26
CA GLU A 22 -4.68 27.45 0.54
C GLU A 22 -3.93 27.21 -0.75
N ASN A 23 -3.03 28.12 -1.03
CA ASN A 23 -2.22 28.00 -2.21
C ASN A 23 -1.05 27.11 -1.88
N LEU A 24 -1.14 25.88 -2.32
CA LEU A 24 -0.10 24.93 -2.07
C LEU A 24 0.98 25.10 -3.10
N TYR A 25 1.97 24.28 -3.00
CA TYR A 25 3.08 24.35 -3.89
C TYR A 25 3.48 22.99 -4.35
N PHE A 26 4.24 22.98 -5.42
CA PHE A 26 4.72 21.76 -6.03
C PHE A 26 5.83 21.21 -5.17
N GLN A 27 5.50 20.17 -4.45
CA GLN A 27 6.36 19.58 -3.46
C GLN A 27 7.18 18.46 -4.09
N GLY A 28 8.43 18.42 -3.70
CA GLY A 28 9.33 17.40 -4.17
C GLY A 28 9.93 16.68 -3.00
N HIS A 29 9.27 15.62 -2.56
CA HIS A 29 9.70 14.86 -1.40
C HIS A 29 9.41 13.40 -1.67
N MET A 30 9.90 12.51 -0.81
CA MET A 30 9.61 11.10 -0.94
C MET A 30 8.43 10.75 -0.07
N ALA A 31 8.03 9.50 -0.16
CA ALA A 31 6.90 8.98 0.60
C ALA A 31 7.21 8.99 2.09
N ALA A 32 6.55 9.89 2.78
CA ALA A 32 6.71 10.03 4.21
C ALA A 32 5.45 9.56 4.87
N PRO A 33 5.56 8.98 6.08
CA PRO A 33 4.39 8.60 6.89
C PRO A 33 3.41 9.78 6.98
N ALA A 34 2.25 9.61 6.35
CA ALA A 34 1.29 10.68 6.22
C ALA A 34 -0.10 10.28 6.71
N ARG A 35 -0.13 9.34 7.62
CA ARG A 35 -1.35 8.83 8.24
C ARG A 35 -2.33 8.10 7.29
N SER A 36 -1.85 7.63 6.16
CA SER A 36 -2.67 6.84 5.25
C SER A 36 -1.77 5.91 4.42
N CYS A 37 -2.23 4.68 4.17
CA CYS A 37 -1.52 3.73 3.36
C CYS A 37 -2.28 3.61 2.07
N VAL A 38 -1.58 3.70 1.00
CA VAL A 38 -2.19 3.69 -0.30
C VAL A 38 -1.75 2.46 -0.99
N TYR A 39 -2.69 1.69 -1.41
CA TYR A 39 -2.43 0.43 -2.02
C TYR A 39 -2.33 0.59 -3.50
N TYR A 40 -1.34 -0.03 -4.05
CA TYR A 40 -1.09 0.01 -5.44
C TYR A 40 -0.92 -1.39 -5.97
N ASP A 41 -1.26 -1.55 -7.20
CA ASP A 41 -1.06 -2.79 -7.93
C ASP A 41 0.16 -2.62 -8.81
N GLY A 42 1.25 -3.18 -8.38
CA GLY A 42 2.45 -3.10 -9.16
C GLY A 42 3.56 -3.97 -8.64
N HIS A 43 4.16 -4.67 -9.56
CA HIS A 43 5.31 -5.51 -9.27
C HIS A 43 6.53 -4.61 -9.30
N LEU A 44 6.37 -3.48 -9.96
CA LEU A 44 7.39 -2.45 -10.03
C LEU A 44 6.73 -1.18 -9.53
N PRO A 45 7.48 -0.33 -8.84
CA PRO A 45 7.00 0.98 -8.38
C PRO A 45 6.73 1.93 -9.55
N ALA A 46 7.14 1.50 -10.72
CA ALA A 46 6.94 2.23 -11.95
C ALA A 46 5.54 1.96 -12.48
N THR A 47 5.22 0.69 -12.58
CA THR A 47 3.99 0.24 -13.19
C THR A 47 2.84 0.09 -12.19
N ARG A 48 3.03 0.66 -11.01
CA ARG A 48 2.05 0.53 -9.95
C ARG A 48 0.78 1.36 -10.23
N VAL A 49 -0.36 0.79 -9.91
CA VAL A 49 -1.66 1.36 -10.20
C VAL A 49 -2.30 1.77 -8.88
N LEU A 50 -2.86 2.95 -8.84
CA LEU A 50 -3.48 3.49 -7.63
C LEU A 50 -4.78 2.72 -7.35
N LEU A 51 -4.80 1.94 -6.28
CA LEU A 51 -5.99 1.18 -5.93
C LEU A 51 -6.90 1.96 -5.00
N MET A 52 -6.39 2.29 -3.81
CA MET A 52 -7.20 2.97 -2.82
C MET A 52 -6.35 3.51 -1.66
N TYR A 53 -6.81 4.60 -1.07
CA TYR A 53 -6.20 5.22 0.10
C TYR A 53 -6.88 4.68 1.36
N VAL A 54 -6.11 4.15 2.28
CA VAL A 54 -6.62 3.61 3.53
C VAL A 54 -6.01 4.36 4.70
N ARG A 55 -6.84 4.88 5.57
CA ARG A 55 -6.36 5.54 6.76
C ARG A 55 -5.63 4.61 7.69
N ILE A 56 -4.63 5.15 8.33
CA ILE A 56 -3.90 4.37 9.35
C ILE A 56 -4.83 4.13 10.53
N GLY A 57 -4.85 2.92 10.99
CA GLY A 57 -5.65 2.52 12.11
C GLY A 57 -6.96 1.96 11.63
N ASN A 58 -7.08 1.90 10.33
CA ASN A 58 -8.27 1.46 9.67
C ASN A 58 -7.98 0.25 8.82
N THR A 59 -9.02 -0.43 8.50
CA THR A 59 -8.99 -1.60 7.66
C THR A 59 -9.73 -1.28 6.40
N ALA A 60 -9.46 -2.00 5.34
CA ALA A 60 -10.14 -1.75 4.07
C ALA A 60 -10.09 -2.91 3.10
N THR A 61 -11.22 -3.14 2.49
CA THR A 61 -11.42 -4.11 1.45
C THR A 61 -10.87 -3.59 0.11
N ILE A 62 -9.77 -4.15 -0.33
CA ILE A 62 -9.17 -3.75 -1.60
C ILE A 62 -9.55 -4.78 -2.65
N THR A 63 -10.34 -4.42 -3.61
CA THR A 63 -10.62 -5.39 -4.64
C THR A 63 -9.61 -5.18 -5.79
N ALA A 64 -8.89 -6.22 -6.12
CA ALA A 64 -7.93 -6.19 -7.19
C ALA A 64 -7.93 -7.55 -7.85
N ARG A 65 -8.17 -7.58 -9.17
CA ARG A 65 -8.25 -8.81 -9.97
C ARG A 65 -9.42 -9.67 -9.47
N GLY A 66 -10.40 -9.00 -8.91
CA GLY A 66 -11.58 -9.65 -8.39
C GLY A 66 -11.38 -10.22 -6.99
N HIS A 67 -10.22 -10.00 -6.41
CA HIS A 67 -9.94 -10.50 -5.08
C HIS A 67 -10.00 -9.35 -4.10
N GLU A 68 -10.77 -9.51 -3.05
CA GLU A 68 -10.80 -8.55 -1.97
C GLU A 68 -9.69 -8.86 -1.00
N PHE A 69 -8.85 -7.90 -0.76
CA PHE A 69 -7.81 -8.02 0.20
C PHE A 69 -8.21 -7.10 1.31
N GLU A 70 -8.67 -7.64 2.41
CA GLU A 70 -9.04 -6.81 3.51
C GLU A 70 -7.73 -6.58 4.23
N VAL A 71 -7.26 -5.38 4.17
CA VAL A 71 -5.98 -5.04 4.76
C VAL A 71 -6.19 -4.36 6.09
N GLU A 72 -5.12 -4.30 6.80
CA GLU A 72 -5.07 -3.69 8.08
C GLU A 72 -3.94 -2.69 7.98
N ALA A 73 -4.30 -1.44 7.78
CA ALA A 73 -3.28 -0.42 7.67
C ALA A 73 -2.95 -0.01 9.08
N LYS A 74 -2.02 -0.72 9.66
CA LYS A 74 -1.65 -0.50 11.03
C LYS A 74 -0.45 0.41 11.25
N ASP A 75 0.45 0.51 10.29
CA ASP A 75 1.62 1.31 10.52
C ASP A 75 1.87 2.18 9.30
N GLN A 76 2.21 3.43 9.52
CA GLN A 76 2.41 4.35 8.42
C GLN A 76 3.69 4.19 7.62
N ASN A 77 4.38 3.07 7.78
CA ASN A 77 5.46 2.76 6.84
C ASN A 77 4.87 2.01 5.67
N CYS A 78 3.63 1.61 5.90
CA CYS A 78 2.75 1.05 4.91
C CYS A 78 3.17 -0.22 4.20
N LYS A 79 3.47 -1.24 4.96
CA LYS A 79 3.56 -2.54 4.39
C LYS A 79 2.18 -3.07 4.23
N VAL A 80 2.02 -3.96 3.31
CA VAL A 80 0.72 -4.53 3.12
C VAL A 80 0.50 -5.68 4.07
N ILE A 81 -0.36 -5.44 5.03
CA ILE A 81 -0.69 -6.39 6.05
C ILE A 81 -2.17 -6.66 5.92
N LEU A 82 -2.52 -7.91 5.85
CA LEU A 82 -3.89 -8.28 5.67
C LEU A 82 -4.52 -8.58 6.98
N THR A 83 -5.80 -8.43 7.00
CA THR A 83 -6.59 -8.75 8.20
C THR A 83 -6.55 -10.24 8.49
N ASN A 84 -6.36 -11.01 7.44
CA ASN A 84 -6.32 -12.46 7.56
C ASN A 84 -4.89 -12.90 7.78
N GLY A 85 -3.99 -11.91 7.74
CA GLY A 85 -2.57 -12.14 7.97
C GLY A 85 -1.94 -12.85 6.81
N LYS A 86 -2.50 -12.60 5.66
CA LYS A 86 -2.14 -13.26 4.45
C LYS A 86 -0.85 -12.76 3.87
N GLN A 87 -0.25 -13.64 3.13
CA GLN A 87 0.92 -13.35 2.35
C GLN A 87 0.41 -12.63 1.12
N ALA A 88 0.58 -11.33 1.07
CA ALA A 88 0.08 -10.59 -0.05
C ALA A 88 1.01 -10.73 -1.22
N PRO A 89 0.45 -10.84 -2.43
CA PRO A 89 1.21 -10.90 -3.67
C PRO A 89 2.26 -9.81 -3.78
N ASP A 90 3.31 -10.10 -4.52
CA ASP A 90 4.44 -9.17 -4.71
C ASP A 90 4.03 -7.92 -5.49
N TRP A 91 2.87 -7.95 -6.10
CA TRP A 91 2.34 -6.80 -6.79
C TRP A 91 1.50 -5.93 -5.88
N LEU A 92 1.23 -6.39 -4.69
CA LEU A 92 0.40 -5.63 -3.81
C LEU A 92 1.30 -4.69 -3.02
N ALA A 93 1.26 -3.42 -3.39
CA ALA A 93 2.11 -2.43 -2.77
C ALA A 93 1.29 -1.49 -1.92
N ALA A 94 1.99 -0.81 -1.06
CA ALA A 94 1.44 0.19 -0.21
C ALA A 94 2.53 1.19 0.12
N GLU A 95 2.17 2.46 0.15
CA GLU A 95 3.06 3.53 0.54
C GLU A 95 2.21 4.53 1.31
N PRO A 96 2.75 5.27 2.27
CA PRO A 96 2.00 6.34 2.89
C PRO A 96 1.88 7.51 1.90
N TYR A 97 0.64 7.86 1.64
CA TYR A 97 0.22 8.81 0.60
C TYR A 97 1.03 10.10 0.53
N SER A 19 2.33 -13.72 -16.59
CA SER A 19 3.18 -13.65 -15.39
C SER A 19 4.21 -12.54 -15.58
N GLY A 20 3.87 -11.37 -15.11
CA GLY A 20 4.78 -10.26 -15.24
C GLY A 20 5.38 -9.96 -13.90
N ARG A 21 6.48 -10.60 -13.61
CA ARG A 21 7.13 -10.43 -12.36
C ARG A 21 8.63 -10.46 -12.55
N GLU A 22 9.21 -9.28 -12.52
CA GLU A 22 10.64 -9.11 -12.60
C GLU A 22 11.07 -8.49 -11.29
N ASN A 23 12.01 -9.08 -10.61
CA ASN A 23 12.46 -8.57 -9.33
C ASN A 23 13.51 -7.50 -9.54
N LEU A 24 13.07 -6.27 -9.41
CA LEU A 24 13.89 -5.10 -9.58
C LEU A 24 13.71 -4.20 -8.39
N TYR A 25 14.40 -3.09 -8.41
CA TYR A 25 14.36 -2.18 -7.29
C TYR A 25 13.01 -1.53 -7.09
N PHE A 26 12.43 -1.72 -5.93
CA PHE A 26 11.28 -0.96 -5.55
C PHE A 26 11.81 0.37 -5.07
N GLN A 27 11.94 1.27 -6.01
CA GLN A 27 12.47 2.58 -5.77
C GLN A 27 11.46 3.40 -5.02
N GLY A 28 11.59 3.35 -3.74
CA GLY A 28 10.74 4.08 -2.86
C GLY A 28 11.12 5.53 -2.87
N HIS A 29 10.36 6.31 -3.59
CA HIS A 29 10.55 7.74 -3.56
C HIS A 29 10.04 8.15 -2.20
N MET A 30 10.82 8.94 -1.50
CA MET A 30 10.47 9.33 -0.14
C MET A 30 9.14 9.98 -0.02
N ALA A 31 8.38 9.40 0.86
CA ALA A 31 7.05 9.81 1.19
C ALA A 31 7.00 9.83 2.69
N ALA A 32 6.31 10.77 3.25
CA ALA A 32 6.28 10.93 4.68
C ALA A 32 5.13 10.13 5.26
N PRO A 33 5.28 9.61 6.50
CA PRO A 33 4.19 8.97 7.23
C PRO A 33 3.05 9.99 7.40
N ALA A 34 2.11 9.90 6.50
CA ALA A 34 1.05 10.88 6.38
C ALA A 34 -0.29 10.37 6.87
N ARG A 35 -0.24 9.35 7.67
CA ARG A 35 -1.42 8.71 8.26
C ARG A 35 -2.35 8.04 7.24
N SER A 36 -1.83 7.67 6.09
CA SER A 36 -2.59 6.93 5.11
C SER A 36 -1.67 6.01 4.31
N CYS A 37 -2.18 4.84 3.97
CA CYS A 37 -1.50 3.88 3.14
C CYS A 37 -2.19 3.88 1.81
N VAL A 38 -1.42 3.97 0.78
CA VAL A 38 -1.90 4.12 -0.56
C VAL A 38 -1.50 2.87 -1.30
N TYR A 39 -2.48 2.10 -1.69
CA TYR A 39 -2.23 0.81 -2.29
C TYR A 39 -2.06 0.89 -3.78
N TYR A 40 -1.00 0.29 -4.24
CA TYR A 40 -0.64 0.28 -5.61
C TYR A 40 -0.40 -1.14 -6.08
N ASP A 41 -0.88 -1.41 -7.26
CA ASP A 41 -0.65 -2.67 -7.96
C ASP A 41 0.57 -2.45 -8.82
N GLY A 42 1.70 -2.96 -8.41
CA GLY A 42 2.87 -2.81 -9.23
C GLY A 42 4.03 -3.57 -8.71
N HIS A 43 4.72 -4.19 -9.61
CA HIS A 43 5.92 -4.91 -9.23
C HIS A 43 7.11 -3.97 -9.46
N LEU A 44 6.80 -2.82 -10.06
CA LEU A 44 7.75 -1.78 -10.33
C LEU A 44 7.20 -0.50 -9.72
N PRO A 45 8.08 0.41 -9.30
CA PRO A 45 7.67 1.71 -8.74
C PRO A 45 7.14 2.67 -9.83
N ALA A 46 7.26 2.25 -11.08
CA ALA A 46 6.82 3.06 -12.21
C ALA A 46 5.44 2.66 -12.70
N THR A 47 5.23 1.38 -12.95
CA THR A 47 4.01 0.89 -13.58
C THR A 47 2.94 0.53 -12.56
N ARG A 48 3.10 1.06 -11.37
CA ARG A 48 2.19 0.82 -10.28
C ARG A 48 0.86 1.53 -10.54
N VAL A 49 -0.22 0.97 -10.04
CA VAL A 49 -1.56 1.46 -10.29
C VAL A 49 -2.19 1.80 -8.96
N LEU A 50 -2.76 2.99 -8.84
CA LEU A 50 -3.44 3.42 -7.64
C LEU A 50 -4.72 2.61 -7.48
N LEU A 51 -4.78 1.79 -6.45
CA LEU A 51 -5.95 0.99 -6.20
C LEU A 51 -6.93 1.72 -5.29
N MET A 52 -6.49 2.04 -4.08
CA MET A 52 -7.33 2.69 -3.11
C MET A 52 -6.47 3.26 -1.99
N TYR A 53 -7.00 4.27 -1.33
CA TYR A 53 -6.38 4.89 -0.17
C TYR A 53 -6.96 4.29 1.10
N VAL A 54 -6.11 4.03 2.07
CA VAL A 54 -6.49 3.50 3.36
C VAL A 54 -5.91 4.43 4.42
N ARG A 55 -6.60 4.61 5.50
CA ARG A 55 -6.14 5.48 6.57
C ARG A 55 -5.40 4.60 7.57
N ILE A 56 -4.25 5.04 8.05
CA ILE A 56 -3.48 4.25 9.03
C ILE A 56 -4.31 4.03 10.28
N GLY A 57 -4.55 2.79 10.57
CA GLY A 57 -5.27 2.38 11.76
C GLY A 57 -6.57 1.76 11.38
N ASN A 58 -6.97 2.01 10.17
CA ASN A 58 -8.23 1.55 9.68
C ASN A 58 -8.03 0.35 8.79
N THR A 59 -9.11 -0.34 8.58
CA THR A 59 -9.12 -1.50 7.75
C THR A 59 -9.70 -1.16 6.40
N ALA A 60 -9.33 -1.90 5.42
CA ALA A 60 -9.86 -1.70 4.09
C ALA A 60 -9.94 -3.00 3.32
N THR A 61 -10.93 -3.10 2.49
CA THR A 61 -11.13 -4.26 1.66
C THR A 61 -10.80 -3.85 0.23
N ILE A 62 -9.71 -4.35 -0.30
CA ILE A 62 -9.34 -4.01 -1.66
C ILE A 62 -9.84 -5.10 -2.56
N THR A 63 -10.83 -4.86 -3.35
CA THR A 63 -11.22 -5.85 -4.28
C THR A 63 -10.46 -5.57 -5.58
N ALA A 64 -9.74 -6.55 -6.05
CA ALA A 64 -9.01 -6.45 -7.29
C ALA A 64 -8.97 -7.84 -7.90
N ARG A 65 -9.47 -7.95 -9.11
CA ARG A 65 -9.51 -9.20 -9.89
C ARG A 65 -10.44 -10.21 -9.24
N GLY A 66 -11.35 -9.70 -8.45
CA GLY A 66 -12.28 -10.53 -7.72
C GLY A 66 -11.70 -11.05 -6.43
N HIS A 67 -10.53 -10.55 -6.05
CA HIS A 67 -9.91 -10.95 -4.81
C HIS A 67 -10.00 -9.77 -3.86
N GLU A 68 -10.44 -10.00 -2.66
CA GLU A 68 -10.49 -8.95 -1.67
C GLU A 68 -9.28 -9.06 -0.78
N PHE A 69 -8.45 -8.06 -0.81
CA PHE A 69 -7.33 -8.01 0.04
C PHE A 69 -7.78 -7.14 1.17
N GLU A 70 -8.20 -7.76 2.24
CA GLU A 70 -8.69 -6.99 3.33
C GLU A 70 -7.51 -6.76 4.24
N VAL A 71 -7.10 -5.53 4.27
CA VAL A 71 -5.92 -5.11 4.97
C VAL A 71 -6.31 -4.29 6.16
N GLU A 72 -5.34 -4.08 6.98
CA GLU A 72 -5.43 -3.15 8.05
C GLU A 72 -4.18 -2.36 7.93
N ALA A 73 -4.30 -1.07 7.82
CA ALA A 73 -3.11 -0.24 7.76
C ALA A 73 -2.57 -0.14 9.18
N LYS A 74 -1.71 -1.09 9.50
CA LYS A 74 -1.14 -1.26 10.83
C LYS A 74 -0.21 -0.12 11.17
N ASP A 75 0.75 0.10 10.31
CA ASP A 75 1.80 1.04 10.55
C ASP A 75 2.04 1.85 9.31
N GLN A 76 2.68 3.00 9.45
CA GLN A 76 2.86 3.94 8.37
C GLN A 76 3.97 3.56 7.41
N ASN A 77 4.59 2.40 7.65
CA ASN A 77 5.52 1.84 6.68
C ASN A 77 4.73 1.31 5.51
N CYS A 78 3.47 1.00 5.78
CA CYS A 78 2.49 0.56 4.79
C CYS A 78 2.81 -0.78 4.16
N LYS A 79 3.38 -1.66 4.94
CA LYS A 79 3.56 -3.01 4.54
C LYS A 79 2.17 -3.59 4.39
N VAL A 80 1.93 -4.28 3.31
CA VAL A 80 0.63 -4.85 3.07
C VAL A 80 0.39 -6.04 4.01
N ILE A 81 -0.34 -5.76 5.07
CA ILE A 81 -0.65 -6.74 6.05
C ILE A 81 -2.14 -6.94 6.01
N LEU A 82 -2.52 -8.15 5.70
CA LEU A 82 -3.89 -8.47 5.59
C LEU A 82 -4.44 -8.72 6.94
N THR A 83 -5.62 -8.26 7.10
CA THR A 83 -6.26 -8.34 8.38
C THR A 83 -6.90 -9.73 8.55
N ASN A 84 -6.80 -10.51 7.49
CA ASN A 84 -7.30 -11.88 7.48
C ASN A 84 -6.21 -12.83 7.96
N GLY A 85 -4.98 -12.34 8.04
CA GLY A 85 -3.87 -13.17 8.47
C GLY A 85 -3.20 -13.80 7.27
N LYS A 86 -3.25 -13.06 6.19
CA LYS A 86 -2.73 -13.49 4.92
C LYS A 86 -1.51 -12.68 4.58
N GLN A 87 -0.80 -13.15 3.60
CA GLN A 87 0.27 -12.41 2.98
C GLN A 87 -0.21 -12.12 1.57
N ALA A 88 -0.01 -10.93 1.09
CA ALA A 88 -0.47 -10.55 -0.22
C ALA A 88 0.62 -10.77 -1.25
N PRO A 89 0.25 -10.80 -2.56
CA PRO A 89 1.21 -10.88 -3.66
C PRO A 89 2.29 -9.80 -3.59
N ASP A 90 3.43 -10.13 -4.14
CA ASP A 90 4.63 -9.31 -4.09
C ASP A 90 4.49 -8.04 -4.94
N TRP A 91 3.45 -8.00 -5.77
CA TRP A 91 3.14 -6.85 -6.60
C TRP A 91 2.18 -5.89 -5.91
N LEU A 92 1.66 -6.31 -4.78
CA LEU A 92 0.72 -5.49 -4.05
C LEU A 92 1.51 -4.60 -3.11
N ALA A 93 1.51 -3.33 -3.39
CA ALA A 93 2.26 -2.37 -2.60
C ALA A 93 1.36 -1.38 -1.94
N ALA A 94 1.92 -0.71 -0.98
CA ALA A 94 1.29 0.37 -0.28
C ALA A 94 2.39 1.24 0.24
N GLU A 95 2.19 2.54 0.17
CA GLU A 95 3.13 3.50 0.66
C GLU A 95 2.31 4.60 1.29
N PRO A 96 2.84 5.35 2.24
CA PRO A 96 2.11 6.47 2.81
C PRO A 96 2.00 7.59 1.77
N TYR A 97 0.84 8.21 1.71
CA TYR A 97 0.53 9.20 0.71
C TYR A 97 1.46 10.41 0.74
N SER A 19 37.00 -0.60 19.85
CA SER A 19 37.08 0.85 19.90
C SER A 19 36.08 1.44 18.92
N GLY A 20 35.39 2.48 19.34
CA GLY A 20 34.40 3.09 18.51
C GLY A 20 34.68 4.53 18.30
N ARG A 21 34.42 5.02 17.12
CA ARG A 21 34.60 6.42 16.82
C ARG A 21 33.25 6.99 16.45
N GLU A 22 33.14 8.29 16.55
CA GLU A 22 31.93 9.02 16.27
C GLU A 22 31.44 8.74 14.87
N ASN A 23 30.23 8.25 14.79
CA ASN A 23 29.56 7.89 13.55
C ASN A 23 29.04 9.18 12.94
N LEU A 24 28.47 9.10 11.77
CA LEU A 24 27.94 10.25 11.09
C LEU A 24 26.75 10.79 11.80
N TYR A 25 26.56 12.06 11.59
CA TYR A 25 25.54 12.82 12.25
C TYR A 25 24.21 12.64 11.56
N PHE A 26 23.17 13.11 12.17
CA PHE A 26 21.84 12.93 11.65
C PHE A 26 21.55 13.96 10.58
N GLN A 27 21.21 13.45 9.43
CA GLN A 27 20.89 14.25 8.28
C GLN A 27 19.41 14.57 8.32
N GLY A 28 18.92 15.27 7.33
CA GLY A 28 17.50 15.52 7.21
C GLY A 28 16.74 14.21 7.14
N HIS A 29 15.83 14.01 8.06
CA HIS A 29 15.07 12.78 8.16
C HIS A 29 14.06 12.72 7.03
N MET A 30 13.62 11.53 6.69
CA MET A 30 12.61 11.33 5.67
C MET A 30 11.31 12.04 6.06
N ALA A 31 10.78 12.81 5.11
CA ALA A 31 9.60 13.63 5.27
C ALA A 31 8.42 12.80 5.75
N ALA A 32 7.71 13.35 6.71
CA ALA A 32 6.60 12.69 7.38
C ALA A 32 5.55 12.16 6.40
N PRO A 33 5.16 10.89 6.55
CA PRO A 33 4.08 10.28 5.74
C PRO A 33 2.75 10.99 5.96
N ALA A 34 1.91 11.01 4.94
CA ALA A 34 0.61 11.72 4.96
C ALA A 34 -0.48 11.04 5.77
N ARG A 35 -0.09 10.26 6.74
CA ARG A 35 -1.03 9.51 7.60
C ARG A 35 -2.01 8.68 6.78
N SER A 36 -1.54 8.19 5.65
CA SER A 36 -2.36 7.42 4.75
C SER A 36 -1.50 6.35 4.08
N CYS A 37 -2.04 5.15 3.93
CA CYS A 37 -1.39 4.10 3.20
C CYS A 37 -2.16 4.00 1.93
N VAL A 38 -1.46 4.00 0.85
CA VAL A 38 -2.09 4.03 -0.44
C VAL A 38 -1.78 2.73 -1.09
N TYR A 39 -2.81 2.02 -1.44
CA TYR A 39 -2.69 0.69 -1.99
C TYR A 39 -2.63 0.74 -3.48
N TYR A 40 -1.67 0.05 -4.00
CA TYR A 40 -1.42 0.01 -5.38
C TYR A 40 -1.22 -1.41 -5.86
N ASP A 41 -1.50 -1.58 -7.11
CA ASP A 41 -1.28 -2.81 -7.83
C ASP A 41 -0.04 -2.57 -8.68
N GLY A 42 1.08 -3.09 -8.28
CA GLY A 42 2.27 -2.93 -9.07
C GLY A 42 3.42 -3.75 -8.60
N HIS A 43 4.00 -4.45 -9.53
CA HIS A 43 5.16 -5.30 -9.29
C HIS A 43 6.45 -4.46 -9.28
N LEU A 44 6.32 -3.23 -9.73
CA LEU A 44 7.38 -2.24 -9.73
C LEU A 44 6.77 -0.98 -9.14
N PRO A 45 7.56 -0.11 -8.49
CA PRO A 45 7.08 1.16 -7.99
C PRO A 45 6.69 2.09 -9.14
N ALA A 46 7.21 1.77 -10.32
CA ALA A 46 6.92 2.54 -11.52
C ALA A 46 5.51 2.26 -12.02
N THR A 47 5.18 1.00 -12.14
CA THR A 47 3.94 0.56 -12.75
C THR A 47 2.81 0.34 -11.74
N ARG A 48 2.91 0.95 -10.57
CA ARG A 48 1.86 0.80 -9.60
C ARG A 48 0.57 1.55 -9.95
N VAL A 49 -0.55 0.87 -9.83
CA VAL A 49 -1.87 1.38 -10.18
C VAL A 49 -2.61 1.70 -8.89
N LEU A 50 -3.22 2.86 -8.82
CA LEU A 50 -3.93 3.33 -7.64
C LEU A 50 -5.18 2.47 -7.44
N LEU A 51 -5.19 1.74 -6.35
CA LEU A 51 -6.34 0.95 -5.98
C LEU A 51 -7.26 1.75 -5.09
N MET A 52 -6.72 2.17 -3.95
CA MET A 52 -7.47 2.92 -2.93
C MET A 52 -6.55 3.42 -1.82
N TYR A 53 -7.08 4.35 -1.06
CA TYR A 53 -6.40 4.93 0.09
C TYR A 53 -6.95 4.37 1.37
N VAL A 54 -6.09 4.16 2.34
CA VAL A 54 -6.49 3.73 3.66
C VAL A 54 -5.83 4.69 4.62
N ARG A 55 -6.57 5.23 5.54
CA ARG A 55 -5.99 6.13 6.51
C ARG A 55 -5.21 5.24 7.48
N ILE A 56 -3.98 5.64 7.82
CA ILE A 56 -3.14 4.87 8.78
C ILE A 56 -3.94 4.57 10.05
N GLY A 57 -4.08 3.29 10.34
CA GLY A 57 -4.71 2.84 11.56
C GLY A 57 -6.01 2.11 11.27
N ASN A 58 -6.41 2.16 10.03
CA ASN A 58 -7.67 1.60 9.62
C ASN A 58 -7.48 0.37 8.75
N THR A 59 -8.52 -0.37 8.63
CA THR A 59 -8.60 -1.56 7.83
C THR A 59 -9.31 -1.24 6.52
N ALA A 60 -9.10 -2.07 5.55
CA ALA A 60 -9.73 -1.87 4.25
C ALA A 60 -9.84 -3.16 3.49
N THR A 61 -10.84 -3.23 2.65
CA THR A 61 -11.05 -4.33 1.77
C THR A 61 -10.66 -3.87 0.36
N ILE A 62 -9.55 -4.38 -0.12
CA ILE A 62 -8.97 -3.97 -1.39
C ILE A 62 -9.43 -4.93 -2.46
N THR A 63 -10.13 -4.46 -3.44
CA THR A 63 -10.43 -5.34 -4.53
C THR A 63 -9.40 -5.05 -5.62
N ALA A 64 -8.68 -6.06 -6.04
CA ALA A 64 -7.68 -5.94 -7.06
C ALA A 64 -7.57 -7.26 -7.79
N ARG A 65 -7.70 -7.20 -9.11
CA ARG A 65 -7.60 -8.34 -10.02
C ARG A 65 -8.63 -9.42 -9.71
N GLY A 66 -9.74 -8.97 -9.20
CA GLY A 66 -10.82 -9.87 -8.84
C GLY A 66 -10.52 -10.61 -7.55
N HIS A 67 -9.80 -9.94 -6.67
CA HIS A 67 -9.55 -10.48 -5.34
C HIS A 67 -9.80 -9.38 -4.33
N GLU A 68 -10.57 -9.66 -3.29
CA GLU A 68 -10.70 -8.74 -2.20
C GLU A 68 -9.72 -9.13 -1.10
N PHE A 69 -8.87 -8.21 -0.71
CA PHE A 69 -7.89 -8.41 0.30
C PHE A 69 -8.24 -7.52 1.47
N GLU A 70 -8.53 -8.07 2.61
CA GLU A 70 -8.82 -7.22 3.74
C GLU A 70 -7.53 -7.05 4.49
N VAL A 71 -7.11 -5.83 4.62
CA VAL A 71 -5.85 -5.45 5.21
C VAL A 71 -6.09 -4.52 6.36
N GLU A 72 -5.03 -4.28 7.06
CA GLU A 72 -4.99 -3.35 8.14
C GLU A 72 -3.79 -2.48 7.89
N ALA A 73 -4.02 -1.23 7.59
CA ALA A 73 -2.93 -0.30 7.38
C ALA A 73 -2.46 0.08 8.75
N LYS A 74 -1.53 -0.69 9.25
CA LYS A 74 -1.05 -0.56 10.60
C LYS A 74 -0.30 0.73 10.88
N ASP A 75 0.72 0.99 10.11
CA ASP A 75 1.60 2.11 10.36
C ASP A 75 2.17 2.60 9.06
N GLN A 76 3.00 3.62 9.14
CA GLN A 76 3.61 4.28 8.00
C GLN A 76 4.56 3.43 7.16
N ASN A 77 4.87 2.22 7.58
CA ASN A 77 5.62 1.31 6.73
C ASN A 77 4.69 0.81 5.63
N CYS A 78 3.40 0.79 5.96
CA CYS A 78 2.31 0.39 5.07
C CYS A 78 2.51 -0.96 4.42
N LYS A 79 2.98 -1.91 5.19
CA LYS A 79 3.12 -3.23 4.69
C LYS A 79 1.74 -3.84 4.56
N VAL A 80 1.49 -4.44 3.42
CA VAL A 80 0.24 -5.10 3.18
C VAL A 80 0.15 -6.35 4.07
N ILE A 81 -0.56 -6.19 5.15
CA ILE A 81 -0.79 -7.27 6.06
C ILE A 81 -2.26 -7.53 6.08
N LEU A 82 -2.61 -8.73 5.71
CA LEU A 82 -3.98 -9.12 5.63
C LEU A 82 -4.50 -9.50 6.95
N THR A 83 -5.73 -9.15 7.11
CA THR A 83 -6.48 -9.43 8.33
C THR A 83 -6.78 -10.92 8.40
N ASN A 84 -6.71 -11.53 7.23
CA ASN A 84 -7.06 -12.93 7.05
C ASN A 84 -5.90 -13.80 7.50
N GLY A 85 -4.80 -13.15 7.86
CA GLY A 85 -3.63 -13.86 8.36
C GLY A 85 -2.89 -14.44 7.19
N LYS A 86 -3.18 -13.85 6.06
CA LYS A 86 -2.69 -14.27 4.79
C LYS A 86 -1.65 -13.32 4.29
N GLN A 87 -0.94 -13.77 3.30
CA GLN A 87 0.02 -12.95 2.60
C GLN A 87 -0.58 -12.64 1.25
N ALA A 88 -0.24 -11.50 0.73
CA ALA A 88 -0.75 -11.04 -0.53
C ALA A 88 0.39 -11.12 -1.55
N PRO A 89 0.07 -11.19 -2.85
CA PRO A 89 1.08 -11.21 -3.91
C PRO A 89 2.02 -10.00 -3.86
N ASP A 90 3.23 -10.19 -4.39
CA ASP A 90 4.31 -9.17 -4.38
C ASP A 90 3.89 -7.86 -5.04
N TRP A 91 2.94 -7.97 -5.96
CA TRP A 91 2.45 -6.81 -6.68
C TRP A 91 1.50 -5.97 -5.84
N LEU A 92 0.96 -6.52 -4.77
CA LEU A 92 0.06 -5.76 -3.96
C LEU A 92 0.91 -4.88 -3.06
N ALA A 93 0.86 -3.61 -3.31
CA ALA A 93 1.69 -2.67 -2.62
C ALA A 93 0.89 -1.66 -1.87
N ALA A 94 1.55 -1.04 -0.93
CA ALA A 94 1.01 0.05 -0.17
C ALA A 94 2.17 0.92 0.23
N GLU A 95 2.01 2.21 0.07
CA GLU A 95 3.00 3.17 0.40
C GLU A 95 2.25 4.40 0.86
N PRO A 96 2.72 5.12 1.85
CA PRO A 96 2.12 6.36 2.29
C PRO A 96 2.18 7.42 1.23
N TYR A 97 1.12 8.16 1.21
CA TYR A 97 0.96 9.29 0.34
C TYR A 97 1.65 10.47 1.05
N SER A 19 10.01 -6.07 3.08
CA SER A 19 11.30 -6.07 3.75
C SER A 19 11.40 -4.77 4.56
N GLY A 20 12.25 -4.74 5.57
CA GLY A 20 12.39 -3.52 6.32
C GLY A 20 13.79 -3.30 6.82
N ARG A 21 14.49 -2.38 6.21
CA ARG A 21 15.80 -1.96 6.66
C ARG A 21 15.75 -0.47 6.66
N GLU A 22 15.48 0.11 7.79
CA GLU A 22 15.36 1.53 7.83
C GLU A 22 16.65 2.18 8.25
N ASN A 23 17.26 2.79 7.28
CA ASN A 23 18.51 3.50 7.41
C ASN A 23 18.13 4.96 7.53
N LEU A 24 19.11 5.84 7.66
CA LEU A 24 18.80 7.26 7.59
C LEU A 24 18.38 7.48 6.14
N TYR A 25 17.20 7.99 5.93
CA TYR A 25 16.72 8.06 4.58
C TYR A 25 17.07 9.41 3.98
N PHE A 26 17.67 9.38 2.82
CA PHE A 26 18.09 10.58 2.15
C PHE A 26 16.95 11.11 1.30
N GLN A 27 17.01 12.37 0.95
CA GLN A 27 15.90 12.98 0.27
C GLN A 27 15.84 12.71 -1.23
N GLY A 28 14.80 12.03 -1.57
CA GLY A 28 14.40 11.70 -2.90
C GLY A 28 12.91 11.62 -2.82
N HIS A 29 12.19 11.46 -3.90
CA HIS A 29 10.77 11.32 -3.76
C HIS A 29 10.41 9.91 -3.39
N MET A 30 10.24 9.74 -2.11
CA MET A 30 10.07 8.46 -1.48
C MET A 30 8.68 8.33 -0.90
N ALA A 31 8.43 7.19 -0.29
CA ALA A 31 7.17 6.94 0.37
C ALA A 31 7.05 7.82 1.61
N ALA A 32 6.48 9.00 1.42
CA ALA A 32 6.40 9.99 2.46
C ALA A 32 5.31 9.68 3.47
N PRO A 33 5.68 9.56 4.77
CA PRO A 33 4.72 9.28 5.85
C PRO A 33 3.63 10.35 5.91
N ALA A 34 2.41 9.94 5.64
CA ALA A 34 1.31 10.88 5.62
C ALA A 34 0.08 10.32 6.29
N ARG A 35 0.33 9.33 7.13
CA ARG A 35 -0.72 8.67 7.94
C ARG A 35 -1.83 7.96 7.12
N SER A 36 -1.53 7.60 5.91
CA SER A 36 -2.44 6.83 5.09
C SER A 36 -1.60 5.88 4.25
N CYS A 37 -2.06 4.67 4.05
CA CYS A 37 -1.37 3.70 3.23
C CYS A 37 -2.15 3.56 1.97
N VAL A 38 -1.47 3.65 0.89
CA VAL A 38 -2.08 3.64 -0.40
C VAL A 38 -1.68 2.36 -1.06
N TYR A 39 -2.66 1.58 -1.39
CA TYR A 39 -2.41 0.29 -1.96
C TYR A 39 -2.42 0.42 -3.45
N TYR A 40 -1.34 -0.04 -4.02
CA TYR A 40 -1.12 0.05 -5.41
C TYR A 40 -0.86 -1.32 -5.97
N ASP A 41 -1.31 -1.50 -7.17
CA ASP A 41 -0.98 -2.67 -7.94
C ASP A 41 0.31 -2.30 -8.62
N GLY A 42 1.41 -2.83 -8.18
CA GLY A 42 2.66 -2.47 -8.77
C GLY A 42 3.77 -3.39 -8.44
N HIS A 43 4.57 -3.64 -9.44
CA HIS A 43 5.73 -4.49 -9.31
C HIS A 43 6.88 -3.58 -8.92
N LEU A 44 6.90 -2.42 -9.53
CA LEU A 44 7.85 -1.38 -9.26
C LEU A 44 7.05 -0.13 -8.92
N PRO A 45 7.64 0.83 -8.20
CA PRO A 45 6.99 2.11 -7.93
C PRO A 45 6.57 2.86 -9.20
N ALA A 46 7.21 2.57 -10.33
CA ALA A 46 6.82 3.18 -11.58
C ALA A 46 5.59 2.51 -12.19
N THR A 47 5.26 1.31 -11.75
CA THR A 47 4.16 0.55 -12.33
C THR A 47 2.92 0.58 -11.44
N ARG A 48 3.00 1.37 -10.35
CA ARG A 48 1.93 1.44 -9.36
C ARG A 48 0.61 1.96 -9.94
N VAL A 49 -0.44 1.19 -9.75
CA VAL A 49 -1.78 1.57 -10.15
C VAL A 49 -2.60 1.70 -8.87
N LEU A 50 -3.17 2.87 -8.65
CA LEU A 50 -3.97 3.13 -7.46
C LEU A 50 -5.18 2.22 -7.32
N LEU A 51 -5.16 1.45 -6.28
CA LEU A 51 -6.28 0.61 -5.92
C LEU A 51 -7.20 1.33 -4.94
N MET A 52 -6.61 1.78 -3.84
CA MET A 52 -7.37 2.33 -2.72
C MET A 52 -6.46 3.09 -1.75
N TYR A 53 -7.01 4.10 -1.11
CA TYR A 53 -6.35 4.85 -0.04
C TYR A 53 -6.91 4.35 1.29
N VAL A 54 -6.03 3.91 2.17
CA VAL A 54 -6.41 3.40 3.46
C VAL A 54 -5.80 4.32 4.51
N ARG A 55 -6.52 4.65 5.53
CA ARG A 55 -6.01 5.48 6.57
C ARG A 55 -5.36 4.57 7.59
N ILE A 56 -4.23 4.97 8.15
CA ILE A 56 -3.55 4.15 9.17
C ILE A 56 -4.49 3.87 10.33
N GLY A 57 -4.58 2.63 10.68
CA GLY A 57 -5.34 2.19 11.83
C GLY A 57 -6.63 1.55 11.42
N ASN A 58 -6.97 1.76 10.18
CA ASN A 58 -8.21 1.28 9.61
C ASN A 58 -7.94 0.11 8.69
N THR A 59 -8.98 -0.60 8.42
CA THR A 59 -8.96 -1.73 7.54
C THR A 59 -9.71 -1.39 6.27
N ALA A 60 -9.34 -2.02 5.19
CA ALA A 60 -9.98 -1.72 3.91
C ALA A 60 -9.98 -2.87 2.91
N THR A 61 -11.15 -3.09 2.36
CA THR A 61 -11.41 -4.04 1.31
C THR A 61 -10.78 -3.56 0.00
N ILE A 62 -9.72 -4.20 -0.43
CA ILE A 62 -9.10 -3.82 -1.69
C ILE A 62 -9.55 -4.80 -2.74
N THR A 63 -10.38 -4.41 -3.66
CA THR A 63 -10.69 -5.32 -4.71
C THR A 63 -9.71 -5.07 -5.86
N ALA A 64 -9.02 -6.12 -6.24
CA ALA A 64 -8.08 -6.08 -7.34
C ALA A 64 -8.03 -7.47 -7.95
N ARG A 65 -8.26 -7.54 -9.26
CA ARG A 65 -8.24 -8.78 -10.04
C ARG A 65 -9.37 -9.71 -9.63
N GLY A 66 -10.37 -9.12 -9.02
CA GLY A 66 -11.51 -9.85 -8.52
C GLY A 66 -11.25 -10.42 -7.15
N HIS A 67 -10.20 -9.96 -6.51
CA HIS A 67 -9.88 -10.42 -5.18
C HIS A 67 -10.00 -9.27 -4.21
N GLU A 68 -10.76 -9.47 -3.17
CA GLU A 68 -10.82 -8.54 -2.07
C GLU A 68 -9.70 -8.85 -1.10
N PHE A 69 -8.81 -7.94 -0.93
CA PHE A 69 -7.79 -8.08 0.04
C PHE A 69 -8.20 -7.14 1.14
N GLU A 70 -8.77 -7.66 2.18
CA GLU A 70 -9.15 -6.81 3.27
C GLU A 70 -7.85 -6.58 4.03
N VAL A 71 -7.35 -5.38 3.96
CA VAL A 71 -6.08 -5.06 4.57
C VAL A 71 -6.28 -4.40 5.90
N GLU A 72 -5.24 -4.39 6.66
CA GLU A 72 -5.21 -3.80 7.96
C GLU A 72 -3.98 -2.94 8.01
N ALA A 73 -4.19 -1.64 7.85
CA ALA A 73 -3.08 -0.71 7.85
C ALA A 73 -2.60 -0.48 9.27
N LYS A 74 -1.67 -1.32 9.68
CA LYS A 74 -1.08 -1.30 11.01
C LYS A 74 -0.30 -0.04 11.31
N ASP A 75 0.69 0.23 10.50
CA ASP A 75 1.57 1.37 10.76
C ASP A 75 1.85 2.08 9.44
N GLN A 76 2.42 3.27 9.52
CA GLN A 76 2.69 4.16 8.40
C GLN A 76 3.86 3.72 7.54
N ASN A 77 4.43 2.56 7.86
CA ASN A 77 5.49 2.01 7.04
C ASN A 77 4.84 1.35 5.83
N CYS A 78 3.54 1.11 5.96
CA CYS A 78 2.69 0.61 4.92
C CYS A 78 3.04 -0.74 4.35
N LYS A 79 3.16 -1.73 5.21
CA LYS A 79 3.28 -3.08 4.74
C LYS A 79 1.94 -3.57 4.32
N VAL A 80 1.96 -4.55 3.50
CA VAL A 80 0.71 -5.13 3.10
C VAL A 80 0.37 -6.23 4.07
N ILE A 81 -0.48 -5.88 4.98
CA ILE A 81 -0.89 -6.77 6.03
C ILE A 81 -2.36 -6.91 5.89
N LEU A 82 -2.79 -8.10 5.68
CA LEU A 82 -4.19 -8.31 5.53
C LEU A 82 -4.80 -8.47 6.88
N THR A 83 -6.08 -8.26 6.92
CA THR A 83 -6.86 -8.41 8.16
C THR A 83 -6.75 -9.80 8.74
N ASN A 84 -6.66 -10.77 7.87
CA ASN A 84 -6.63 -12.16 8.26
C ASN A 84 -5.20 -12.54 8.62
N GLY A 85 -4.32 -11.61 8.36
CA GLY A 85 -2.94 -11.69 8.81
C GLY A 85 -2.08 -12.42 7.84
N LYS A 86 -2.60 -12.55 6.66
CA LYS A 86 -1.94 -13.31 5.62
C LYS A 86 -0.98 -12.50 4.78
N GLN A 87 -0.38 -13.22 3.86
CA GLN A 87 0.51 -12.66 2.88
C GLN A 87 -0.28 -12.34 1.63
N ALA A 88 0.06 -11.24 1.04
CA ALA A 88 -0.53 -10.78 -0.20
C ALA A 88 0.49 -10.96 -1.31
N PRO A 89 0.05 -10.97 -2.58
CA PRO A 89 0.92 -11.04 -3.74
C PRO A 89 1.99 -9.94 -3.74
N ASP A 90 3.09 -10.24 -4.39
CA ASP A 90 4.25 -9.36 -4.46
C ASP A 90 3.92 -8.03 -5.13
N TRP A 91 2.93 -8.05 -6.01
CA TRP A 91 2.51 -6.86 -6.73
C TRP A 91 1.62 -5.95 -5.89
N LEU A 92 1.18 -6.41 -4.74
CA LEU A 92 0.32 -5.62 -3.92
C LEU A 92 1.18 -4.69 -3.07
N ALA A 93 1.31 -3.48 -3.53
CA ALA A 93 2.15 -2.49 -2.90
C ALA A 93 1.34 -1.59 -2.02
N ALA A 94 2.04 -0.90 -1.17
CA ALA A 94 1.47 0.06 -0.26
C ALA A 94 2.55 1.03 0.12
N GLU A 95 2.22 2.30 0.10
CA GLU A 95 3.13 3.36 0.51
C GLU A 95 2.27 4.43 1.13
N PRO A 96 2.74 5.18 2.13
CA PRO A 96 1.99 6.31 2.64
C PRO A 96 1.86 7.40 1.58
N TYR A 97 0.62 7.86 1.42
CA TYR A 97 0.20 8.77 0.36
C TYR A 97 1.05 10.03 0.18
N SER A 19 -12.35 27.60 -14.04
CA SER A 19 -11.53 26.40 -14.18
C SER A 19 -10.56 26.67 -15.32
N GLY A 20 -9.28 26.56 -15.05
CA GLY A 20 -8.29 26.85 -16.05
C GLY A 20 -7.15 25.87 -15.98
N ARG A 21 -6.19 26.04 -16.85
CA ARG A 21 -5.06 25.15 -16.87
C ARG A 21 -3.95 25.64 -15.98
N GLU A 22 -3.90 25.12 -14.80
CA GLU A 22 -2.80 25.37 -13.90
C GLU A 22 -1.76 24.30 -14.16
N ASN A 23 -0.84 24.58 -15.04
CA ASN A 23 0.21 23.65 -15.34
C ASN A 23 1.55 24.25 -15.11
N LEU A 24 2.02 24.06 -13.92
CA LEU A 24 3.35 24.41 -13.49
C LEU A 24 3.63 23.41 -12.42
N TYR A 25 4.86 23.18 -12.14
CA TYR A 25 5.15 22.20 -11.14
C TYR A 25 5.71 22.89 -9.92
N PHE A 26 4.93 22.86 -8.87
CA PHE A 26 5.28 23.44 -7.61
C PHE A 26 6.04 22.38 -6.83
N GLN A 27 6.78 22.77 -5.80
CA GLN A 27 7.53 21.83 -5.01
C GLN A 27 6.59 20.93 -4.22
N GLY A 28 6.49 19.69 -4.66
CA GLY A 28 5.70 18.72 -3.96
C GLY A 28 6.51 18.17 -2.81
N HIS A 29 5.84 17.72 -1.77
CA HIS A 29 6.53 17.23 -0.61
C HIS A 29 6.86 15.76 -0.81
N MET A 30 8.03 15.34 -0.36
CA MET A 30 8.35 13.95 -0.41
C MET A 30 7.79 13.40 0.89
N ALA A 31 6.97 12.39 0.78
CA ALA A 31 6.19 11.91 1.89
C ALA A 31 6.99 11.17 2.95
N ALA A 32 7.14 11.84 4.08
CA ALA A 32 7.57 11.17 5.28
C ALA A 32 6.25 10.67 5.79
N PRO A 33 6.13 9.38 6.20
CA PRO A 33 4.90 8.67 6.53
C PRO A 33 3.63 9.53 6.65
N ALA A 34 2.97 9.68 5.50
CA ALA A 34 1.83 10.57 5.27
C ALA A 34 0.51 10.14 5.90
N ARG A 35 0.61 9.38 6.97
CA ARG A 35 -0.52 8.98 7.81
C ARG A 35 -1.64 8.21 7.07
N SER A 36 -1.34 7.61 5.94
CA SER A 36 -2.29 6.79 5.21
C SER A 36 -1.48 5.82 4.36
N CYS A 37 -1.95 4.58 4.21
CA CYS A 37 -1.26 3.63 3.38
C CYS A 37 -2.10 3.46 2.16
N VAL A 38 -1.45 3.55 1.04
CA VAL A 38 -2.11 3.60 -0.23
C VAL A 38 -1.68 2.42 -1.02
N TYR A 39 -2.64 1.63 -1.39
CA TYR A 39 -2.39 0.39 -2.04
C TYR A 39 -2.28 0.59 -3.53
N TYR A 40 -1.23 0.06 -4.07
CA TYR A 40 -0.95 0.13 -5.46
C TYR A 40 -0.70 -1.25 -5.99
N ASP A 41 -1.23 -1.50 -7.14
CA ASP A 41 -0.93 -2.70 -7.89
C ASP A 41 0.31 -2.39 -8.68
N GLY A 42 1.43 -2.87 -8.20
CA GLY A 42 2.63 -2.55 -8.88
C GLY A 42 3.74 -3.48 -8.58
N HIS A 43 4.27 -3.96 -9.64
CA HIS A 43 5.39 -4.83 -9.66
C HIS A 43 6.60 -3.91 -9.76
N LEU A 44 6.37 -2.77 -10.41
CA LEU A 44 7.33 -1.71 -10.56
C LEU A 44 6.60 -0.42 -10.18
N PRO A 45 7.18 0.45 -9.33
CA PRO A 45 6.51 1.69 -8.89
C PRO A 45 6.21 2.67 -10.03
N ALA A 46 6.85 2.50 -11.17
CA ALA A 46 6.59 3.37 -12.31
C ALA A 46 5.21 3.10 -12.92
N THR A 47 4.84 1.84 -12.98
CA THR A 47 3.61 1.44 -13.65
C THR A 47 2.58 0.95 -12.62
N ARG A 48 2.78 1.36 -11.38
CA ARG A 48 1.88 1.05 -10.28
C ARG A 48 0.46 1.59 -10.55
N VAL A 49 -0.55 0.97 -9.98
CA VAL A 49 -1.91 1.39 -10.21
C VAL A 49 -2.51 1.76 -8.88
N LEU A 50 -3.10 2.93 -8.80
CA LEU A 50 -3.70 3.42 -7.58
C LEU A 50 -4.94 2.60 -7.30
N LEU A 51 -4.90 1.82 -6.23
CA LEU A 51 -6.07 1.04 -5.88
C LEU A 51 -6.94 1.83 -4.94
N MET A 52 -6.41 2.18 -3.77
CA MET A 52 -7.17 2.89 -2.78
C MET A 52 -6.28 3.42 -1.64
N TYR A 53 -6.67 4.57 -1.09
CA TYR A 53 -6.04 5.19 0.08
C TYR A 53 -6.71 4.65 1.34
N VAL A 54 -5.92 4.26 2.32
CA VAL A 54 -6.45 3.78 3.59
C VAL A 54 -5.76 4.50 4.75
N ARG A 55 -6.54 5.07 5.64
CA ARG A 55 -5.99 5.69 6.82
C ARG A 55 -5.27 4.74 7.71
N ILE A 56 -4.28 5.27 8.38
CA ILE A 56 -3.57 4.47 9.39
C ILE A 56 -4.56 4.26 10.53
N GLY A 57 -4.83 3.03 10.83
CA GLY A 57 -5.76 2.68 11.87
C GLY A 57 -7.11 2.34 11.29
N ASN A 58 -7.12 2.10 10.00
CA ASN A 58 -8.34 1.80 9.29
C ASN A 58 -8.16 0.53 8.51
N THR A 59 -9.26 -0.11 8.27
CA THR A 59 -9.29 -1.36 7.59
C THR A 59 -10.07 -1.23 6.31
N ALA A 60 -9.65 -1.94 5.32
CA ALA A 60 -10.28 -1.81 4.02
C ALA A 60 -10.26 -3.10 3.25
N THR A 61 -11.10 -3.20 2.27
CA THR A 61 -11.19 -4.33 1.39
C THR A 61 -10.84 -3.86 -0.01
N ILE A 62 -9.76 -4.37 -0.54
CA ILE A 62 -9.29 -3.98 -1.85
C ILE A 62 -9.61 -5.09 -2.81
N THR A 63 -10.53 -4.89 -3.71
CA THR A 63 -10.73 -5.92 -4.70
C THR A 63 -9.80 -5.63 -5.86
N ALA A 64 -8.98 -6.60 -6.19
CA ALA A 64 -8.04 -6.50 -7.28
C ALA A 64 -7.84 -7.88 -7.84
N ARG A 65 -8.12 -8.03 -9.11
CA ARG A 65 -8.01 -9.30 -9.85
C ARG A 65 -8.97 -10.36 -9.33
N GLY A 66 -10.00 -9.88 -8.67
CA GLY A 66 -11.00 -10.74 -8.11
C GLY A 66 -10.59 -11.27 -6.76
N HIS A 67 -9.56 -10.70 -6.20
CA HIS A 67 -9.14 -11.05 -4.87
C HIS A 67 -9.49 -9.87 -4.01
N GLU A 68 -10.19 -10.09 -2.94
CA GLU A 68 -10.46 -9.03 -2.01
C GLU A 68 -9.42 -9.11 -0.94
N PHE A 69 -8.64 -8.08 -0.81
CA PHE A 69 -7.63 -8.03 0.19
C PHE A 69 -8.15 -7.18 1.31
N GLU A 70 -8.52 -7.80 2.40
CA GLU A 70 -8.99 -7.05 3.52
C GLU A 70 -7.75 -6.76 4.34
N VAL A 71 -7.39 -5.53 4.34
CA VAL A 71 -6.18 -5.04 4.94
C VAL A 71 -6.46 -4.21 6.17
N GLU A 72 -5.45 -4.10 6.98
CA GLU A 72 -5.48 -3.32 8.16
C GLU A 72 -4.24 -2.48 8.13
N ALA A 73 -4.39 -1.22 7.80
CA ALA A 73 -3.24 -0.35 7.78
C ALA A 73 -2.94 0.01 9.22
N LYS A 74 -2.16 -0.81 9.85
CA LYS A 74 -1.84 -0.71 11.23
C LYS A 74 -0.64 0.20 11.48
N ASP A 75 0.29 0.16 10.56
CA ASP A 75 1.52 0.92 10.69
C ASP A 75 1.79 1.64 9.41
N GLN A 76 2.44 2.79 9.53
CA GLN A 76 2.83 3.65 8.43
C GLN A 76 4.04 3.09 7.66
N ASN A 77 4.39 1.85 8.02
CA ASN A 77 5.37 1.05 7.29
C ASN A 77 4.76 0.74 5.92
N CYS A 78 3.44 0.66 5.94
CA CYS A 78 2.61 0.44 4.78
C CYS A 78 2.91 -0.84 4.03
N LYS A 79 3.31 -1.83 4.76
CA LYS A 79 3.37 -3.13 4.24
C LYS A 79 1.93 -3.56 4.18
N VAL A 80 1.55 -4.21 3.12
CA VAL A 80 0.21 -4.70 2.99
C VAL A 80 -0.06 -5.77 4.04
N ILE A 81 -0.76 -5.36 5.07
CA ILE A 81 -1.07 -6.19 6.21
C ILE A 81 -2.53 -6.53 6.12
N LEU A 82 -2.82 -7.80 6.11
CA LEU A 82 -4.15 -8.24 6.00
C LEU A 82 -4.75 -8.39 7.35
N THR A 83 -6.03 -8.23 7.37
CA THR A 83 -6.82 -8.35 8.59
C THR A 83 -6.82 -9.79 9.09
N ASN A 84 -6.79 -10.66 8.12
CA ASN A 84 -6.93 -12.09 8.32
C ASN A 84 -5.56 -12.73 8.31
N GLY A 85 -4.59 -11.96 7.87
CA GLY A 85 -3.24 -12.42 7.92
C GLY A 85 -2.80 -13.18 6.70
N LYS A 86 -3.47 -13.00 5.58
CA LYS A 86 -2.99 -13.58 4.36
C LYS A 86 -1.64 -13.05 3.96
N GLN A 87 -1.03 -13.78 3.09
CA GLN A 87 0.19 -13.38 2.45
C GLN A 87 -0.22 -12.62 1.21
N ALA A 88 -0.04 -11.33 1.22
CA ALA A 88 -0.37 -10.56 0.06
C ALA A 88 0.84 -10.59 -0.87
N PRO A 89 0.58 -10.66 -2.18
CA PRO A 89 1.61 -10.74 -3.22
C PRO A 89 2.57 -9.55 -3.25
N ASP A 90 3.70 -9.76 -3.90
CA ASP A 90 4.77 -8.77 -4.05
C ASP A 90 4.26 -7.53 -4.78
N TRP A 91 3.41 -7.77 -5.77
CA TRP A 91 2.85 -6.71 -6.60
C TRP A 91 1.83 -5.87 -5.83
N LEU A 92 1.41 -6.35 -4.70
CA LEU A 92 0.47 -5.61 -3.92
C LEU A 92 1.27 -4.71 -2.99
N ALA A 93 1.40 -3.48 -3.40
CA ALA A 93 2.19 -2.53 -2.68
C ALA A 93 1.32 -1.57 -1.94
N ALA A 94 1.94 -0.91 -1.01
CA ALA A 94 1.35 0.15 -0.28
C ALA A 94 2.48 1.05 0.13
N GLU A 95 2.21 2.32 0.18
CA GLU A 95 3.14 3.32 0.63
C GLU A 95 2.31 4.40 1.22
N PRO A 96 2.84 5.22 2.11
CA PRO A 96 2.10 6.33 2.63
C PRO A 96 1.93 7.39 1.53
N TYR A 97 0.71 7.88 1.44
CA TYR A 97 0.19 8.68 0.33
C TYR A 97 1.09 9.73 -0.29
N SER A 19 6.29 -11.66 -15.49
CA SER A 19 6.61 -10.25 -15.68
C SER A 19 7.92 -10.05 -14.95
N GLY A 20 8.26 -8.81 -14.68
CA GLY A 20 9.47 -8.52 -13.98
C GLY A 20 9.19 -7.54 -12.89
N ARG A 21 9.72 -7.78 -11.72
CA ARG A 21 9.59 -6.84 -10.64
C ARG A 21 10.92 -6.13 -10.47
N GLU A 22 10.90 -4.86 -10.73
CA GLU A 22 12.08 -4.04 -10.70
C GLU A 22 11.75 -2.83 -9.87
N ASN A 23 12.77 -2.10 -9.52
CA ASN A 23 12.62 -0.88 -8.79
C ASN A 23 13.68 0.07 -9.31
N LEU A 24 13.28 1.28 -9.61
CA LEU A 24 14.20 2.27 -10.11
C LEU A 24 14.39 3.31 -9.04
N TYR A 25 15.61 3.61 -8.72
CA TYR A 25 15.84 4.62 -7.74
C TYR A 25 15.98 5.96 -8.42
N PHE A 26 14.91 6.68 -8.43
CA PHE A 26 14.90 8.05 -8.89
C PHE A 26 14.90 8.86 -7.61
N GLN A 27 15.58 9.98 -7.58
CA GLN A 27 15.59 10.77 -6.38
C GLN A 27 14.30 11.54 -6.31
N GLY A 28 13.36 10.90 -5.70
CA GLY A 28 12.06 11.47 -5.54
C GLY A 28 11.88 11.99 -4.16
N HIS A 29 10.89 12.80 -3.97
CA HIS A 29 10.60 13.35 -2.67
C HIS A 29 9.98 12.27 -1.82
N MET A 30 10.66 11.96 -0.72
CA MET A 30 10.31 10.88 0.19
C MET A 30 8.83 10.90 0.60
N ALA A 31 8.21 9.74 0.57
CA ALA A 31 6.84 9.59 0.99
C ALA A 31 6.82 9.61 2.51
N ALA A 32 6.22 10.63 3.06
CA ALA A 32 6.21 10.82 4.48
C ALA A 32 5.08 10.02 5.10
N PRO A 33 5.20 9.62 6.37
CA PRO A 33 4.11 8.98 7.10
C PRO A 33 2.93 9.94 7.21
N ALA A 34 2.07 9.88 6.23
CA ALA A 34 0.99 10.84 6.05
C ALA A 34 -0.36 10.34 6.53
N ARG A 35 -0.35 9.55 7.58
CA ARG A 35 -1.57 9.02 8.20
C ARG A 35 -2.36 8.10 7.25
N SER A 36 -1.78 7.67 6.16
CA SER A 36 -2.48 6.80 5.24
C SER A 36 -1.52 5.92 4.47
N CYS A 37 -1.93 4.68 4.24
CA CYS A 37 -1.20 3.72 3.45
C CYS A 37 -1.99 3.61 2.18
N VAL A 38 -1.30 3.70 1.10
CA VAL A 38 -1.90 3.80 -0.19
C VAL A 38 -1.54 2.55 -0.94
N TYR A 39 -2.53 1.92 -1.49
CA TYR A 39 -2.37 0.62 -2.10
C TYR A 39 -2.27 0.72 -3.58
N TYR A 40 -1.27 0.06 -4.11
CA TYR A 40 -0.98 0.05 -5.49
C TYR A 40 -0.80 -1.37 -5.97
N ASP A 41 -1.18 -1.56 -7.19
CA ASP A 41 -0.98 -2.81 -7.90
C ASP A 41 0.21 -2.56 -8.78
N GLY A 42 1.34 -3.17 -8.49
CA GLY A 42 2.46 -2.94 -9.35
C GLY A 42 3.64 -3.82 -9.09
N HIS A 43 4.26 -4.22 -10.17
CA HIS A 43 5.47 -5.02 -10.14
C HIS A 43 6.65 -4.06 -10.14
N LEU A 44 6.42 -2.91 -10.74
CA LEU A 44 7.41 -1.86 -10.81
C LEU A 44 6.75 -0.67 -10.18
N PRO A 45 7.50 0.28 -9.62
CA PRO A 45 6.93 1.55 -9.17
C PRO A 45 6.55 2.40 -10.39
N ALA A 46 6.87 1.89 -11.57
CA ALA A 46 6.53 2.55 -12.81
C ALA A 46 5.18 2.01 -13.31
N THR A 47 4.76 0.87 -12.78
CA THR A 47 3.50 0.26 -13.18
C THR A 47 2.53 0.20 -12.00
N ARG A 48 2.80 0.98 -10.97
CA ARG A 48 1.95 1.02 -9.81
C ARG A 48 0.64 1.72 -10.15
N VAL A 49 -0.43 1.01 -9.92
CA VAL A 49 -1.76 1.47 -10.22
C VAL A 49 -2.41 1.76 -8.89
N LEU A 50 -2.85 2.99 -8.71
CA LEU A 50 -3.50 3.38 -7.50
C LEU A 50 -4.82 2.67 -7.35
N LEU A 51 -4.92 1.91 -6.29
CA LEU A 51 -6.11 1.19 -5.96
C LEU A 51 -6.96 2.06 -5.03
N MET A 52 -6.35 2.50 -3.94
CA MET A 52 -7.04 3.28 -2.92
C MET A 52 -6.11 3.78 -1.83
N TYR A 53 -6.66 4.68 -1.03
CA TYR A 53 -6.02 5.27 0.13
C TYR A 53 -6.69 4.68 1.36
N VAL A 54 -5.91 4.21 2.31
CA VAL A 54 -6.43 3.67 3.55
C VAL A 54 -5.75 4.39 4.69
N ARG A 55 -6.51 4.99 5.57
CA ARG A 55 -5.94 5.67 6.70
C ARG A 55 -5.32 4.66 7.66
N ILE A 56 -4.28 5.10 8.30
CA ILE A 56 -3.60 4.30 9.34
C ILE A 56 -4.59 4.12 10.48
N GLY A 57 -4.76 2.91 10.88
CA GLY A 57 -5.65 2.59 11.98
C GLY A 57 -7.02 2.29 11.45
N ASN A 58 -7.09 2.04 10.16
CA ASN A 58 -8.31 1.72 9.50
C ASN A 58 -8.08 0.49 8.64
N THR A 59 -9.14 -0.18 8.35
CA THR A 59 -9.12 -1.36 7.56
C THR A 59 -9.80 -1.09 6.24
N ALA A 60 -9.41 -1.84 5.25
CA ALA A 60 -10.00 -1.67 3.94
C ALA A 60 -10.02 -2.97 3.17
N THR A 61 -10.99 -3.09 2.32
CA THR A 61 -11.16 -4.22 1.47
C THR A 61 -10.66 -3.82 0.08
N ILE A 62 -9.56 -4.39 -0.34
CA ILE A 62 -8.98 -4.05 -1.63
C ILE A 62 -9.43 -5.07 -2.63
N THR A 63 -10.27 -4.73 -3.55
CA THR A 63 -10.53 -5.68 -4.59
C THR A 63 -9.54 -5.37 -5.71
N ALA A 64 -8.75 -6.35 -6.07
CA ALA A 64 -7.76 -6.22 -7.09
C ALA A 64 -7.62 -7.54 -7.81
N ARG A 65 -7.84 -7.50 -9.11
CA ARG A 65 -7.76 -8.66 -9.99
C ARG A 65 -8.83 -9.70 -9.66
N GLY A 66 -9.88 -9.23 -9.02
CA GLY A 66 -10.99 -10.08 -8.66
C GLY A 66 -10.87 -10.62 -7.25
N HIS A 67 -9.81 -10.28 -6.56
CA HIS A 67 -9.59 -10.76 -5.21
C HIS A 67 -9.72 -9.63 -4.20
N GLU A 68 -10.49 -9.86 -3.15
CA GLU A 68 -10.54 -8.94 -2.04
C GLU A 68 -9.40 -9.24 -1.09
N PHE A 69 -8.61 -8.25 -0.82
CA PHE A 69 -7.57 -8.33 0.15
C PHE A 69 -8.01 -7.40 1.25
N GLU A 70 -8.41 -7.93 2.37
CA GLU A 70 -8.86 -7.10 3.43
C GLU A 70 -7.65 -6.80 4.29
N VAL A 71 -7.23 -5.58 4.26
CA VAL A 71 -6.03 -5.13 4.94
C VAL A 71 -6.37 -4.26 6.12
N GLU A 72 -5.40 -4.12 6.96
CA GLU A 72 -5.48 -3.25 8.08
C GLU A 72 -4.24 -2.40 8.02
N ALA A 73 -4.40 -1.10 7.88
CA ALA A 73 -3.24 -0.23 7.87
C ALA A 73 -2.78 -0.06 9.30
N LYS A 74 -1.90 -0.96 9.69
CA LYS A 74 -1.39 -1.09 11.05
C LYS A 74 -0.57 0.12 11.48
N ASP A 75 0.43 0.43 10.68
CA ASP A 75 1.38 1.49 10.98
C ASP A 75 1.86 2.13 9.69
N GLN A 76 2.49 3.28 9.80
CA GLN A 76 2.91 4.11 8.66
C GLN A 76 4.15 3.56 7.95
N ASN A 77 4.52 2.32 8.26
CA ASN A 77 5.58 1.64 7.52
C ASN A 77 4.97 1.17 6.21
N CYS A 78 3.64 1.07 6.22
CA CYS A 78 2.82 0.71 5.09
C CYS A 78 3.20 -0.56 4.36
N LYS A 79 3.25 -1.63 5.10
CA LYS A 79 3.36 -2.92 4.46
C LYS A 79 1.97 -3.43 4.31
N VAL A 80 1.80 -4.27 3.36
CA VAL A 80 0.49 -4.82 3.13
C VAL A 80 0.23 -5.94 4.13
N ILE A 81 -0.49 -5.58 5.16
CA ILE A 81 -0.81 -6.50 6.21
C ILE A 81 -2.29 -6.73 6.18
N LEU A 82 -2.65 -7.96 5.97
CA LEU A 82 -4.00 -8.34 5.84
C LEU A 82 -4.61 -8.50 7.19
N THR A 83 -5.89 -8.31 7.23
CA THR A 83 -6.66 -8.40 8.47
C THR A 83 -6.60 -9.79 9.07
N ASN A 84 -6.49 -10.75 8.20
CA ASN A 84 -6.52 -12.13 8.57
C ASN A 84 -5.14 -12.71 8.53
N GLY A 85 -4.20 -11.81 8.27
CA GLY A 85 -2.79 -12.13 8.38
C GLY A 85 -2.27 -12.80 7.15
N LYS A 86 -3.14 -12.83 6.18
CA LYS A 86 -2.92 -13.40 4.88
C LYS A 86 -1.70 -12.88 4.15
N GLN A 87 -1.30 -13.67 3.20
CA GLN A 87 -0.21 -13.38 2.32
C GLN A 87 -0.75 -12.60 1.14
N ALA A 88 -0.12 -11.49 0.86
CA ALA A 88 -0.50 -10.70 -0.28
C ALA A 88 0.59 -10.83 -1.33
N PRO A 89 0.18 -10.94 -2.62
CA PRO A 89 1.08 -11.04 -3.77
C PRO A 89 2.17 -9.97 -3.81
N ASP A 90 3.24 -10.32 -4.50
CA ASP A 90 4.45 -9.49 -4.64
C ASP A 90 4.11 -8.13 -5.22
N TRP A 91 3.12 -8.11 -6.10
CA TRP A 91 2.70 -6.91 -6.79
C TRP A 91 1.79 -6.01 -5.95
N LEU A 92 1.34 -6.48 -4.81
CA LEU A 92 0.46 -5.70 -4.00
C LEU A 92 1.30 -4.78 -3.11
N ALA A 93 1.29 -3.52 -3.44
CA ALA A 93 2.13 -2.55 -2.75
C ALA A 93 1.33 -1.61 -1.89
N ALA A 94 2.02 -1.05 -0.92
CA ALA A 94 1.50 -0.06 -0.04
C ALA A 94 2.63 0.91 0.28
N GLU A 95 2.32 2.18 0.31
CA GLU A 95 3.26 3.22 0.66
C GLU A 95 2.42 4.37 1.17
N PRO A 96 2.89 5.20 2.10
CA PRO A 96 2.10 6.32 2.58
C PRO A 96 1.93 7.42 1.50
N TYR A 97 0.82 8.12 1.60
CA TYR A 97 0.39 9.08 0.60
C TYR A 97 1.22 10.37 0.54
N SER A 19 15.44 11.14 -20.57
CA SER A 19 15.35 9.74 -20.17
C SER A 19 15.32 9.67 -18.65
N GLY A 20 14.69 8.66 -18.12
CA GLY A 20 14.68 8.44 -16.70
C GLY A 20 15.89 7.61 -16.33
N ARG A 21 16.74 8.14 -15.49
CA ARG A 21 17.97 7.47 -15.13
C ARG A 21 17.88 6.68 -13.84
N GLU A 22 19.02 6.08 -13.47
CA GLU A 22 19.26 5.22 -12.30
C GLU A 22 18.36 5.59 -11.14
N ASN A 23 17.40 4.74 -10.86
CA ASN A 23 16.52 4.97 -9.72
C ASN A 23 17.14 4.48 -8.45
N LEU A 24 17.86 5.35 -7.80
CA LEU A 24 18.46 5.02 -6.55
C LEU A 24 17.93 5.95 -5.50
N TYR A 25 17.24 5.40 -4.55
CA TYR A 25 16.78 6.17 -3.44
C TYR A 25 17.76 5.96 -2.31
N PHE A 26 18.63 6.92 -2.16
CA PHE A 26 19.69 6.86 -1.20
C PHE A 26 19.14 7.41 0.10
N GLN A 27 19.94 7.47 1.15
CA GLN A 27 19.39 7.85 2.44
C GLN A 27 19.17 9.34 2.62
N GLY A 28 17.99 9.71 2.22
CA GLY A 28 17.47 11.04 2.38
C GLY A 28 16.07 10.85 2.87
N HIS A 29 15.67 11.59 3.87
CA HIS A 29 14.38 11.36 4.48
C HIS A 29 13.22 11.96 3.73
N MET A 30 12.18 11.15 3.64
CA MET A 30 10.92 11.53 3.04
C MET A 30 10.14 12.25 4.13
N ALA A 31 9.14 13.01 3.75
CA ALA A 31 8.30 13.71 4.68
C ALA A 31 7.52 12.72 5.53
N ALA A 32 7.03 13.23 6.64
CA ALA A 32 6.27 12.47 7.62
C ALA A 32 5.09 11.76 6.94
N PRO A 33 5.01 10.41 7.10
CA PRO A 33 3.93 9.58 6.53
C PRO A 33 2.56 10.19 6.80
N ALA A 34 1.84 10.44 5.71
CA ALA A 34 0.56 11.15 5.66
C ALA A 34 -0.64 10.44 6.30
N ARG A 35 -0.39 9.64 7.30
CA ARG A 35 -1.42 8.93 8.07
C ARG A 35 -2.35 8.08 7.18
N SER A 36 -1.84 7.58 6.08
CA SER A 36 -2.56 6.71 5.17
C SER A 36 -1.58 5.92 4.31
N CYS A 37 -1.82 4.64 4.10
CA CYS A 37 -1.03 3.81 3.23
C CYS A 37 -1.89 3.57 2.03
N VAL A 38 -1.34 3.76 0.87
CA VAL A 38 -2.09 3.69 -0.36
C VAL A 38 -1.64 2.46 -1.08
N TYR A 39 -2.58 1.62 -1.41
CA TYR A 39 -2.29 0.34 -1.99
C TYR A 39 -2.27 0.43 -3.49
N TYR A 40 -1.24 -0.14 -4.06
CA TYR A 40 -1.02 -0.15 -5.47
C TYR A 40 -0.86 -1.58 -5.96
N ASP A 41 -0.91 -1.70 -7.25
CA ASP A 41 -0.73 -2.96 -7.98
C ASP A 41 0.43 -2.74 -8.89
N GLY A 42 1.57 -3.23 -8.54
CA GLY A 42 2.70 -3.09 -9.42
C GLY A 42 3.88 -3.87 -8.98
N HIS A 43 4.57 -4.42 -9.91
CA HIS A 43 5.79 -5.16 -9.61
C HIS A 43 6.95 -4.17 -9.66
N LEU A 44 6.76 -3.12 -10.43
CA LEU A 44 7.70 -2.05 -10.58
C LEU A 44 7.06 -0.80 -10.08
N PRO A 45 7.83 0.08 -9.42
CA PRO A 45 7.33 1.38 -8.97
C PRO A 45 6.67 2.14 -10.12
N ALA A 46 7.26 2.00 -11.30
CA ALA A 46 6.77 2.71 -12.47
C ALA A 46 5.49 2.13 -13.07
N THR A 47 5.15 0.90 -12.72
CA THR A 47 3.98 0.26 -13.32
C THR A 47 2.82 0.12 -12.33
N ARG A 48 2.97 0.72 -11.15
CA ARG A 48 1.96 0.62 -10.13
C ARG A 48 0.65 1.29 -10.53
N VAL A 49 -0.43 0.68 -10.13
CA VAL A 49 -1.78 1.12 -10.40
C VAL A 49 -2.37 1.48 -9.05
N LEU A 50 -3.08 2.58 -8.98
CA LEU A 50 -3.65 3.06 -7.72
C LEU A 50 -4.88 2.22 -7.40
N LEU A 51 -4.84 1.44 -6.34
CA LEU A 51 -5.98 0.64 -5.97
C LEU A 51 -6.89 1.39 -5.01
N MET A 52 -6.38 1.75 -3.84
CA MET A 52 -7.17 2.45 -2.85
C MET A 52 -6.31 2.97 -1.70
N TYR A 53 -6.83 3.97 -1.01
CA TYR A 53 -6.17 4.59 0.13
C TYR A 53 -6.67 3.96 1.42
N VAL A 54 -5.77 3.62 2.31
CA VAL A 54 -6.13 3.05 3.60
C VAL A 54 -5.51 3.90 4.70
N ARG A 55 -6.35 4.59 5.45
CA ARG A 55 -5.94 5.42 6.55
C ARG A 55 -5.20 4.58 7.59
N ILE A 56 -4.19 5.15 8.20
CA ILE A 56 -3.46 4.45 9.25
C ILE A 56 -4.40 4.28 10.45
N GLY A 57 -4.60 3.06 10.80
CA GLY A 57 -5.46 2.71 11.91
C GLY A 57 -6.83 2.33 11.42
N ASN A 58 -6.90 2.07 10.14
CA ASN A 58 -8.15 1.69 9.51
C ASN A 58 -7.96 0.45 8.69
N THR A 59 -9.03 -0.23 8.47
CA THR A 59 -9.05 -1.40 7.65
C THR A 59 -9.74 -1.07 6.35
N ALA A 60 -9.36 -1.77 5.32
CA ALA A 60 -9.97 -1.56 4.04
C ALA A 60 -10.00 -2.84 3.27
N THR A 61 -11.01 -3.01 2.47
CA THR A 61 -11.09 -4.19 1.64
C THR A 61 -10.81 -3.76 0.20
N ILE A 62 -9.69 -4.24 -0.31
CA ILE A 62 -9.18 -3.85 -1.61
C ILE A 62 -9.63 -4.84 -2.64
N THR A 63 -10.36 -4.40 -3.61
CA THR A 63 -10.72 -5.28 -4.68
C THR A 63 -9.72 -5.06 -5.81
N ALA A 64 -9.08 -6.13 -6.23
CA ALA A 64 -8.14 -6.13 -7.31
C ALA A 64 -8.27 -7.46 -8.02
N ARG A 65 -8.59 -7.41 -9.30
CA ARG A 65 -8.80 -8.58 -10.14
C ARG A 65 -10.04 -9.35 -9.66
N GLY A 66 -10.90 -8.65 -9.00
CA GLY A 66 -12.10 -9.22 -8.43
C GLY A 66 -11.83 -9.93 -7.11
N HIS A 67 -10.60 -9.82 -6.63
CA HIS A 67 -10.21 -10.40 -5.36
C HIS A 67 -10.21 -9.29 -4.33
N GLU A 68 -10.90 -9.49 -3.23
CA GLU A 68 -10.91 -8.53 -2.16
C GLU A 68 -9.90 -8.92 -1.09
N PHE A 69 -9.11 -7.96 -0.67
CA PHE A 69 -8.12 -8.15 0.35
C PHE A 69 -8.47 -7.25 1.51
N GLU A 70 -8.83 -7.80 2.63
CA GLU A 70 -9.11 -6.96 3.77
C GLU A 70 -7.78 -6.74 4.46
N VAL A 71 -7.30 -5.53 4.39
CA VAL A 71 -6.04 -5.13 4.95
C VAL A 71 -6.26 -4.20 6.11
N GLU A 72 -5.25 -4.06 6.89
CA GLU A 72 -5.28 -3.19 8.01
C GLU A 72 -4.01 -2.39 7.95
N ALA A 73 -4.13 -1.12 7.66
CA ALA A 73 -2.94 -0.28 7.69
C ALA A 73 -2.71 0.04 9.15
N LYS A 74 -1.94 -0.81 9.78
CA LYS A 74 -1.69 -0.73 11.21
C LYS A 74 -0.77 0.41 11.54
N ASP A 75 0.27 0.49 10.76
CA ASP A 75 1.35 1.45 10.99
C ASP A 75 1.88 1.94 9.65
N GLN A 76 2.62 3.04 9.69
CA GLN A 76 3.22 3.73 8.54
C GLN A 76 4.32 2.94 7.81
N ASN A 77 4.43 1.68 8.16
CA ASN A 77 5.32 0.71 7.52
C ASN A 77 4.88 0.56 6.07
N CYS A 78 3.57 0.56 5.91
CA CYS A 78 2.86 0.45 4.64
C CYS A 78 3.12 -0.81 3.83
N LYS A 79 3.50 -1.85 4.50
CA LYS A 79 3.52 -3.13 3.85
C LYS A 79 2.11 -3.64 3.80
N VAL A 80 1.88 -4.49 2.87
CA VAL A 80 0.57 -5.07 2.76
C VAL A 80 0.37 -6.06 3.91
N ILE A 81 -0.45 -5.70 4.84
CA ILE A 81 -0.75 -6.57 5.94
C ILE A 81 -2.22 -6.80 5.93
N LEU A 82 -2.59 -8.03 5.78
CA LEU A 82 -3.97 -8.39 5.75
C LEU A 82 -4.49 -8.52 7.14
N THR A 83 -5.75 -8.37 7.25
CA THR A 83 -6.44 -8.52 8.53
C THR A 83 -6.43 -9.95 9.00
N ASN A 84 -6.27 -10.85 8.04
CA ASN A 84 -6.26 -12.27 8.35
C ASN A 84 -4.82 -12.72 8.50
N GLY A 85 -3.90 -11.82 8.23
CA GLY A 85 -2.47 -12.07 8.43
C GLY A 85 -1.92 -12.89 7.30
N LYS A 86 -2.64 -12.84 6.21
CA LYS A 86 -2.35 -13.59 5.04
C LYS A 86 -1.22 -12.96 4.28
N GLN A 87 -0.67 -13.73 3.40
CA GLN A 87 0.34 -13.24 2.51
C GLN A 87 -0.33 -12.80 1.23
N ALA A 88 -0.08 -11.59 0.84
CA ALA A 88 -0.64 -11.05 -0.37
C ALA A 88 0.45 -11.04 -1.43
N PRO A 89 0.06 -10.98 -2.72
CA PRO A 89 0.99 -10.89 -3.86
C PRO A 89 2.11 -9.87 -3.65
N ASP A 90 3.27 -10.18 -4.20
CA ASP A 90 4.45 -9.32 -4.08
C ASP A 90 4.27 -8.01 -4.83
N TRP A 91 3.38 -8.02 -5.79
CA TRP A 91 3.06 -6.82 -6.57
C TRP A 91 2.07 -5.92 -5.83
N LEU A 92 1.54 -6.40 -4.74
CA LEU A 92 0.61 -5.63 -3.96
C LEU A 92 1.40 -4.72 -3.02
N ALA A 93 1.47 -3.47 -3.38
CA ALA A 93 2.29 -2.49 -2.68
C ALA A 93 1.45 -1.47 -1.95
N ALA A 94 2.12 -0.70 -1.15
CA ALA A 94 1.52 0.40 -0.42
C ALA A 94 2.60 1.40 -0.01
N GLU A 95 2.30 2.66 -0.17
CA GLU A 95 3.18 3.75 0.21
C GLU A 95 2.27 4.78 0.85
N PRO A 96 2.70 5.54 1.84
CA PRO A 96 1.86 6.59 2.41
C PRO A 96 1.65 7.69 1.38
N TYR A 97 0.40 8.12 1.28
CA TYR A 97 -0.06 9.04 0.26
C TYR A 97 0.70 10.35 0.24
N SER A 19 1.30 -19.34 3.78
CA SER A 19 0.66 -19.47 5.09
C SER A 19 1.73 -19.63 6.20
N GLY A 20 2.99 -19.29 5.88
CA GLY A 20 4.04 -19.35 6.86
C GLY A 20 3.93 -18.21 7.83
N ARG A 21 4.84 -18.14 8.77
CA ARG A 21 4.75 -17.11 9.77
C ARG A 21 6.07 -16.42 10.03
N GLU A 22 5.96 -15.15 10.26
CA GLU A 22 7.03 -14.28 10.63
C GLU A 22 6.42 -13.19 11.49
N ASN A 23 7.14 -12.72 12.46
CA ASN A 23 6.62 -11.65 13.27
C ASN A 23 7.08 -10.34 12.68
N LEU A 24 6.27 -9.82 11.79
CA LEU A 24 6.56 -8.55 11.19
C LEU A 24 5.85 -7.49 12.03
N TYR A 25 6.56 -7.02 12.99
CA TYR A 25 6.02 -6.11 13.96
C TYR A 25 6.18 -4.69 13.47
N PHE A 26 5.19 -4.23 12.75
CA PHE A 26 5.16 -2.86 12.32
C PHE A 26 3.92 -2.19 12.82
N GLN A 27 4.05 -1.66 14.01
CA GLN A 27 3.08 -0.82 14.65
C GLN A 27 3.90 0.09 15.53
N GLY A 28 4.33 1.19 15.01
CA GLY A 28 5.21 2.05 15.78
C GLY A 28 4.59 3.35 16.22
N HIS A 29 5.40 4.12 16.92
CA HIS A 29 5.04 5.44 17.43
C HIS A 29 6.19 6.38 17.14
N MET A 30 6.00 7.19 16.13
CA MET A 30 7.00 8.13 15.66
C MET A 30 6.25 9.31 15.06
N ALA A 31 6.92 10.45 14.90
CA ALA A 31 6.39 11.50 14.06
C ALA A 31 6.48 10.92 12.66
N ALA A 32 5.40 10.32 12.27
CA ALA A 32 5.36 9.48 11.11
C ALA A 32 4.91 10.21 9.88
N PRO A 33 5.14 9.59 8.70
CA PRO A 33 4.52 10.01 7.43
C PRO A 33 3.01 10.26 7.58
N ALA A 34 2.42 10.72 6.52
CA ALA A 34 1.06 11.27 6.45
C ALA A 34 -0.15 10.37 6.81
N ARG A 35 0.07 9.40 7.67
CA ARG A 35 -0.95 8.51 8.24
C ARG A 35 -1.94 7.97 7.18
N SER A 36 -1.44 7.65 6.01
CA SER A 36 -2.26 7.15 4.93
C SER A 36 -1.49 6.11 4.15
N CYS A 37 -2.07 4.95 3.88
CA CYS A 37 -1.41 3.99 3.05
C CYS A 37 -2.14 3.97 1.74
N VAL A 38 -1.39 4.06 0.70
CA VAL A 38 -1.89 4.18 -0.64
C VAL A 38 -1.54 2.91 -1.36
N TYR A 39 -2.55 2.22 -1.79
CA TYR A 39 -2.39 0.93 -2.39
C TYR A 39 -2.26 1.02 -3.88
N TYR A 40 -1.23 0.37 -4.38
CA TYR A 40 -0.95 0.35 -5.76
C TYR A 40 -0.88 -1.07 -6.27
N ASP A 41 -1.45 -1.28 -7.41
CA ASP A 41 -1.39 -2.54 -8.12
C ASP A 41 -0.25 -2.47 -9.08
N GLY A 42 0.83 -3.08 -8.72
CA GLY A 42 1.96 -3.09 -9.58
C GLY A 42 2.98 -4.02 -9.09
N HIS A 43 3.40 -4.87 -9.96
CA HIS A 43 4.42 -5.86 -9.63
C HIS A 43 5.75 -5.14 -9.65
N LEU A 44 5.73 -4.02 -10.33
CA LEU A 44 6.84 -3.11 -10.45
C LEU A 44 6.30 -1.74 -10.12
N PRO A 45 7.09 -0.89 -9.45
CA PRO A 45 6.71 0.49 -9.19
C PRO A 45 6.65 1.30 -10.49
N ALA A 46 7.06 0.69 -11.59
CA ALA A 46 6.96 1.31 -12.89
C ALA A 46 5.49 1.27 -13.39
N THR A 47 4.92 0.09 -13.40
CA THR A 47 3.59 -0.17 -13.95
C THR A 47 2.47 -0.20 -12.89
N ARG A 48 2.71 0.44 -11.76
CA ARG A 48 1.77 0.48 -10.65
C ARG A 48 0.47 1.25 -11.01
N VAL A 49 -0.62 0.91 -10.33
CA VAL A 49 -1.92 1.53 -10.56
C VAL A 49 -2.48 1.89 -9.21
N LEU A 50 -3.14 3.01 -9.09
CA LEU A 50 -3.75 3.38 -7.83
C LEU A 50 -4.97 2.52 -7.58
N LEU A 51 -4.97 1.83 -6.47
CA LEU A 51 -6.13 1.09 -6.07
C LEU A 51 -7.01 1.98 -5.20
N MET A 52 -6.46 2.41 -4.08
CA MET A 52 -7.18 3.21 -3.09
C MET A 52 -6.28 3.72 -2.00
N TYR A 53 -6.85 4.61 -1.23
CA TYR A 53 -6.22 5.19 -0.07
C TYR A 53 -6.88 4.63 1.18
N VAL A 54 -6.07 4.18 2.10
CA VAL A 54 -6.55 3.68 3.37
C VAL A 54 -5.95 4.57 4.43
N ARG A 55 -6.74 4.99 5.38
CA ARG A 55 -6.21 5.86 6.39
C ARG A 55 -5.52 4.98 7.41
N ILE A 56 -4.30 5.32 7.74
CA ILE A 56 -3.53 4.53 8.72
C ILE A 56 -4.25 4.41 10.06
N GLY A 57 -4.49 3.16 10.39
CA GLY A 57 -5.17 2.75 11.58
C GLY A 57 -6.33 1.87 11.21
N ASN A 58 -6.82 2.09 10.01
CA ASN A 58 -8.05 1.49 9.52
C ASN A 58 -7.78 0.31 8.59
N THR A 59 -8.82 -0.43 8.36
CA THR A 59 -8.84 -1.58 7.50
C THR A 59 -9.53 -1.23 6.19
N ALA A 60 -9.28 -2.03 5.19
CA ALA A 60 -9.93 -1.86 3.89
C ALA A 60 -9.93 -3.15 3.10
N THR A 61 -10.97 -3.35 2.33
CA THR A 61 -11.11 -4.49 1.47
C THR A 61 -10.71 -4.07 0.05
N ILE A 62 -9.58 -4.54 -0.40
CA ILE A 62 -9.08 -4.16 -1.71
C ILE A 62 -9.48 -5.21 -2.70
N THR A 63 -10.38 -4.93 -3.60
CA THR A 63 -10.62 -5.89 -4.65
C THR A 63 -9.71 -5.56 -5.83
N ALA A 64 -8.95 -6.53 -6.22
CA ALA A 64 -8.07 -6.42 -7.35
C ALA A 64 -8.01 -7.77 -8.01
N ARG A 65 -8.34 -7.84 -9.30
CA ARG A 65 -8.40 -9.08 -10.08
C ARG A 65 -9.43 -10.04 -9.52
N GLY A 66 -10.39 -9.48 -8.82
CA GLY A 66 -11.43 -10.26 -8.19
C GLY A 66 -10.96 -10.87 -6.88
N HIS A 67 -9.83 -10.43 -6.37
CA HIS A 67 -9.33 -10.89 -5.08
C HIS A 67 -9.61 -9.80 -4.09
N GLU A 68 -10.25 -10.11 -2.99
CA GLU A 68 -10.39 -9.15 -1.92
C GLU A 68 -9.23 -9.32 -0.96
N PHE A 69 -8.42 -8.29 -0.85
CA PHE A 69 -7.34 -8.28 0.08
C PHE A 69 -7.79 -7.39 1.19
N GLU A 70 -8.15 -7.94 2.31
CA GLU A 70 -8.60 -7.09 3.36
C GLU A 70 -7.41 -6.85 4.27
N VAL A 71 -6.96 -5.63 4.24
CA VAL A 71 -5.77 -5.20 4.92
C VAL A 71 -6.10 -4.35 6.10
N GLU A 72 -5.09 -4.12 6.87
CA GLU A 72 -5.12 -3.22 7.97
C GLU A 72 -3.90 -2.35 7.80
N ALA A 73 -4.11 -1.13 7.34
CA ALA A 73 -3.01 -0.22 7.15
C ALA A 73 -2.68 0.32 8.52
N LYS A 74 -1.82 -0.38 9.21
CA LYS A 74 -1.54 -0.06 10.58
C LYS A 74 -0.33 0.81 10.88
N ASP A 75 0.66 0.81 10.01
CA ASP A 75 1.87 1.54 10.33
C ASP A 75 2.35 2.34 9.13
N GLN A 76 3.16 3.36 9.39
CA GLN A 76 3.73 4.29 8.42
C GLN A 76 4.56 3.61 7.35
N ASN A 77 5.00 2.40 7.63
CA ASN A 77 5.80 1.65 6.67
C ASN A 77 4.91 1.15 5.57
N CYS A 78 3.60 1.12 5.84
CA CYS A 78 2.59 0.67 4.92
C CYS A 78 2.89 -0.70 4.39
N LYS A 79 3.35 -1.54 5.30
CA LYS A 79 3.58 -2.92 5.03
C LYS A 79 2.22 -3.50 4.74
N VAL A 80 2.13 -4.28 3.71
CA VAL A 80 0.86 -4.87 3.38
C VAL A 80 0.58 -6.03 4.33
N ILE A 81 -0.21 -5.74 5.32
CA ILE A 81 -0.57 -6.72 6.29
C ILE A 81 -2.04 -6.95 6.16
N LEU A 82 -2.36 -8.16 5.83
CA LEU A 82 -3.72 -8.53 5.70
C LEU A 82 -4.30 -8.82 7.03
N THR A 83 -5.49 -8.36 7.17
CA THR A 83 -6.19 -8.47 8.45
C THR A 83 -6.84 -9.86 8.54
N ASN A 84 -6.62 -10.65 7.49
CA ASN A 84 -7.10 -12.02 7.39
C ASN A 84 -5.98 -12.96 7.81
N GLY A 85 -4.82 -12.38 8.09
CA GLY A 85 -3.67 -13.13 8.55
C GLY A 85 -2.91 -13.65 7.37
N LYS A 86 -3.08 -12.95 6.28
CA LYS A 86 -2.48 -13.31 5.03
C LYS A 86 -1.34 -12.36 4.73
N GLN A 87 -0.55 -12.75 3.77
CA GLN A 87 0.54 -11.95 3.25
C GLN A 87 0.15 -11.76 1.77
N ALA A 88 0.46 -10.64 1.17
CA ALA A 88 0.00 -10.35 -0.17
C ALA A 88 1.14 -10.42 -1.20
N PRO A 89 0.80 -10.66 -2.49
CA PRO A 89 1.78 -10.72 -3.58
C PRO A 89 2.54 -9.41 -3.76
N ASP A 90 3.66 -9.46 -4.49
CA ASP A 90 4.55 -8.32 -4.71
C ASP A 90 3.82 -7.17 -5.38
N TRP A 91 2.83 -7.51 -6.19
CA TRP A 91 2.10 -6.51 -6.92
C TRP A 91 1.16 -5.70 -6.04
N LEU A 92 0.90 -6.16 -4.83
CA LEU A 92 0.06 -5.38 -3.98
C LEU A 92 0.93 -4.47 -3.15
N ALA A 93 1.01 -3.24 -3.56
CA ALA A 93 1.87 -2.26 -2.92
C ALA A 93 1.08 -1.30 -2.06
N ALA A 94 1.79 -0.68 -1.16
CA ALA A 94 1.25 0.33 -0.27
C ALA A 94 2.37 1.27 0.17
N GLU A 95 2.12 2.56 0.07
CA GLU A 95 3.07 3.59 0.44
C GLU A 95 2.32 4.78 1.05
N PRO A 96 2.88 5.50 2.03
CA PRO A 96 2.27 6.73 2.57
C PRO A 96 2.09 7.86 1.56
N TYR A 97 0.90 8.42 1.57
CA TYR A 97 0.57 9.63 0.86
C TYR A 97 0.65 10.74 1.87
N SER A 19 -4.84 -7.13 -16.13
CA SER A 19 -3.46 -6.73 -15.99
C SER A 19 -2.60 -7.98 -15.97
N GLY A 20 -1.45 -7.92 -16.59
CA GLY A 20 -0.54 -9.02 -16.57
C GLY A 20 0.52 -8.72 -15.56
N ARG A 21 1.14 -9.74 -15.03
CA ARG A 21 2.14 -9.53 -14.01
C ARG A 21 3.53 -9.60 -14.59
N GLU A 22 4.07 -8.44 -14.86
CA GLU A 22 5.42 -8.31 -15.37
C GLU A 22 6.34 -8.63 -14.19
N ASN A 23 7.51 -9.17 -14.46
CA ASN A 23 8.43 -9.56 -13.39
C ASN A 23 8.78 -8.37 -12.54
N LEU A 24 8.31 -8.41 -11.31
CA LEU A 24 8.41 -7.28 -10.43
C LEU A 24 9.81 -7.09 -9.89
N TYR A 25 10.06 -5.87 -9.56
CA TYR A 25 11.31 -5.40 -9.00
C TYR A 25 10.90 -4.52 -7.86
N PHE A 26 11.67 -4.48 -6.82
CA PHE A 26 11.27 -3.69 -5.69
C PHE A 26 11.45 -2.22 -5.96
N GLN A 27 10.33 -1.55 -5.83
CA GLN A 27 10.17 -0.16 -6.16
C GLN A 27 11.04 0.73 -5.32
N GLY A 28 11.67 1.65 -6.01
CA GLY A 28 12.52 2.66 -5.40
C GLY A 28 11.74 3.59 -4.49
N HIS A 29 12.47 4.55 -3.91
CA HIS A 29 11.99 5.47 -2.86
C HIS A 29 10.50 5.80 -2.90
N MET A 30 9.80 5.24 -1.93
CA MET A 30 8.38 5.41 -1.79
C MET A 30 8.18 6.72 -1.03
N ALA A 31 6.94 7.07 -0.82
CA ALA A 31 6.59 8.33 -0.18
C ALA A 31 6.85 8.35 1.35
N ALA A 32 6.57 9.49 1.93
CA ALA A 32 6.77 9.75 3.34
C ALA A 32 5.51 9.47 4.15
N PRO A 33 5.65 8.90 5.39
CA PRO A 33 4.52 8.56 6.29
C PRO A 33 3.54 9.72 6.48
N ALA A 34 2.30 9.48 6.06
CA ALA A 34 1.29 10.53 6.03
C ALA A 34 -0.05 10.05 6.57
N ARG A 35 -0.01 9.17 7.53
CA ARG A 35 -1.21 8.63 8.19
C ARG A 35 -2.22 7.93 7.28
N SER A 36 -1.73 7.43 6.19
CA SER A 36 -2.49 6.64 5.26
C SER A 36 -1.52 5.80 4.44
N CYS A 37 -1.82 4.54 4.23
CA CYS A 37 -1.02 3.68 3.39
C CYS A 37 -1.85 3.50 2.15
N VAL A 38 -1.25 3.70 1.04
CA VAL A 38 -1.93 3.71 -0.22
C VAL A 38 -1.49 2.49 -0.97
N TYR A 39 -2.45 1.71 -1.36
CA TYR A 39 -2.19 0.45 -1.97
C TYR A 39 -2.21 0.59 -3.48
N TYR A 40 -1.17 0.05 -4.07
CA TYR A 40 -0.94 0.11 -5.47
C TYR A 40 -0.71 -1.27 -6.02
N ASP A 41 -1.02 -1.40 -7.26
CA ASP A 41 -0.68 -2.57 -8.05
C ASP A 41 0.61 -2.18 -8.72
N GLY A 42 1.71 -2.69 -8.24
CA GLY A 42 2.96 -2.27 -8.82
C GLY A 42 3.99 -3.35 -8.90
N HIS A 43 4.47 -3.47 -10.08
CA HIS A 43 5.49 -4.43 -10.42
C HIS A 43 6.84 -3.72 -10.52
N LEU A 44 6.79 -2.54 -11.09
CA LEU A 44 7.94 -1.72 -11.30
C LEU A 44 7.51 -0.34 -10.76
N PRO A 45 8.43 0.49 -10.21
CA PRO A 45 8.10 1.81 -9.59
C PRO A 45 7.32 2.81 -10.46
N ALA A 46 7.23 2.55 -11.75
CA ALA A 46 6.50 3.42 -12.65
C ALA A 46 5.09 2.91 -12.85
N THR A 47 4.94 1.63 -12.66
CA THR A 47 3.73 0.95 -13.01
C THR A 47 2.76 0.80 -11.84
N ARG A 48 3.08 1.43 -10.73
CA ARG A 48 2.23 1.40 -9.55
C ARG A 48 0.88 2.08 -9.80
N VAL A 49 -0.16 1.28 -9.84
CA VAL A 49 -1.51 1.73 -10.15
C VAL A 49 -2.21 2.01 -8.84
N LEU A 50 -2.80 3.18 -8.75
CA LEU A 50 -3.48 3.62 -7.54
C LEU A 50 -4.75 2.79 -7.34
N LEU A 51 -4.73 1.91 -6.36
CA LEU A 51 -5.89 1.10 -6.05
C LEU A 51 -6.76 1.77 -5.01
N MET A 52 -6.21 1.99 -3.83
CA MET A 52 -6.98 2.49 -2.72
C MET A 52 -6.11 3.21 -1.68
N TYR A 53 -6.65 4.26 -1.11
CA TYR A 53 -6.04 4.95 0.02
C TYR A 53 -6.62 4.36 1.29
N VAL A 54 -5.77 3.89 2.18
CA VAL A 54 -6.22 3.33 3.44
C VAL A 54 -5.65 4.15 4.58
N ARG A 55 -6.50 4.79 5.35
CA ARG A 55 -6.05 5.58 6.48
C ARG A 55 -5.45 4.65 7.52
N ILE A 56 -4.42 5.12 8.18
CA ILE A 56 -3.79 4.35 9.26
C ILE A 56 -4.80 4.20 10.38
N GLY A 57 -5.04 2.98 10.73
CA GLY A 57 -5.95 2.64 11.79
C GLY A 57 -7.24 2.10 11.22
N ASN A 58 -7.25 1.91 9.93
CA ASN A 58 -8.42 1.44 9.24
C ASN A 58 -8.09 0.23 8.40
N THR A 59 -9.10 -0.50 8.08
CA THR A 59 -9.01 -1.65 7.24
C THR A 59 -9.69 -1.32 5.94
N ALA A 60 -9.30 -1.98 4.89
CA ALA A 60 -9.90 -1.72 3.61
C ALA A 60 -9.98 -2.95 2.75
N THR A 61 -11.18 -3.22 2.32
CA THR A 61 -11.52 -4.24 1.37
C THR A 61 -10.96 -3.86 0.00
N ILE A 62 -9.83 -4.43 -0.36
CA ILE A 62 -9.20 -4.11 -1.64
C ILE A 62 -9.62 -5.15 -2.64
N THR A 63 -10.42 -4.81 -3.59
CA THR A 63 -10.72 -5.78 -4.59
C THR A 63 -9.71 -5.58 -5.72
N ALA A 64 -9.01 -6.63 -6.05
CA ALA A 64 -8.07 -6.63 -7.13
C ALA A 64 -8.12 -7.99 -7.76
N ARG A 65 -8.43 -8.02 -9.05
CA ARG A 65 -8.58 -9.21 -9.85
C ARG A 65 -9.71 -10.08 -9.28
N GLY A 66 -10.67 -9.40 -8.72
CA GLY A 66 -11.84 -10.07 -8.15
C GLY A 66 -11.62 -10.60 -6.75
N HIS A 67 -10.43 -10.44 -6.21
CA HIS A 67 -10.15 -10.90 -4.85
C HIS A 67 -10.22 -9.71 -3.94
N GLU A 68 -10.90 -9.83 -2.83
CA GLU A 68 -10.85 -8.79 -1.85
C GLU A 68 -9.74 -9.12 -0.89
N PHE A 69 -8.89 -8.18 -0.66
CA PHE A 69 -7.86 -8.29 0.30
C PHE A 69 -8.23 -7.30 1.36
N GLU A 70 -8.75 -7.77 2.46
CA GLU A 70 -9.08 -6.84 3.52
C GLU A 70 -7.77 -6.57 4.23
N VAL A 71 -7.26 -5.39 4.06
CA VAL A 71 -5.98 -5.04 4.62
C VAL A 71 -6.21 -4.31 5.91
N GLU A 72 -5.23 -4.33 6.75
CA GLU A 72 -5.27 -3.62 7.98
C GLU A 72 -4.08 -2.71 7.98
N ALA A 73 -4.30 -1.46 7.67
CA ALA A 73 -3.21 -0.54 7.74
C ALA A 73 -3.16 -0.12 9.19
N LYS A 74 -2.45 -0.91 9.95
CA LYS A 74 -2.33 -0.71 11.37
C LYS A 74 -1.43 0.46 11.73
N ASP A 75 -0.34 0.60 11.02
CA ASP A 75 0.62 1.64 11.30
C ASP A 75 1.30 1.99 9.98
N GLN A 76 2.19 2.96 9.99
CA GLN A 76 2.93 3.44 8.81
C GLN A 76 4.01 2.46 8.33
N ASN A 77 3.76 1.19 8.56
CA ASN A 77 4.62 0.11 8.10
C ASN A 77 4.49 0.10 6.59
N CYS A 78 3.25 0.28 6.15
CA CYS A 78 2.79 0.28 4.76
C CYS A 78 3.21 -0.94 3.96
N LYS A 79 3.34 -2.04 4.64
CA LYS A 79 3.41 -3.32 4.00
C LYS A 79 2.02 -3.77 3.74
N VAL A 80 1.89 -4.71 2.88
CA VAL A 80 0.59 -5.24 2.67
C VAL A 80 0.34 -6.30 3.73
N ILE A 81 -0.36 -5.88 4.74
CA ILE A 81 -0.69 -6.71 5.85
C ILE A 81 -2.16 -6.85 5.82
N LEU A 82 -2.60 -8.05 5.66
CA LEU A 82 -3.98 -8.28 5.67
C LEU A 82 -4.43 -8.39 7.07
N THR A 83 -5.64 -7.94 7.27
CA THR A 83 -6.22 -7.89 8.62
C THR A 83 -6.37 -9.32 9.20
N ASN A 84 -6.35 -10.30 8.32
CA ASN A 84 -6.49 -11.70 8.68
C ASN A 84 -5.15 -12.38 8.97
N GLY A 85 -4.05 -11.65 8.75
CA GLY A 85 -2.75 -12.16 9.13
C GLY A 85 -2.00 -12.75 7.97
N LYS A 86 -2.60 -12.71 6.80
CA LYS A 86 -1.96 -13.23 5.63
C LYS A 86 -1.09 -12.19 4.93
N GLN A 87 -0.40 -12.67 3.92
CA GLN A 87 0.35 -11.86 3.00
C GLN A 87 -0.44 -11.81 1.72
N ALA A 88 -0.27 -10.75 1.00
CA ALA A 88 -0.88 -10.59 -0.30
C ALA A 88 0.27 -10.72 -1.30
N PRO A 89 0.03 -10.80 -2.62
CA PRO A 89 1.10 -10.84 -3.63
C PRO A 89 2.00 -9.64 -3.49
N ASP A 90 3.27 -9.81 -3.80
CA ASP A 90 4.28 -8.76 -3.60
C ASP A 90 4.10 -7.58 -4.54
N TRP A 91 3.24 -7.74 -5.54
CA TRP A 91 2.93 -6.64 -6.45
C TRP A 91 1.89 -5.72 -5.82
N LEU A 92 1.25 -6.20 -4.78
CA LEU A 92 0.28 -5.41 -4.08
C LEU A 92 1.06 -4.58 -3.08
N ALA A 93 1.35 -3.38 -3.50
CA ALA A 93 2.22 -2.49 -2.76
C ALA A 93 1.43 -1.51 -1.95
N ALA A 94 2.11 -0.88 -1.04
CA ALA A 94 1.56 0.17 -0.24
C ALA A 94 2.65 1.17 0.05
N GLU A 95 2.31 2.42 0.02
CA GLU A 95 3.20 3.48 0.41
C GLU A 95 2.33 4.56 0.97
N PRO A 96 2.75 5.30 1.98
CA PRO A 96 1.92 6.33 2.56
C PRO A 96 1.71 7.52 1.61
N TYR A 97 0.53 8.10 1.65
CA TYR A 97 0.09 9.11 0.68
C TYR A 97 0.88 10.43 0.65
N SER A 19 5.48 9.11 -18.05
CA SER A 19 5.55 10.50 -17.60
C SER A 19 6.43 10.62 -16.36
N GLY A 20 6.01 10.05 -15.26
CA GLY A 20 6.79 10.10 -14.05
C GLY A 20 7.70 8.92 -13.95
N ARG A 21 8.99 9.16 -14.00
CA ARG A 21 9.96 8.11 -13.88
C ARG A 21 11.01 8.38 -12.85
N GLU A 22 10.79 7.77 -11.73
CA GLU A 22 11.69 7.76 -10.63
C GLU A 22 12.81 6.79 -10.96
N ASN A 23 13.87 7.31 -11.51
CA ASN A 23 15.01 6.52 -11.86
C ASN A 23 15.96 6.59 -10.70
N LEU A 24 16.90 5.69 -10.66
CA LEU A 24 17.80 5.63 -9.55
C LEU A 24 18.91 6.66 -9.63
N TYR A 25 18.68 7.72 -8.91
CA TYR A 25 19.55 8.84 -8.66
C TYR A 25 19.59 8.91 -7.16
N PHE A 26 20.26 9.88 -6.56
CA PHE A 26 20.15 10.06 -5.12
C PHE A 26 18.65 10.19 -4.83
N GLN A 27 18.22 9.40 -3.86
CA GLN A 27 16.83 9.08 -3.56
C GLN A 27 15.76 10.10 -3.91
N GLY A 28 14.90 9.65 -4.82
CA GLY A 28 13.72 10.37 -5.16
C GLY A 28 12.80 10.23 -3.98
N HIS A 29 12.18 11.30 -3.59
CA HIS A 29 11.42 11.32 -2.36
C HIS A 29 10.13 10.56 -2.51
N MET A 30 9.93 9.61 -1.62
CA MET A 30 8.69 8.90 -1.59
C MET A 30 7.68 9.73 -0.86
N ALA A 31 6.47 9.28 -0.88
CA ALA A 31 5.42 9.99 -0.22
C ALA A 31 5.60 9.82 1.29
N ALA A 32 5.45 10.92 1.98
CA ALA A 32 5.70 10.99 3.41
C ALA A 32 4.59 10.33 4.23
N PRO A 33 4.95 9.77 5.42
CA PRO A 33 3.98 9.22 6.38
C PRO A 33 2.85 10.22 6.61
N ALA A 34 1.65 9.82 6.30
CA ALA A 34 0.54 10.76 6.32
C ALA A 34 -0.71 10.16 6.91
N ARG A 35 -0.53 9.26 7.85
CA ARG A 35 -1.64 8.55 8.50
C ARG A 35 -2.56 7.83 7.50
N SER A 36 -2.02 7.44 6.37
CA SER A 36 -2.76 6.70 5.37
C SER A 36 -1.82 5.83 4.53
N CYS A 37 -2.24 4.60 4.24
CA CYS A 37 -1.50 3.69 3.39
C CYS A 37 -2.28 3.59 2.11
N VAL A 38 -1.57 3.73 1.05
CA VAL A 38 -2.14 3.87 -0.27
C VAL A 38 -1.67 2.68 -1.06
N TYR A 39 -2.61 1.97 -1.60
CA TYR A 39 -2.34 0.71 -2.25
C TYR A 39 -2.15 0.89 -3.74
N TYR A 40 -1.14 0.23 -4.23
CA TYR A 40 -0.78 0.27 -5.62
C TYR A 40 -0.64 -1.12 -6.17
N ASP A 41 -1.08 -1.28 -7.38
CA ASP A 41 -0.95 -2.53 -8.13
C ASP A 41 0.30 -2.39 -8.96
N GLY A 42 1.36 -3.02 -8.52
CA GLY A 42 2.57 -3.01 -9.28
C GLY A 42 3.60 -3.91 -8.72
N HIS A 43 4.26 -4.63 -9.58
CA HIS A 43 5.35 -5.49 -9.21
C HIS A 43 6.61 -4.63 -9.10
N LEU A 44 6.60 -3.54 -9.84
CA LEU A 44 7.69 -2.61 -9.85
C LEU A 44 7.13 -1.27 -9.46
N PRO A 45 7.94 -0.41 -8.81
CA PRO A 45 7.52 0.96 -8.48
C PRO A 45 7.38 1.81 -9.75
N ALA A 46 7.78 1.22 -10.87
CA ALA A 46 7.71 1.82 -12.17
C ALA A 46 6.37 1.54 -12.83
N THR A 47 5.62 0.62 -12.26
CA THR A 47 4.33 0.22 -12.81
C THR A 47 3.24 0.20 -11.75
N ARG A 48 3.50 0.87 -10.65
CA ARG A 48 2.55 0.99 -9.56
C ARG A 48 1.30 1.78 -9.99
N VAL A 49 0.13 1.17 -9.82
CA VAL A 49 -1.15 1.77 -10.19
C VAL A 49 -1.93 2.09 -8.93
N LEU A 50 -2.35 3.33 -8.77
CA LEU A 50 -3.15 3.78 -7.62
C LEU A 50 -4.46 3.01 -7.53
N LEU A 51 -4.58 2.19 -6.51
CA LEU A 51 -5.80 1.45 -6.27
C LEU A 51 -6.73 2.22 -5.37
N MET A 52 -6.27 2.50 -4.15
CA MET A 52 -7.09 3.15 -3.13
C MET A 52 -6.28 3.52 -1.91
N TYR A 53 -6.88 4.38 -1.12
CA TYR A 53 -6.32 4.94 0.09
C TYR A 53 -6.98 4.34 1.32
N VAL A 54 -6.19 3.95 2.30
CA VAL A 54 -6.68 3.43 3.57
C VAL A 54 -6.03 4.24 4.66
N ARG A 55 -6.76 4.59 5.69
CA ARG A 55 -6.19 5.36 6.76
C ARG A 55 -5.49 4.43 7.74
N ILE A 56 -4.42 4.91 8.33
CA ILE A 56 -3.66 4.11 9.32
C ILE A 56 -4.52 3.89 10.55
N GLY A 57 -4.63 2.65 10.94
CA GLY A 57 -5.38 2.28 12.11
C GLY A 57 -6.78 1.89 11.73
N ASN A 58 -6.97 1.76 10.45
CA ASN A 58 -8.25 1.41 9.90
C ASN A 58 -8.07 0.27 8.95
N THR A 59 -9.15 -0.39 8.69
CA THR A 59 -9.18 -1.54 7.85
C THR A 59 -9.91 -1.22 6.55
N ALA A 60 -9.60 -2.00 5.54
CA ALA A 60 -10.26 -1.85 4.25
C ALA A 60 -10.14 -3.09 3.38
N THR A 61 -11.25 -3.49 2.82
CA THR A 61 -11.32 -4.56 1.84
C THR A 61 -10.81 -4.02 0.50
N ILE A 62 -9.71 -4.53 0.04
CA ILE A 62 -9.12 -4.11 -1.23
C ILE A 62 -9.57 -5.07 -2.28
N THR A 63 -10.40 -4.66 -3.18
CA THR A 63 -10.68 -5.55 -4.26
C THR A 63 -9.70 -5.16 -5.36
N ALA A 64 -8.92 -6.11 -5.79
CA ALA A 64 -7.96 -5.89 -6.81
C ALA A 64 -7.79 -7.16 -7.62
N ARG A 65 -8.04 -7.03 -8.91
CA ARG A 65 -7.95 -8.09 -9.90
C ARG A 65 -8.95 -9.20 -9.62
N GLY A 66 -10.02 -8.83 -8.94
CA GLY A 66 -11.06 -9.76 -8.61
C GLY A 66 -10.79 -10.50 -7.32
N HIS A 67 -9.84 -10.02 -6.55
CA HIS A 67 -9.54 -10.61 -5.25
C HIS A 67 -9.68 -9.55 -4.18
N GLU A 68 -10.38 -9.85 -3.11
CA GLU A 68 -10.55 -8.91 -2.04
C GLU A 68 -9.54 -9.23 -0.95
N PHE A 69 -8.79 -8.26 -0.54
CA PHE A 69 -7.82 -8.45 0.49
C PHE A 69 -8.22 -7.57 1.63
N GLU A 70 -8.61 -8.13 2.75
CA GLU A 70 -8.95 -7.31 3.88
C GLU A 70 -7.64 -6.88 4.50
N VAL A 71 -7.32 -5.64 4.37
CA VAL A 71 -6.08 -5.15 4.88
C VAL A 71 -6.33 -4.34 6.12
N GLU A 72 -5.30 -4.15 6.86
CA GLU A 72 -5.34 -3.28 7.98
C GLU A 72 -4.14 -2.39 7.82
N ALA A 73 -4.37 -1.11 7.75
CA ALA A 73 -3.24 -0.20 7.65
C ALA A 73 -2.62 -0.09 9.03
N LYS A 74 -1.59 -0.89 9.21
CA LYS A 74 -0.89 -1.05 10.47
C LYS A 74 -0.06 0.14 10.85
N ASP A 75 0.86 0.48 10.01
CA ASP A 75 1.84 1.49 10.34
C ASP A 75 2.17 2.30 9.10
N GLN A 76 2.74 3.48 9.29
CA GLN A 76 3.06 4.42 8.22
C GLN A 76 4.24 3.93 7.37
N ASN A 77 4.76 2.77 7.74
CA ASN A 77 5.78 2.07 6.98
C ASN A 77 5.10 1.53 5.72
N CYS A 78 3.80 1.31 5.86
CA CYS A 78 2.91 0.88 4.81
C CYS A 78 3.27 -0.40 4.10
N LYS A 79 3.42 -1.44 4.86
CA LYS A 79 3.56 -2.75 4.28
C LYS A 79 2.18 -3.30 4.14
N VAL A 80 2.01 -4.09 3.14
CA VAL A 80 0.71 -4.68 2.90
C VAL A 80 0.49 -5.82 3.87
N ILE A 81 -0.25 -5.53 4.91
CA ILE A 81 -0.47 -6.50 5.93
C ILE A 81 -1.94 -6.71 6.02
N LEU A 82 -2.31 -7.92 5.77
CA LEU A 82 -3.67 -8.27 5.77
C LEU A 82 -4.11 -8.47 7.15
N THR A 83 -5.32 -8.12 7.38
CA THR A 83 -5.84 -8.17 8.74
C THR A 83 -6.21 -9.62 9.12
N ASN A 84 -6.21 -10.50 8.13
CA ASN A 84 -6.58 -11.89 8.34
C ASN A 84 -5.34 -12.77 8.55
N GLY A 85 -4.19 -12.27 8.19
CA GLY A 85 -2.93 -12.95 8.46
C GLY A 85 -2.42 -13.68 7.25
N LYS A 86 -3.05 -13.42 6.14
CA LYS A 86 -2.71 -14.04 4.88
C LYS A 86 -1.74 -13.16 4.15
N GLN A 87 -1.22 -13.67 3.07
CA GLN A 87 -0.29 -12.94 2.25
C GLN A 87 -1.02 -12.31 1.07
N ALA A 88 -0.49 -11.21 0.63
CA ALA A 88 -0.98 -10.53 -0.54
C ALA A 88 0.06 -10.74 -1.64
N PRO A 89 -0.38 -10.77 -2.90
CA PRO A 89 0.51 -10.92 -4.06
C PRO A 89 1.66 -9.91 -4.12
N ASP A 90 2.67 -10.25 -4.88
CA ASP A 90 3.88 -9.44 -5.04
C ASP A 90 3.57 -8.08 -5.67
N TRP A 91 2.49 -8.03 -6.41
CA TRP A 91 2.07 -6.80 -7.06
C TRP A 91 1.29 -5.89 -6.13
N LEU A 92 0.93 -6.35 -4.96
CA LEU A 92 0.14 -5.51 -4.10
C LEU A 92 1.07 -4.69 -3.20
N ALA A 93 1.16 -3.41 -3.50
CA ALA A 93 2.02 -2.50 -2.74
C ALA A 93 1.23 -1.49 -1.97
N ALA A 94 1.92 -0.83 -1.09
CA ALA A 94 1.38 0.24 -0.30
C ALA A 94 2.50 1.23 0.03
N GLU A 95 2.17 2.49 0.08
CA GLU A 95 3.05 3.55 0.50
C GLU A 95 2.12 4.59 1.10
N PRO A 96 2.54 5.44 2.03
CA PRO A 96 1.68 6.46 2.59
C PRO A 96 1.44 7.61 1.61
N TYR A 97 0.36 8.34 1.81
CA TYR A 97 -0.03 9.45 0.92
C TYR A 97 0.44 10.84 1.40
N SER A 19 12.15 -5.68 23.45
CA SER A 19 12.52 -4.31 23.76
C SER A 19 13.04 -3.67 22.49
N GLY A 20 12.28 -2.75 21.94
CA GLY A 20 12.71 -2.12 20.72
C GLY A 20 12.86 -0.64 20.88
N ARG A 21 14.03 -0.21 21.27
CA ARG A 21 14.28 1.21 21.37
C ARG A 21 15.12 1.61 20.18
N GLU A 22 14.43 1.97 19.14
CA GLU A 22 15.05 2.37 17.91
C GLU A 22 15.48 3.83 17.97
N ASN A 23 16.64 4.11 17.41
CA ASN A 23 17.12 5.46 17.29
C ASN A 23 16.24 6.17 16.31
N LEU A 24 15.63 7.25 16.76
CA LEU A 24 14.74 8.02 15.94
C LEU A 24 15.47 8.67 14.78
N TYR A 25 15.29 8.10 13.61
CA TYR A 25 15.81 8.66 12.40
C TYR A 25 14.86 9.78 12.01
N PHE A 26 15.39 10.93 11.73
CA PHE A 26 14.60 12.07 11.37
C PHE A 26 14.29 12.01 9.89
N GLN A 27 13.03 12.18 9.57
CA GLN A 27 12.56 12.08 8.20
C GLN A 27 12.69 13.42 7.49
N GLY A 28 13.23 13.35 6.31
CA GLY A 28 13.23 14.48 5.43
C GLY A 28 12.06 14.31 4.49
N HIS A 29 11.82 15.24 3.60
CA HIS A 29 10.70 15.07 2.70
C HIS A 29 10.94 14.10 1.58
N MET A 30 10.19 13.05 1.68
CA MET A 30 10.19 11.84 0.88
C MET A 30 8.76 11.45 0.94
N ALA A 31 8.41 10.32 0.38
CA ALA A 31 7.08 9.77 0.59
C ALA A 31 7.02 9.44 2.07
N ALA A 32 6.47 10.37 2.84
CA ALA A 32 6.54 10.35 4.27
C ALA A 32 5.31 9.72 4.87
N PRO A 33 5.40 9.26 6.13
CA PRO A 33 4.24 8.72 6.85
C PRO A 33 3.14 9.78 7.01
N ALA A 34 2.28 9.83 6.04
CA ALA A 34 1.22 10.81 5.93
C ALA A 34 -0.09 10.26 6.48
N ARG A 35 0.05 9.33 7.39
CA ARG A 35 -1.05 8.67 8.07
C ARG A 35 -2.04 8.00 7.08
N SER A 36 -1.57 7.67 5.90
CA SER A 36 -2.36 6.97 4.91
C SER A 36 -1.43 6.15 4.04
N CYS A 37 -1.74 4.89 3.83
CA CYS A 37 -0.97 4.06 2.95
C CYS A 37 -1.80 3.84 1.73
N VAL A 38 -1.19 4.04 0.62
CA VAL A 38 -1.86 4.01 -0.64
C VAL A 38 -1.52 2.71 -1.27
N TYR A 39 -2.52 1.92 -1.51
CA TYR A 39 -2.33 0.61 -2.05
C TYR A 39 -2.41 0.66 -3.54
N TYR A 40 -1.42 0.08 -4.16
CA TYR A 40 -1.27 0.08 -5.56
C TYR A 40 -1.09 -1.33 -6.06
N ASP A 41 -1.59 -1.59 -7.22
CA ASP A 41 -1.37 -2.84 -7.92
C ASP A 41 -0.11 -2.62 -8.71
N GLY A 42 0.98 -3.13 -8.23
CA GLY A 42 2.19 -3.00 -8.97
C GLY A 42 3.32 -3.77 -8.39
N HIS A 43 4.11 -4.33 -9.26
CA HIS A 43 5.35 -4.94 -8.85
C HIS A 43 6.40 -3.86 -8.88
N LEU A 44 6.19 -2.92 -9.79
CA LEU A 44 7.09 -1.80 -9.97
C LEU A 44 6.44 -0.55 -9.44
N PRO A 45 7.24 0.37 -8.92
CA PRO A 45 6.75 1.68 -8.47
C PRO A 45 6.51 2.59 -9.67
N ALA A 46 6.69 2.03 -10.85
CA ALA A 46 6.48 2.73 -12.11
C ALA A 46 5.07 2.49 -12.64
N THR A 47 4.76 1.24 -12.91
CA THR A 47 3.54 0.82 -13.57
C THR A 47 2.39 0.53 -12.61
N ARG A 48 2.55 0.91 -11.36
CA ARG A 48 1.56 0.60 -10.35
C ARG A 48 0.25 1.38 -10.57
N VAL A 49 -0.84 0.82 -10.09
CA VAL A 49 -2.19 1.34 -10.28
C VAL A 49 -2.79 1.62 -8.92
N LEU A 50 -3.37 2.78 -8.73
CA LEU A 50 -4.02 3.14 -7.48
C LEU A 50 -5.23 2.26 -7.24
N LEU A 51 -5.18 1.54 -6.16
CA LEU A 51 -6.28 0.71 -5.76
C LEU A 51 -7.19 1.46 -4.82
N MET A 52 -6.62 1.96 -3.74
CA MET A 52 -7.35 2.60 -2.68
C MET A 52 -6.39 3.26 -1.70
N TYR A 53 -6.85 4.29 -1.05
CA TYR A 53 -6.13 4.97 0.02
C TYR A 53 -6.61 4.37 1.34
N VAL A 54 -5.70 3.88 2.14
CA VAL A 54 -6.07 3.31 3.42
C VAL A 54 -5.50 4.18 4.52
N ARG A 55 -6.36 4.73 5.35
CA ARG A 55 -5.95 5.54 6.45
C ARG A 55 -5.25 4.64 7.44
N ILE A 56 -4.09 5.05 7.91
CA ILE A 56 -3.37 4.25 8.90
C ILE A 56 -4.22 4.16 10.15
N GLY A 57 -4.46 2.94 10.55
CA GLY A 57 -5.32 2.70 11.69
C GLY A 57 -6.74 2.43 11.23
N ASN A 58 -6.84 1.94 10.02
CA ASN A 58 -8.09 1.57 9.43
C ASN A 58 -7.86 0.33 8.60
N THR A 59 -8.91 -0.37 8.34
CA THR A 59 -8.89 -1.55 7.55
C THR A 59 -9.55 -1.26 6.22
N ALA A 60 -9.16 -1.97 5.22
CA ALA A 60 -9.72 -1.76 3.90
C ALA A 60 -9.77 -3.01 3.09
N THR A 61 -10.91 -3.27 2.50
CA THR A 61 -11.11 -4.37 1.60
C THR A 61 -10.73 -3.89 0.21
N ILE A 62 -9.60 -4.36 -0.28
CA ILE A 62 -9.11 -3.95 -1.59
C ILE A 62 -9.50 -4.97 -2.60
N THR A 63 -10.35 -4.66 -3.52
CA THR A 63 -10.56 -5.62 -4.56
C THR A 63 -9.65 -5.20 -5.71
N ALA A 64 -8.79 -6.09 -6.15
CA ALA A 64 -7.87 -5.82 -7.23
C ALA A 64 -7.73 -7.06 -8.05
N ARG A 65 -8.02 -6.94 -9.34
CA ARG A 65 -7.94 -8.03 -10.32
C ARG A 65 -8.98 -9.10 -10.01
N GLY A 66 -9.95 -8.72 -9.22
CA GLY A 66 -11.00 -9.63 -8.81
C GLY A 66 -10.73 -10.25 -7.46
N HIS A 67 -9.60 -9.92 -6.84
CA HIS A 67 -9.22 -10.52 -5.58
C HIS A 67 -9.33 -9.48 -4.47
N GLU A 68 -10.04 -9.80 -3.40
CA GLU A 68 -10.14 -8.94 -2.25
C GLU A 68 -8.99 -9.19 -1.30
N PHE A 69 -8.38 -8.11 -0.88
CA PHE A 69 -7.35 -8.12 0.09
C PHE A 69 -7.82 -7.21 1.17
N GLU A 70 -8.35 -7.75 2.24
CA GLU A 70 -8.74 -6.87 3.29
C GLU A 70 -7.57 -6.75 4.24
N VAL A 71 -7.00 -5.59 4.26
CA VAL A 71 -5.81 -5.34 5.04
C VAL A 71 -6.15 -4.46 6.22
N GLU A 72 -5.23 -4.43 7.12
CA GLU A 72 -5.27 -3.53 8.24
C GLU A 72 -4.01 -2.70 8.12
N ALA A 73 -4.17 -1.41 7.91
CA ALA A 73 -3.02 -0.53 7.80
C ALA A 73 -2.46 -0.27 9.17
N LYS A 74 -1.53 -1.14 9.54
CA LYS A 74 -0.89 -1.15 10.84
C LYS A 74 -0.02 0.08 11.05
N ASP A 75 0.92 0.28 10.15
CA ASP A 75 1.94 1.30 10.30
C ASP A 75 1.95 2.18 9.08
N GLN A 76 2.45 3.39 9.26
CA GLN A 76 2.54 4.38 8.18
C GLN A 76 3.74 4.05 7.30
N ASN A 77 4.47 3.02 7.69
CA ASN A 77 5.62 2.53 6.94
C ASN A 77 5.10 1.43 6.00
N CYS A 78 3.78 1.43 5.88
CA CYS A 78 3.02 0.59 5.00
C CYS A 78 3.23 -0.87 5.22
N LYS A 79 3.01 -1.30 6.44
CA LYS A 79 3.06 -2.69 6.69
C LYS A 79 1.75 -3.29 6.37
N VAL A 80 1.83 -4.14 5.41
CA VAL A 80 0.67 -4.76 4.86
C VAL A 80 0.41 -6.07 5.57
N ILE A 81 -0.49 -6.01 6.49
CA ILE A 81 -0.90 -7.16 7.21
C ILE A 81 -2.33 -7.37 6.82
N LEU A 82 -2.60 -8.50 6.25
CA LEU A 82 -3.93 -8.82 5.86
C LEU A 82 -4.72 -9.25 7.03
N THR A 83 -5.92 -8.80 7.05
CA THR A 83 -6.79 -9.10 8.20
C THR A 83 -7.40 -10.49 8.01
N ASN A 84 -7.03 -11.10 6.89
CA ASN A 84 -7.43 -12.46 6.57
C ASN A 84 -6.41 -13.43 7.12
N GLY A 85 -5.30 -12.89 7.61
CA GLY A 85 -4.23 -13.69 8.18
C GLY A 85 -3.25 -14.07 7.10
N LYS A 86 -3.34 -13.32 6.03
CA LYS A 86 -2.60 -13.56 4.84
C LYS A 86 -1.42 -12.63 4.68
N GLN A 87 -0.50 -13.07 3.87
CA GLN A 87 0.56 -12.24 3.40
C GLN A 87 0.01 -11.67 2.11
N ALA A 88 0.54 -10.59 1.67
CA ALA A 88 0.00 -10.01 0.46
C ALA A 88 0.85 -10.38 -0.73
N PRO A 89 0.22 -10.56 -1.91
CA PRO A 89 0.93 -10.82 -3.18
C PRO A 89 1.97 -9.74 -3.41
N ASP A 90 3.04 -10.13 -4.10
CA ASP A 90 4.17 -9.25 -4.37
C ASP A 90 3.75 -8.00 -5.12
N TRP A 91 2.69 -8.12 -5.90
CA TRP A 91 2.17 -7.01 -6.66
C TRP A 91 1.27 -6.07 -5.85
N LEU A 92 1.01 -6.39 -4.61
CA LEU A 92 0.23 -5.49 -3.79
C LEU A 92 1.21 -4.52 -3.14
N ALA A 93 1.27 -3.33 -3.68
CA ALA A 93 2.20 -2.34 -3.19
C ALA A 93 1.49 -1.34 -2.32
N ALA A 94 2.26 -0.69 -1.50
CA ALA A 94 1.76 0.33 -0.62
C ALA A 94 2.86 1.34 -0.33
N GLU A 95 2.53 2.61 -0.44
CA GLU A 95 3.42 3.70 -0.10
C GLU A 95 2.55 4.76 0.53
N PRO A 96 2.98 5.47 1.58
CA PRO A 96 2.16 6.50 2.16
C PRO A 96 2.04 7.70 1.20
N TYR A 97 0.82 8.22 1.16
CA TYR A 97 0.40 9.22 0.20
C TYR A 97 1.21 10.51 0.23
N SER A 19 -3.50 30.48 -9.11
CA SER A 19 -3.41 29.94 -10.46
C SER A 19 -2.94 28.49 -10.39
N GLY A 20 -3.87 27.56 -10.49
CA GLY A 20 -3.54 26.17 -10.46
C GLY A 20 -3.00 25.72 -11.79
N ARG A 21 -1.72 25.49 -11.85
CA ARG A 21 -1.10 25.07 -13.08
C ARG A 21 -0.73 23.63 -12.90
N GLU A 22 -1.64 22.75 -13.23
CA GLU A 22 -1.46 21.35 -13.03
C GLU A 22 -0.68 20.79 -14.21
N ASN A 23 0.54 20.45 -13.93
CA ASN A 23 1.45 19.95 -14.93
C ASN A 23 1.90 18.59 -14.45
N LEU A 24 1.75 17.57 -15.28
CA LEU A 24 2.23 16.25 -14.92
C LEU A 24 3.74 16.35 -14.78
N TYR A 25 4.22 16.16 -13.60
CA TYR A 25 5.60 16.40 -13.29
C TYR A 25 6.12 15.22 -12.50
N PHE A 26 6.80 14.32 -13.17
CA PHE A 26 7.34 13.15 -12.53
C PHE A 26 8.66 13.47 -11.88
N GLN A 27 8.62 13.58 -10.58
CA GLN A 27 9.76 13.90 -9.77
C GLN A 27 9.87 12.85 -8.70
N GLY A 28 11.05 12.72 -8.17
CA GLY A 28 11.27 11.81 -7.08
C GLY A 28 11.06 12.57 -5.81
N HIS A 29 9.84 12.57 -5.35
CA HIS A 29 9.48 13.30 -4.18
C HIS A 29 9.07 12.28 -3.13
N MET A 30 9.82 12.24 -2.05
CA MET A 30 9.63 11.28 -0.97
C MET A 30 8.22 11.31 -0.40
N ALA A 31 7.50 10.21 -0.59
CA ALA A 31 6.17 10.03 -0.04
C ALA A 31 6.32 9.87 1.45
N ALA A 32 5.70 10.76 2.17
CA ALA A 32 5.85 10.83 3.60
C ALA A 32 4.82 9.96 4.30
N PRO A 33 5.18 9.38 5.47
CA PRO A 33 4.22 8.69 6.33
C PRO A 33 3.11 9.66 6.71
N ALA A 34 2.03 9.59 5.97
CA ALA A 34 0.94 10.55 6.03
C ALA A 34 -0.24 10.07 6.82
N ARG A 35 0.00 9.13 7.69
CA ARG A 35 -1.05 8.48 8.48
C ARG A 35 -2.06 7.80 7.53
N SER A 36 -1.54 7.37 6.38
CA SER A 36 -2.31 6.69 5.35
C SER A 36 -1.39 5.82 4.50
N CYS A 37 -1.81 4.59 4.25
CA CYS A 37 -1.10 3.68 3.39
C CYS A 37 -1.93 3.57 2.16
N VAL A 38 -1.30 3.72 1.05
CA VAL A 38 -1.96 3.81 -0.21
C VAL A 38 -1.59 2.57 -0.98
N TYR A 39 -2.60 1.85 -1.39
CA TYR A 39 -2.39 0.58 -2.02
C TYR A 39 -2.42 0.72 -3.52
N TYR A 40 -1.43 0.15 -4.13
CA TYR A 40 -1.22 0.19 -5.54
C TYR A 40 -1.03 -1.21 -6.06
N ASP A 41 -1.50 -1.45 -7.25
CA ASP A 41 -1.22 -2.69 -7.94
C ASP A 41 0.02 -2.39 -8.73
N GLY A 42 1.15 -2.86 -8.27
CA GLY A 42 2.35 -2.60 -9.00
C GLY A 42 3.38 -3.63 -8.76
N HIS A 43 3.84 -4.15 -9.84
CA HIS A 43 4.88 -5.15 -9.85
C HIS A 43 6.23 -4.45 -9.93
N LEU A 44 6.16 -3.21 -10.38
CA LEU A 44 7.22 -2.25 -10.38
C LEU A 44 6.59 -1.00 -9.80
N PRO A 45 7.34 -0.14 -9.11
CA PRO A 45 6.81 1.13 -8.61
C PRO A 45 6.48 2.08 -9.77
N ALA A 46 6.85 1.66 -10.97
CA ALA A 46 6.56 2.40 -12.18
C ALA A 46 5.22 1.98 -12.75
N THR A 47 4.78 0.77 -12.44
CA THR A 47 3.54 0.21 -12.97
C THR A 47 2.46 0.18 -11.90
N ARG A 48 2.65 1.01 -10.88
CA ARG A 48 1.73 1.12 -9.76
C ARG A 48 0.39 1.75 -10.18
N VAL A 49 -0.70 1.06 -9.90
CA VAL A 49 -2.04 1.54 -10.19
C VAL A 49 -2.72 1.87 -8.87
N LEU A 50 -3.29 3.05 -8.76
CA LEU A 50 -3.93 3.52 -7.53
C LEU A 50 -5.18 2.68 -7.27
N LEU A 51 -5.13 1.86 -6.24
CA LEU A 51 -6.25 1.03 -5.88
C LEU A 51 -7.16 1.71 -4.88
N MET A 52 -6.61 2.03 -3.71
CA MET A 52 -7.36 2.62 -2.63
C MET A 52 -6.42 3.22 -1.59
N TYR A 53 -6.89 4.25 -0.90
CA TYR A 53 -6.18 4.86 0.21
C TYR A 53 -6.70 4.23 1.50
N VAL A 54 -5.81 3.79 2.35
CA VAL A 54 -6.20 3.21 3.63
C VAL A 54 -5.54 4.00 4.74
N ARG A 55 -6.32 4.73 5.49
CA ARG A 55 -5.82 5.54 6.58
C ARG A 55 -5.32 4.58 7.65
N ILE A 56 -4.19 4.92 8.25
CA ILE A 56 -3.57 4.06 9.28
C ILE A 56 -4.52 3.86 10.45
N GLY A 57 -4.81 2.62 10.72
CA GLY A 57 -5.68 2.25 11.80
C GLY A 57 -7.02 1.79 11.28
N ASN A 58 -7.20 2.04 10.00
CA ASN A 58 -8.43 1.68 9.32
C ASN A 58 -8.20 0.46 8.46
N THR A 59 -9.27 -0.20 8.18
CA THR A 59 -9.26 -1.39 7.39
C THR A 59 -9.81 -1.10 6.02
N ALA A 60 -9.39 -1.84 5.05
CA ALA A 60 -9.93 -1.68 3.71
C ALA A 60 -9.95 -2.97 2.95
N THR A 61 -10.96 -3.14 2.12
CA THR A 61 -11.07 -4.28 1.26
C THR A 61 -10.64 -3.84 -0.13
N ILE A 62 -9.51 -4.32 -0.54
CA ILE A 62 -8.94 -3.92 -1.79
C ILE A 62 -9.29 -4.94 -2.84
N THR A 63 -10.13 -4.60 -3.76
CA THR A 63 -10.31 -5.48 -4.88
C THR A 63 -9.28 -5.06 -5.92
N ALA A 64 -8.49 -6.01 -6.33
CA ALA A 64 -7.50 -5.81 -7.34
C ALA A 64 -7.42 -7.08 -8.13
N ARG A 65 -7.64 -6.97 -9.44
CA ARG A 65 -7.60 -8.10 -10.38
C ARG A 65 -8.74 -9.06 -10.10
N GLY A 66 -9.74 -8.55 -9.42
CA GLY A 66 -10.90 -9.33 -9.05
C GLY A 66 -10.73 -10.06 -7.72
N HIS A 67 -9.63 -9.80 -7.03
CA HIS A 67 -9.36 -10.43 -5.75
C HIS A 67 -9.42 -9.38 -4.64
N GLU A 68 -10.10 -9.70 -3.56
CA GLU A 68 -10.25 -8.82 -2.41
C GLU A 68 -9.16 -9.08 -1.40
N PHE A 69 -8.52 -8.04 -0.97
CA PHE A 69 -7.55 -8.11 0.07
C PHE A 69 -8.03 -7.21 1.16
N GLU A 70 -8.58 -7.77 2.21
CA GLU A 70 -9.01 -6.93 3.28
C GLU A 70 -7.82 -6.80 4.19
N VAL A 71 -7.34 -5.61 4.29
CA VAL A 71 -6.16 -5.29 5.04
C VAL A 71 -6.50 -4.31 6.12
N GLU A 72 -5.57 -4.12 6.98
CA GLU A 72 -5.64 -3.12 7.98
C GLU A 72 -4.34 -2.37 7.87
N ALA A 73 -4.42 -1.07 7.75
CA ALA A 73 -3.20 -0.27 7.70
C ALA A 73 -2.67 -0.17 9.12
N LYS A 74 -1.80 -1.11 9.45
CA LYS A 74 -1.25 -1.29 10.78
C LYS A 74 -0.25 -0.21 11.15
N ASP A 75 0.73 -0.06 10.31
CA ASP A 75 1.87 0.80 10.57
C ASP A 75 2.08 1.68 9.35
N GLN A 76 2.77 2.81 9.50
CA GLN A 76 2.95 3.74 8.39
C GLN A 76 4.10 3.32 7.47
N ASN A 77 4.70 2.18 7.79
CA ASN A 77 5.72 1.58 6.91
C ASN A 77 5.03 0.93 5.73
N CYS A 78 3.73 0.77 5.86
CA CYS A 78 2.84 0.34 4.82
C CYS A 78 3.15 -1.02 4.21
N LYS A 79 3.45 -1.98 5.04
CA LYS A 79 3.47 -3.35 4.60
C LYS A 79 2.05 -3.83 4.54
N VAL A 80 1.84 -4.80 3.72
CA VAL A 80 0.52 -5.31 3.54
C VAL A 80 0.21 -6.45 4.50
N ILE A 81 -0.54 -6.12 5.52
CA ILE A 81 -1.00 -7.09 6.46
C ILE A 81 -2.49 -7.20 6.27
N LEU A 82 -2.95 -8.37 5.91
CA LEU A 82 -4.35 -8.61 5.71
C LEU A 82 -5.00 -8.73 7.05
N THR A 83 -6.28 -8.56 7.06
CA THR A 83 -7.06 -8.67 8.29
C THR A 83 -7.03 -10.07 8.89
N ASN A 84 -6.79 -11.03 8.02
CA ASN A 84 -6.67 -12.42 8.43
C ASN A 84 -5.26 -12.71 8.91
N GLY A 85 -4.38 -11.74 8.75
CA GLY A 85 -3.05 -11.84 9.27
C GLY A 85 -2.03 -12.19 8.23
N LYS A 86 -2.48 -12.49 7.03
CA LYS A 86 -1.56 -12.85 5.98
C LYS A 86 -0.81 -11.69 5.38
N GLN A 87 0.06 -12.07 4.48
CA GLN A 87 0.77 -11.16 3.61
C GLN A 87 0.07 -11.28 2.28
N ALA A 88 0.15 -10.27 1.47
CA ALA A 88 -0.48 -10.31 0.18
C ALA A 88 0.62 -10.42 -0.88
N PRO A 89 0.28 -10.68 -2.17
CA PRO A 89 1.28 -10.81 -3.23
C PRO A 89 2.14 -9.57 -3.40
N ASP A 90 3.33 -9.76 -3.92
CA ASP A 90 4.37 -8.73 -4.07
C ASP A 90 3.90 -7.56 -4.90
N TRP A 91 3.00 -7.84 -5.83
CA TRP A 91 2.47 -6.82 -6.69
C TRP A 91 1.50 -5.90 -5.94
N LEU A 92 1.00 -6.33 -4.80
CA LEU A 92 0.14 -5.48 -4.03
C LEU A 92 1.06 -4.59 -3.21
N ALA A 93 1.19 -3.37 -3.67
CA ALA A 93 2.08 -2.42 -3.08
C ALA A 93 1.32 -1.48 -2.19
N ALA A 94 2.04 -0.91 -1.27
CA ALA A 94 1.51 0.08 -0.39
C ALA A 94 2.64 1.03 -0.05
N GLU A 95 2.37 2.31 -0.13
CA GLU A 95 3.30 3.35 0.21
C GLU A 95 2.45 4.40 0.86
N PRO A 96 2.91 5.17 1.84
CA PRO A 96 2.10 6.22 2.41
C PRO A 96 1.96 7.39 1.43
N TYR A 97 0.87 8.10 1.55
CA TYR A 97 0.54 9.19 0.63
C TYR A 97 1.34 10.49 0.88
N SER A 19 21.49 32.86 9.90
CA SER A 19 22.84 33.23 9.47
C SER A 19 22.77 33.48 7.97
N GLY A 20 23.45 34.52 7.51
CA GLY A 20 23.41 34.88 6.13
C GLY A 20 24.34 34.06 5.27
N ARG A 21 23.82 32.96 4.79
CA ARG A 21 24.49 32.08 3.86
C ARG A 21 23.44 31.43 3.01
N GLU A 22 23.27 31.99 1.85
CA GLU A 22 22.26 31.59 0.90
C GLU A 22 22.67 30.30 0.19
N ASN A 23 22.27 29.19 0.78
CA ASN A 23 22.60 27.88 0.26
C ASN A 23 21.48 27.38 -0.60
N LEU A 24 21.83 26.51 -1.50
CA LEU A 24 20.86 25.89 -2.40
C LEU A 24 19.96 24.92 -1.64
N TYR A 25 18.96 24.41 -2.31
CA TYR A 25 18.05 23.50 -1.68
C TYR A 25 18.62 22.11 -1.81
N PHE A 26 19.00 21.53 -0.69
CA PHE A 26 19.52 20.18 -0.68
C PHE A 26 18.35 19.24 -0.89
N GLN A 27 18.57 18.20 -1.70
CA GLN A 27 17.57 17.23 -2.11
C GLN A 27 16.70 16.79 -0.95
N GLY A 28 15.44 17.15 -1.04
CA GLY A 28 14.49 16.86 -0.02
C GLY A 28 13.93 15.48 -0.21
N HIS A 29 14.43 14.57 0.58
CA HIS A 29 14.00 13.18 0.57
C HIS A 29 12.61 13.08 1.20
N MET A 30 12.05 11.88 1.29
CA MET A 30 10.69 11.73 1.80
C MET A 30 10.50 12.26 3.21
N ALA A 31 9.26 12.49 3.54
CA ALA A 31 8.91 13.05 4.82
C ALA A 31 8.11 12.03 5.60
N ALA A 32 7.69 12.42 6.79
CA ALA A 32 6.91 11.60 7.69
C ALA A 32 5.66 11.05 7.01
N PRO A 33 5.48 9.70 7.06
CA PRO A 33 4.31 9.01 6.52
C PRO A 33 3.01 9.69 6.93
N ALA A 34 2.32 10.14 5.91
CA ALA A 34 1.12 10.98 5.96
C ALA A 34 -0.16 10.35 6.53
N ARG A 35 -0.03 9.46 7.50
CA ARG A 35 -1.17 8.81 8.16
C ARG A 35 -2.11 8.04 7.22
N SER A 36 -1.61 7.60 6.09
CA SER A 36 -2.37 6.82 5.15
C SER A 36 -1.43 6.01 4.28
N CYS A 37 -1.80 4.77 4.02
CA CYS A 37 -1.05 3.89 3.18
C CYS A 37 -1.84 3.76 1.91
N VAL A 38 -1.18 3.91 0.81
CA VAL A 38 -1.84 3.93 -0.46
C VAL A 38 -1.48 2.67 -1.17
N TYR A 39 -2.50 1.96 -1.55
CA TYR A 39 -2.39 0.67 -2.15
C TYR A 39 -2.27 0.78 -3.63
N TYR A 40 -1.27 0.14 -4.14
CA TYR A 40 -0.95 0.14 -5.53
C TYR A 40 -0.80 -1.29 -6.01
N ASP A 41 -0.96 -1.45 -7.29
CA ASP A 41 -0.79 -2.73 -7.97
C ASP A 41 0.34 -2.52 -8.94
N GLY A 42 1.51 -2.98 -8.58
CA GLY A 42 2.63 -2.86 -9.46
C GLY A 42 3.82 -3.57 -8.92
N HIS A 43 4.62 -4.11 -9.79
CA HIS A 43 5.87 -4.72 -9.39
C HIS A 43 6.93 -3.65 -9.29
N LEU A 44 6.79 -2.63 -10.13
CA LEU A 44 7.74 -1.54 -10.17
C LEU A 44 6.99 -0.27 -9.85
N PRO A 45 7.70 0.77 -9.37
CA PRO A 45 7.10 2.09 -9.14
C PRO A 45 6.45 2.63 -10.41
N ALA A 46 7.08 2.33 -11.55
CA ALA A 46 6.62 2.81 -12.84
C ALA A 46 5.34 2.09 -13.28
N THR A 47 5.08 0.93 -12.71
CA THR A 47 3.93 0.16 -13.14
C THR A 47 2.85 0.10 -12.06
N ARG A 48 2.95 0.90 -11.01
CA ARG A 48 1.92 0.91 -9.97
C ARG A 48 0.63 1.46 -10.52
N VAL A 49 -0.46 0.94 -10.01
CA VAL A 49 -1.79 1.40 -10.31
C VAL A 49 -2.38 1.73 -8.96
N LEU A 50 -2.88 2.94 -8.76
CA LEU A 50 -3.41 3.30 -7.47
C LEU A 50 -4.79 2.68 -7.29
N LEU A 51 -4.90 1.86 -6.27
CA LEU A 51 -6.13 1.17 -5.95
C LEU A 51 -6.96 2.01 -5.00
N MET A 52 -6.31 2.53 -3.96
CA MET A 52 -6.96 3.38 -2.94
C MET A 52 -6.00 3.82 -1.86
N TYR A 53 -6.46 4.80 -1.12
CA TYR A 53 -5.76 5.35 0.03
C TYR A 53 -6.43 4.76 1.26
N VAL A 54 -5.65 4.26 2.19
CA VAL A 54 -6.19 3.69 3.41
C VAL A 54 -5.55 4.39 4.58
N ARG A 55 -6.34 5.05 5.40
CA ARG A 55 -5.88 5.73 6.59
C ARG A 55 -5.22 4.71 7.51
N ILE A 56 -4.12 5.10 8.10
CA ILE A 56 -3.44 4.22 9.08
C ILE A 56 -4.42 3.92 10.21
N GLY A 57 -4.60 2.66 10.44
CA GLY A 57 -5.43 2.19 11.53
C GLY A 57 -6.71 1.63 11.01
N ASN A 58 -7.05 2.04 9.82
CA ASN A 58 -8.27 1.66 9.19
C ASN A 58 -8.07 0.44 8.32
N THR A 59 -9.16 -0.21 8.05
CA THR A 59 -9.17 -1.36 7.22
C THR A 59 -9.74 -1.03 5.87
N ALA A 60 -9.35 -1.78 4.90
CA ALA A 60 -9.85 -1.58 3.55
C ALA A 60 -10.09 -2.91 2.90
N THR A 61 -11.18 -3.01 2.17
CA THR A 61 -11.52 -4.22 1.48
C THR A 61 -11.24 -3.95 0.01
N ILE A 62 -10.16 -4.50 -0.50
CA ILE A 62 -9.76 -4.22 -1.87
C ILE A 62 -10.24 -5.32 -2.77
N THR A 63 -11.19 -5.06 -3.62
CA THR A 63 -11.47 -6.04 -4.61
C THR A 63 -10.60 -5.70 -5.82
N ALA A 64 -9.80 -6.66 -6.21
CA ALA A 64 -8.93 -6.52 -7.34
C ALA A 64 -8.72 -7.90 -7.91
N ARG A 65 -9.02 -8.08 -9.19
CA ARG A 65 -8.82 -9.34 -9.90
C ARG A 65 -9.61 -10.48 -9.30
N GLY A 66 -10.73 -10.13 -8.71
CA GLY A 66 -11.62 -11.10 -8.13
C GLY A 66 -11.35 -11.37 -6.66
N HIS A 67 -10.24 -10.89 -6.17
CA HIS A 67 -9.87 -11.14 -4.80
C HIS A 67 -10.17 -9.94 -3.94
N GLU A 68 -10.89 -10.15 -2.86
CA GLU A 68 -11.05 -9.16 -1.84
C GLU A 68 -9.87 -9.29 -0.89
N PHE A 69 -9.08 -8.27 -0.82
CA PHE A 69 -7.98 -8.21 0.09
C PHE A 69 -8.43 -7.29 1.20
N GLU A 70 -8.86 -7.83 2.30
CA GLU A 70 -9.21 -6.96 3.37
C GLU A 70 -7.99 -6.82 4.22
N VAL A 71 -7.47 -5.64 4.19
CA VAL A 71 -6.25 -5.32 4.85
C VAL A 71 -6.52 -4.32 5.94
N GLU A 72 -5.55 -4.18 6.77
CA GLU A 72 -5.58 -3.21 7.80
C GLU A 72 -4.32 -2.43 7.63
N ALA A 73 -4.43 -1.12 7.53
CA ALA A 73 -3.23 -0.31 7.46
C ALA A 73 -2.69 -0.24 8.87
N LYS A 74 -1.85 -1.21 9.16
CA LYS A 74 -1.32 -1.47 10.49
C LYS A 74 -0.52 -0.30 11.01
N ASP A 75 0.51 0.05 10.27
CA ASP A 75 1.45 1.05 10.70
C ASP A 75 2.04 1.76 9.48
N GLN A 76 2.83 2.79 9.72
CA GLN A 76 3.40 3.65 8.68
C GLN A 76 4.41 2.97 7.75
N ASN A 77 4.77 1.72 8.05
CA ASN A 77 5.60 0.93 7.14
C ASN A 77 4.83 0.73 5.85
N CYS A 78 3.52 0.62 6.00
CA CYS A 78 2.58 0.43 4.91
C CYS A 78 2.77 -0.89 4.19
N LYS A 79 3.21 -1.87 4.93
CA LYS A 79 3.28 -3.19 4.44
C LYS A 79 1.87 -3.69 4.32
N VAL A 80 1.57 -4.33 3.21
CA VAL A 80 0.26 -4.89 3.02
C VAL A 80 0.09 -6.12 3.90
N ILE A 81 -0.57 -5.90 5.00
CA ILE A 81 -0.84 -6.93 5.96
C ILE A 81 -2.33 -7.08 5.99
N LEU A 82 -2.76 -8.26 5.68
CA LEU A 82 -4.14 -8.57 5.59
C LEU A 82 -4.73 -8.71 6.95
N THR A 83 -6.00 -8.54 7.02
CA THR A 83 -6.74 -8.62 8.29
C THR A 83 -6.66 -10.00 8.91
N ASN A 84 -6.52 -10.97 8.05
CA ASN A 84 -6.49 -12.35 8.47
C ASN A 84 -5.05 -12.79 8.67
N GLY A 85 -4.16 -11.82 8.57
CA GLY A 85 -2.78 -12.05 8.89
C GLY A 85 -1.97 -12.53 7.74
N LYS A 86 -2.55 -12.54 6.56
CA LYS A 86 -1.79 -12.97 5.42
C LYS A 86 -0.90 -11.89 4.87
N GLN A 87 -0.05 -12.36 4.01
CA GLN A 87 0.80 -11.56 3.18
C GLN A 87 0.08 -11.47 1.85
N ALA A 88 0.30 -10.41 1.16
CA ALA A 88 -0.34 -10.23 -0.10
C ALA A 88 0.67 -10.39 -1.23
N PRO A 89 0.19 -10.58 -2.49
CA PRO A 89 1.04 -10.72 -3.66
C PRO A 89 2.15 -9.68 -3.77
N ASP A 90 3.25 -10.09 -4.36
CA ASP A 90 4.48 -9.30 -4.56
C ASP A 90 4.20 -7.99 -5.30
N TRP A 91 3.13 -7.97 -6.06
CA TRP A 91 2.73 -6.81 -6.84
C TRP A 91 1.81 -5.88 -6.07
N LEU A 92 1.31 -6.32 -4.95
CA LEU A 92 0.41 -5.52 -4.17
C LEU A 92 1.26 -4.74 -3.18
N ALA A 93 1.28 -3.45 -3.34
CA ALA A 93 2.14 -2.62 -2.51
C ALA A 93 1.35 -1.52 -1.87
N ALA A 94 1.94 -0.96 -0.84
CA ALA A 94 1.38 0.19 -0.20
C ALA A 94 2.51 1.11 0.26
N GLU A 95 2.30 2.39 0.11
CA GLU A 95 3.25 3.40 0.52
C GLU A 95 2.45 4.59 1.00
N PRO A 96 2.88 5.32 2.04
CA PRO A 96 2.13 6.47 2.54
C PRO A 96 2.04 7.60 1.51
N TYR A 97 0.83 8.13 1.39
CA TYR A 97 0.46 9.11 0.38
C TYR A 97 1.31 10.37 0.50
N SER A 19 2.00 32.48 23.50
CA SER A 19 2.95 32.16 22.45
C SER A 19 2.46 31.00 21.60
N GLY A 20 2.61 31.13 20.31
CA GLY A 20 2.28 30.07 19.40
C GLY A 20 3.19 30.20 18.24
N ARG A 21 4.33 29.58 18.34
CA ARG A 21 5.34 29.74 17.33
C ARG A 21 5.77 28.43 16.76
N GLU A 22 5.47 28.27 15.50
CA GLU A 22 5.90 27.15 14.74
C GLU A 22 6.18 27.63 13.33
N ASN A 23 7.07 26.96 12.66
CA ASN A 23 7.36 27.25 11.29
C ASN A 23 7.41 25.91 10.63
N LEU A 24 6.27 25.46 10.16
CA LEU A 24 6.16 24.14 9.60
C LEU A 24 6.54 24.14 8.15
N TYR A 25 6.79 22.96 7.67
CA TYR A 25 7.21 22.74 6.31
C TYR A 25 6.50 21.59 5.67
N PHE A 26 6.23 21.76 4.40
CA PHE A 26 5.68 20.73 3.56
C PHE A 26 6.59 20.68 2.36
N GLN A 27 7.35 19.62 2.26
CA GLN A 27 8.28 19.44 1.16
C GLN A 27 8.10 18.03 0.67
N GLY A 28 8.61 17.75 -0.50
CA GLY A 28 8.49 16.44 -1.09
C GLY A 28 9.39 15.46 -0.40
N HIS A 29 8.85 14.84 0.62
CA HIS A 29 9.57 13.87 1.40
C HIS A 29 9.23 12.49 0.90
N MET A 30 10.12 11.55 1.13
CA MET A 30 9.87 10.17 0.79
C MET A 30 9.03 9.60 1.95
N ALA A 31 8.58 8.33 1.84
CA ALA A 31 7.64 7.67 2.79
C ALA A 31 7.71 8.20 4.22
N ALA A 32 6.78 9.09 4.50
CA ALA A 32 6.65 9.77 5.77
C ALA A 32 5.40 9.30 6.45
N PRO A 33 5.24 9.53 7.77
CA PRO A 33 3.99 9.23 8.44
C PRO A 33 2.93 10.22 7.97
N ALA A 34 2.28 9.85 6.90
CA ALA A 34 1.22 10.66 6.32
C ALA A 34 -0.11 10.09 6.71
N ARG A 35 0.00 9.15 7.61
CA ARG A 35 -1.10 8.42 8.23
C ARG A 35 -2.13 7.86 7.24
N SER A 36 -1.65 7.39 6.10
CA SER A 36 -2.48 6.74 5.11
C SER A 36 -1.59 5.83 4.26
N CYS A 37 -2.07 4.66 3.93
CA CYS A 37 -1.37 3.74 3.08
C CYS A 37 -2.11 3.73 1.78
N VAL A 38 -1.39 3.87 0.72
CA VAL A 38 -1.97 3.95 -0.59
C VAL A 38 -1.61 2.68 -1.31
N TYR A 39 -2.62 1.96 -1.71
CA TYR A 39 -2.42 0.67 -2.33
C TYR A 39 -2.39 0.81 -3.82
N TYR A 40 -1.37 0.26 -4.39
CA TYR A 40 -1.14 0.26 -5.79
C TYR A 40 -0.98 -1.17 -6.27
N ASP A 41 -1.44 -1.41 -7.46
CA ASP A 41 -1.24 -2.68 -8.14
C ASP A 41 -0.08 -2.43 -9.06
N GLY A 42 1.05 -3.00 -8.76
CA GLY A 42 2.17 -2.81 -9.62
C GLY A 42 3.30 -3.71 -9.26
N HIS A 43 3.85 -4.29 -10.30
CA HIS A 43 4.96 -5.22 -10.20
C HIS A 43 6.18 -4.41 -9.81
N LEU A 44 6.35 -3.31 -10.53
CA LEU A 44 7.40 -2.36 -10.30
C LEU A 44 6.73 -1.03 -9.98
N PRO A 45 7.42 -0.06 -9.37
CA PRO A 45 6.86 1.28 -9.14
C PRO A 45 6.54 2.00 -10.46
N ALA A 46 7.05 1.46 -11.56
CA ALA A 46 6.76 1.97 -12.88
C ALA A 46 5.38 1.50 -13.35
N THR A 47 4.83 0.52 -12.65
CA THR A 47 3.55 -0.06 -13.06
C THR A 47 2.47 0.10 -11.99
N ARG A 48 2.79 0.84 -10.93
CA ARG A 48 1.89 1.05 -9.80
C ARG A 48 0.58 1.77 -10.19
N VAL A 49 -0.52 1.05 -10.07
CA VAL A 49 -1.85 1.54 -10.39
C VAL A 49 -2.54 1.92 -9.10
N LEU A 50 -3.06 3.13 -9.05
CA LEU A 50 -3.70 3.64 -7.84
C LEU A 50 -4.99 2.86 -7.60
N LEU A 51 -5.01 2.06 -6.54
CA LEU A 51 -6.19 1.28 -6.21
C LEU A 51 -7.09 2.04 -5.26
N MET A 52 -6.57 2.36 -4.08
CA MET A 52 -7.33 3.05 -3.06
C MET A 52 -6.41 3.50 -1.93
N TYR A 53 -6.84 4.50 -1.20
CA TYR A 53 -6.17 5.02 -0.02
C TYR A 53 -6.83 4.43 1.23
N VAL A 54 -6.03 4.06 2.21
CA VAL A 54 -6.52 3.54 3.48
C VAL A 54 -5.86 4.34 4.58
N ARG A 55 -6.64 4.87 5.48
CA ARG A 55 -6.15 5.69 6.57
C ARG A 55 -5.47 4.78 7.60
N ILE A 56 -4.33 5.21 8.11
CA ILE A 56 -3.62 4.40 9.15
C ILE A 56 -4.51 4.22 10.36
N GLY A 57 -4.76 2.98 10.65
CA GLY A 57 -5.53 2.60 11.79
C GLY A 57 -6.83 1.97 11.36
N ASN A 58 -7.11 2.09 10.08
CA ASN A 58 -8.34 1.60 9.52
C ASN A 58 -8.07 0.38 8.66
N THR A 59 -9.11 -0.37 8.48
CA THR A 59 -9.08 -1.55 7.66
C THR A 59 -9.85 -1.26 6.41
N ALA A 60 -9.51 -1.94 5.35
CA ALA A 60 -10.19 -1.72 4.10
C ALA A 60 -10.13 -2.95 3.23
N THR A 61 -11.14 -3.11 2.43
CA THR A 61 -11.23 -4.21 1.51
C THR A 61 -10.92 -3.70 0.10
N ILE A 62 -9.84 -4.19 -0.47
CA ILE A 62 -9.39 -3.77 -1.80
C ILE A 62 -9.70 -4.87 -2.79
N THR A 63 -10.57 -4.66 -3.72
CA THR A 63 -10.69 -5.68 -4.73
C THR A 63 -9.65 -5.33 -5.79
N ALA A 64 -8.78 -6.27 -6.07
CA ALA A 64 -7.76 -6.08 -7.06
C ALA A 64 -7.51 -7.42 -7.71
N ARG A 65 -7.68 -7.44 -9.03
CA ARG A 65 -7.52 -8.63 -9.87
C ARG A 65 -8.51 -9.73 -9.48
N GLY A 66 -9.59 -9.30 -8.86
CA GLY A 66 -10.62 -10.21 -8.41
C GLY A 66 -10.38 -10.74 -7.01
N HIS A 67 -9.35 -10.26 -6.36
CA HIS A 67 -9.07 -10.67 -5.00
C HIS A 67 -9.38 -9.50 -4.09
N GLU A 68 -10.18 -9.72 -3.08
CA GLU A 68 -10.43 -8.72 -2.08
C GLU A 68 -9.42 -8.86 -0.98
N PHE A 69 -8.63 -7.84 -0.83
CA PHE A 69 -7.63 -7.82 0.17
C PHE A 69 -8.14 -6.98 1.30
N GLU A 70 -8.55 -7.61 2.36
CA GLU A 70 -9.00 -6.88 3.49
C GLU A 70 -7.75 -6.70 4.30
N VAL A 71 -7.29 -5.50 4.36
CA VAL A 71 -6.04 -5.17 5.00
C VAL A 71 -6.29 -4.34 6.22
N GLU A 72 -5.27 -4.26 7.02
CA GLU A 72 -5.27 -3.47 8.20
C GLU A 72 -4.08 -2.57 8.06
N ALA A 73 -4.33 -1.31 7.75
CA ALA A 73 -3.23 -0.37 7.64
C ALA A 73 -2.84 0.00 9.04
N LYS A 74 -1.94 -0.78 9.58
CA LYS A 74 -1.55 -0.67 10.97
C LYS A 74 -0.48 0.37 11.23
N ASP A 75 0.45 0.54 10.31
CA ASP A 75 1.57 1.46 10.54
C ASP A 75 1.96 2.09 9.25
N GLN A 76 2.58 3.27 9.35
CA GLN A 76 3.06 4.08 8.23
C GLN A 76 4.14 3.41 7.36
N ASN A 77 4.60 2.24 7.78
CA ASN A 77 5.49 1.43 6.96
C ASN A 77 4.71 0.97 5.73
N CYS A 78 3.40 0.76 5.94
CA CYS A 78 2.46 0.37 4.90
C CYS A 78 2.73 -0.95 4.25
N LYS A 79 3.26 -1.87 5.01
CA LYS A 79 3.41 -3.21 4.59
C LYS A 79 2.02 -3.80 4.46
N VAL A 80 1.76 -4.45 3.36
CA VAL A 80 0.47 -5.06 3.16
C VAL A 80 0.29 -6.27 4.06
N ILE A 81 -0.51 -6.09 5.06
CA ILE A 81 -0.82 -7.09 6.01
C ILE A 81 -2.33 -7.21 6.01
N LEU A 82 -2.79 -8.38 5.68
CA LEU A 82 -4.19 -8.62 5.58
C LEU A 82 -4.76 -8.83 6.95
N THR A 83 -6.02 -8.60 7.03
CA THR A 83 -6.77 -8.78 8.28
C THR A 83 -6.77 -10.24 8.72
N ASN A 84 -6.58 -11.12 7.74
CA ASN A 84 -6.53 -12.56 8.00
C ASN A 84 -5.17 -12.93 8.56
N GLY A 85 -4.28 -11.95 8.58
CA GLY A 85 -2.94 -12.13 9.14
C GLY A 85 -2.05 -12.74 8.11
N LYS A 86 -2.31 -12.39 6.88
CA LYS A 86 -1.63 -12.94 5.75
C LYS A 86 -0.82 -11.89 5.03
N GLN A 87 0.00 -12.38 4.12
CA GLN A 87 0.76 -11.58 3.20
C GLN A 87 -0.01 -11.55 1.90
N ALA A 88 0.09 -10.45 1.19
CA ALA A 88 -0.56 -10.31 -0.10
C ALA A 88 0.52 -10.45 -1.17
N PRO A 89 0.17 -10.55 -2.47
CA PRO A 89 1.16 -10.65 -3.54
C PRO A 89 2.13 -9.47 -3.58
N ASP A 90 3.29 -9.71 -4.16
CA ASP A 90 4.38 -8.73 -4.25
C ASP A 90 3.97 -7.53 -5.10
N TRP A 91 3.00 -7.72 -5.99
CA TRP A 91 2.53 -6.66 -6.84
C TRP A 91 1.62 -5.69 -6.09
N LEU A 92 1.12 -6.11 -4.95
CA LEU A 92 0.24 -5.27 -4.19
C LEU A 92 1.09 -4.40 -3.31
N ALA A 93 1.32 -3.18 -3.74
CA ALA A 93 2.24 -2.32 -3.03
C ALA A 93 1.53 -1.20 -2.32
N ALA A 94 1.76 -1.08 -1.05
CA ALA A 94 1.21 0.03 -0.33
C ALA A 94 2.36 0.94 0.08
N GLU A 95 2.16 2.22 -0.09
CA GLU A 95 3.11 3.22 0.31
C GLU A 95 2.35 4.36 0.91
N PRO A 96 2.85 5.00 1.97
CA PRO A 96 2.14 6.11 2.62
C PRO A 96 2.12 7.37 1.74
N TYR A 97 0.94 7.96 1.63
CA TYR A 97 0.63 9.05 0.70
C TYR A 97 1.48 10.33 0.82
N SER A 19 5.16 -7.18 -17.69
CA SER A 19 5.22 -8.27 -16.72
C SER A 19 6.17 -7.88 -15.59
N GLY A 20 6.09 -8.59 -14.48
CA GLY A 20 6.94 -8.28 -13.37
C GLY A 20 8.01 -9.31 -13.19
N ARG A 21 9.13 -9.09 -13.82
CA ARG A 21 10.27 -9.96 -13.64
C ARG A 21 11.30 -9.14 -12.92
N GLU A 22 12.23 -9.78 -12.26
CA GLU A 22 13.22 -9.05 -11.52
C GLU A 22 14.28 -8.47 -12.44
N ASN A 23 14.05 -7.24 -12.80
CA ASN A 23 14.97 -6.44 -13.55
C ASN A 23 15.13 -5.19 -12.73
N LEU A 24 16.26 -4.55 -12.81
CA LEU A 24 16.43 -3.35 -12.03
C LEU A 24 15.77 -2.19 -12.75
N TYR A 25 15.22 -1.35 -11.97
CA TYR A 25 14.53 -0.14 -12.37
C TYR A 25 14.75 0.82 -11.23
N PHE A 26 14.43 2.07 -11.43
CA PHE A 26 14.53 3.03 -10.35
C PHE A 26 13.38 2.74 -9.39
N GLN A 27 13.59 2.99 -8.12
CA GLN A 27 12.59 2.73 -7.12
C GLN A 27 11.57 3.84 -7.10
N GLY A 28 10.59 3.68 -6.27
CA GLY A 28 9.63 4.71 -6.07
C GLY A 28 10.23 5.74 -5.16
N HIS A 29 9.90 6.98 -5.38
CA HIS A 29 10.41 8.07 -4.55
C HIS A 29 9.84 7.84 -3.17
N MET A 30 10.71 7.82 -2.18
CA MET A 30 10.33 7.45 -0.83
C MET A 30 9.22 8.33 -0.27
N ALA A 31 8.14 7.67 0.09
CA ALA A 31 6.97 8.31 0.60
C ALA A 31 7.15 8.54 2.09
N ALA A 32 6.70 9.67 2.54
CA ALA A 32 6.82 10.05 3.92
C ALA A 32 5.58 9.55 4.67
N PRO A 33 5.73 9.15 5.95
CA PRO A 33 4.60 8.70 6.78
C PRO A 33 3.54 9.80 6.88
N ALA A 34 2.37 9.54 6.36
CA ALA A 34 1.34 10.57 6.28
C ALA A 34 0.00 10.14 6.86
N ARG A 35 0.06 9.14 7.69
CA ARG A 35 -1.10 8.56 8.38
C ARG A 35 -2.14 7.88 7.43
N SER A 36 -1.71 7.44 6.27
CA SER A 36 -2.54 6.66 5.37
C SER A 36 -1.67 5.80 4.48
N CYS A 37 -2.09 4.58 4.21
CA CYS A 37 -1.36 3.70 3.32
C CYS A 37 -2.14 3.60 2.05
N VAL A 38 -1.47 3.78 0.96
CA VAL A 38 -2.10 3.79 -0.32
C VAL A 38 -1.65 2.58 -1.05
N TYR A 39 -2.60 1.80 -1.46
CA TYR A 39 -2.32 0.54 -2.08
C TYR A 39 -2.29 0.69 -3.57
N TYR A 40 -1.30 0.08 -4.16
CA TYR A 40 -1.06 0.11 -5.55
C TYR A 40 -0.92 -1.31 -6.05
N ASP A 41 -1.36 -1.52 -7.25
CA ASP A 41 -1.18 -2.78 -7.93
C ASP A 41 0.02 -2.56 -8.81
N GLY A 42 1.13 -3.13 -8.48
CA GLY A 42 2.28 -2.91 -9.31
C GLY A 42 3.38 -3.88 -9.12
N HIS A 43 3.80 -4.39 -10.23
CA HIS A 43 4.90 -5.33 -10.33
C HIS A 43 6.18 -4.54 -10.13
N LEU A 44 6.15 -3.32 -10.61
CA LEU A 44 7.26 -2.39 -10.53
C LEU A 44 6.66 -1.13 -9.95
N PRO A 45 7.48 -0.27 -9.33
CA PRO A 45 7.00 1.02 -8.86
C PRO A 45 6.66 1.95 -10.03
N ALA A 46 6.99 1.51 -11.24
CA ALA A 46 6.77 2.33 -12.43
C ALA A 46 5.39 2.04 -13.01
N THR A 47 5.08 0.78 -13.15
CA THR A 47 3.86 0.33 -13.80
C THR A 47 2.70 0.09 -12.81
N ARG A 48 2.78 0.72 -11.66
CA ARG A 48 1.80 0.53 -10.61
C ARG A 48 0.50 1.29 -10.87
N VAL A 49 -0.57 0.87 -10.21
CA VAL A 49 -1.90 1.41 -10.39
C VAL A 49 -2.44 1.81 -9.02
N LEU A 50 -3.01 2.99 -8.92
CA LEU A 50 -3.55 3.51 -7.67
C LEU A 50 -4.85 2.74 -7.36
N LEU A 51 -4.83 1.95 -6.31
CA LEU A 51 -6.01 1.19 -5.93
C LEU A 51 -6.89 1.93 -4.96
N MET A 52 -6.36 2.25 -3.79
CA MET A 52 -7.15 2.87 -2.73
C MET A 52 -6.27 3.36 -1.61
N TYR A 53 -6.81 4.26 -0.83
CA TYR A 53 -6.15 4.84 0.33
C TYR A 53 -6.78 4.23 1.57
N VAL A 54 -5.98 3.89 2.55
CA VAL A 54 -6.48 3.36 3.79
C VAL A 54 -5.84 4.12 4.94
N ARG A 55 -6.67 4.77 5.73
CA ARG A 55 -6.24 5.50 6.90
C ARG A 55 -5.63 4.54 7.89
N ILE A 56 -4.48 4.91 8.43
CA ILE A 56 -3.78 4.05 9.41
C ILE A 56 -4.66 3.81 10.62
N GLY A 57 -4.94 2.56 10.86
CA GLY A 57 -5.78 2.17 11.97
C GLY A 57 -7.13 1.77 11.47
N ASN A 58 -7.28 1.76 10.17
CA ASN A 58 -8.51 1.38 9.54
C ASN A 58 -8.28 0.17 8.67
N THR A 59 -9.35 -0.50 8.38
CA THR A 59 -9.36 -1.65 7.54
C THR A 59 -9.99 -1.28 6.21
N ALA A 60 -9.68 -2.03 5.20
CA ALA A 60 -10.29 -1.81 3.89
C ALA A 60 -10.30 -3.06 3.04
N THR A 61 -11.37 -3.24 2.30
CA THR A 61 -11.51 -4.33 1.37
C THR A 61 -11.05 -3.83 0.00
N ILE A 62 -9.88 -4.27 -0.42
CA ILE A 62 -9.29 -3.82 -1.67
C ILE A 62 -9.60 -4.82 -2.74
N THR A 63 -10.42 -4.48 -3.69
CA THR A 63 -10.56 -5.41 -4.77
C THR A 63 -9.58 -4.97 -5.86
N ALA A 64 -8.72 -5.88 -6.25
CA ALA A 64 -7.73 -5.66 -7.26
C ALA A 64 -7.60 -6.95 -8.05
N ARG A 65 -7.71 -6.84 -9.36
CA ARG A 65 -7.67 -7.98 -10.30
C ARG A 65 -8.78 -8.98 -9.98
N GLY A 66 -9.83 -8.49 -9.36
CA GLY A 66 -10.95 -9.30 -8.98
C GLY A 66 -10.75 -10.01 -7.66
N HIS A 67 -9.64 -9.73 -6.98
CA HIS A 67 -9.35 -10.32 -5.68
C HIS A 67 -9.55 -9.30 -4.61
N GLU A 68 -10.25 -9.65 -3.55
CA GLU A 68 -10.41 -8.74 -2.46
C GLU A 68 -9.37 -9.02 -1.41
N PHE A 69 -8.67 -7.99 -1.02
CA PHE A 69 -7.69 -8.07 0.00
C PHE A 69 -8.20 -7.22 1.13
N GLU A 70 -8.64 -7.83 2.19
CA GLU A 70 -9.11 -7.06 3.29
C GLU A 70 -7.87 -6.80 4.12
N VAL A 71 -7.45 -5.58 4.12
CA VAL A 71 -6.23 -5.20 4.78
C VAL A 71 -6.53 -4.45 6.05
N GLU A 72 -5.56 -4.42 6.91
CA GLU A 72 -5.62 -3.65 8.11
C GLU A 72 -4.41 -2.76 8.04
N ALA A 73 -4.64 -1.47 7.92
CA ALA A 73 -3.52 -0.54 7.84
C ALA A 73 -2.94 -0.35 9.24
N LYS A 74 -1.97 -1.20 9.53
CA LYS A 74 -1.31 -1.29 10.83
C LYS A 74 -0.53 -0.04 11.19
N ASP A 75 0.41 0.29 10.34
CA ASP A 75 1.33 1.36 10.62
C ASP A 75 1.75 2.02 9.33
N GLN A 76 2.37 3.19 9.44
CA GLN A 76 2.75 4.04 8.31
C GLN A 76 3.93 3.49 7.54
N ASN A 77 4.43 2.33 7.99
CA ASN A 77 5.46 1.61 7.26
C ASN A 77 4.81 1.04 5.99
N CYS A 78 3.50 0.83 6.08
CA CYS A 78 2.64 0.42 4.98
C CYS A 78 3.00 -0.90 4.31
N LYS A 79 3.28 -1.89 5.11
CA LYS A 79 3.41 -3.23 4.64
C LYS A 79 2.00 -3.73 4.40
N VAL A 80 1.79 -4.40 3.30
CA VAL A 80 0.47 -4.94 3.05
C VAL A 80 0.23 -6.18 3.91
N ILE A 81 -0.54 -5.97 4.93
CA ILE A 81 -0.89 -7.01 5.85
C ILE A 81 -2.38 -7.11 5.82
N LEU A 82 -2.85 -8.27 5.53
CA LEU A 82 -4.25 -8.46 5.45
C LEU A 82 -4.77 -8.66 6.83
N THR A 83 -6.03 -8.46 6.99
CA THR A 83 -6.72 -8.60 8.28
C THR A 83 -6.52 -9.95 8.95
N ASN A 84 -6.36 -10.97 8.14
CA ASN A 84 -6.13 -12.33 8.61
C ASN A 84 -4.72 -12.48 9.16
N GLY A 85 -3.87 -11.51 8.82
CA GLY A 85 -2.53 -11.45 9.37
C GLY A 85 -1.48 -11.85 8.36
N LYS A 86 -1.94 -12.14 7.17
CA LYS A 86 -1.11 -12.59 6.10
C LYS A 86 -0.55 -11.42 5.33
N GLN A 87 0.41 -11.70 4.52
CA GLN A 87 0.97 -10.73 3.62
C GLN A 87 0.41 -11.03 2.25
N ALA A 88 0.12 -10.01 1.51
CA ALA A 88 -0.49 -10.15 0.20
C ALA A 88 0.60 -10.43 -0.86
N PRO A 89 0.23 -10.68 -2.15
CA PRO A 89 1.21 -10.89 -3.22
C PRO A 89 2.14 -9.71 -3.39
N ASP A 90 3.36 -9.99 -3.82
CA ASP A 90 4.44 -9.02 -4.03
C ASP A 90 4.02 -7.79 -4.84
N TRP A 91 3.10 -7.99 -5.77
CA TRP A 91 2.62 -6.92 -6.63
C TRP A 91 1.70 -5.95 -5.90
N LEU A 92 1.14 -6.35 -4.77
CA LEU A 92 0.27 -5.48 -4.05
C LEU A 92 1.14 -4.61 -3.15
N ALA A 93 1.26 -3.35 -3.50
CA ALA A 93 2.12 -2.44 -2.79
C ALA A 93 1.31 -1.45 -2.01
N ALA A 94 1.99 -0.81 -1.10
CA ALA A 94 1.43 0.25 -0.29
C ALA A 94 2.53 1.23 0.09
N GLU A 95 2.21 2.50 0.04
CA GLU A 95 3.11 3.57 0.46
C GLU A 95 2.26 4.59 1.19
N PRO A 96 2.77 5.26 2.22
CA PRO A 96 2.00 6.30 2.90
C PRO A 96 1.87 7.54 2.01
N TYR A 97 0.62 7.92 1.77
CA TYR A 97 0.20 8.93 0.80
C TYR A 97 1.01 10.23 0.83
N SER A 19 22.33 -0.57 -20.10
CA SER A 19 23.37 -0.14 -19.18
C SER A 19 22.88 -0.39 -17.77
N GLY A 20 23.35 -1.45 -17.16
CA GLY A 20 22.83 -1.82 -15.88
C GLY A 20 23.85 -1.82 -14.77
N ARG A 21 23.64 -0.92 -13.82
CA ARG A 21 24.37 -0.82 -12.57
C ARG A 21 23.39 -0.27 -11.56
N GLU A 22 23.47 -0.74 -10.34
CA GLU A 22 22.50 -0.33 -9.34
C GLU A 22 22.87 0.98 -8.68
N ASN A 23 22.25 2.00 -9.20
CA ASN A 23 22.39 3.36 -8.73
C ASN A 23 21.04 3.70 -8.16
N LEU A 24 21.00 4.65 -7.24
CA LEU A 24 19.76 5.09 -6.67
C LEU A 24 18.84 5.61 -7.73
N TYR A 25 17.59 5.28 -7.54
CA TYR A 25 16.59 5.64 -8.51
C TYR A 25 16.38 7.14 -8.41
N PHE A 26 16.00 7.73 -9.49
CA PHE A 26 15.82 9.15 -9.60
C PHE A 26 14.67 9.58 -8.72
N GLN A 27 15.00 10.53 -7.85
CA GLN A 27 14.14 11.00 -6.76
C GLN A 27 12.72 11.35 -7.16
N GLY A 28 11.83 10.53 -6.65
CA GLY A 28 10.41 10.70 -6.80
C GLY A 28 9.87 11.11 -5.46
N HIS A 29 8.58 11.29 -5.33
CA HIS A 29 8.00 11.66 -4.05
C HIS A 29 8.14 10.50 -3.07
N MET A 30 8.86 10.77 -2.00
CA MET A 30 9.17 9.77 -0.99
C MET A 30 7.99 9.47 -0.10
N ALA A 31 8.14 8.38 0.64
CA ALA A 31 7.12 7.94 1.57
C ALA A 31 7.07 8.89 2.75
N ALA A 32 6.05 9.72 2.78
CA ALA A 32 5.91 10.76 3.76
C ALA A 32 4.94 10.35 4.86
N PRO A 33 5.10 10.91 6.07
CA PRO A 33 4.16 10.68 7.18
C PRO A 33 2.81 11.28 6.80
N ALA A 34 1.83 10.44 6.56
CA ALA A 34 0.54 10.92 6.10
C ALA A 34 -0.61 10.16 6.67
N ARG A 35 -0.26 9.28 7.57
CA ARG A 35 -1.19 8.37 8.25
C ARG A 35 -2.18 7.71 7.28
N SER A 36 -1.67 7.33 6.13
CA SER A 36 -2.45 6.66 5.11
C SER A 36 -1.52 5.79 4.29
N CYS A 37 -1.87 4.54 4.06
CA CYS A 37 -1.11 3.70 3.17
C CYS A 37 -1.97 3.58 1.95
N VAL A 38 -1.37 3.81 0.84
CA VAL A 38 -2.09 3.81 -0.39
C VAL A 38 -1.71 2.56 -1.10
N TYR A 39 -2.69 1.76 -1.34
CA TYR A 39 -2.47 0.48 -1.92
C TYR A 39 -2.52 0.58 -3.41
N TYR A 40 -1.52 0.01 -4.00
CA TYR A 40 -1.32 0.03 -5.40
C TYR A 40 -1.14 -1.37 -5.92
N ASP A 41 -1.18 -1.46 -7.21
CA ASP A 41 -1.02 -2.70 -7.94
C ASP A 41 0.20 -2.50 -8.78
N GLY A 42 1.32 -3.02 -8.37
CA GLY A 42 2.52 -2.90 -9.13
C GLY A 42 3.63 -3.70 -8.55
N HIS A 43 4.45 -4.24 -9.41
CA HIS A 43 5.60 -4.99 -8.95
C HIS A 43 6.72 -4.00 -8.68
N LEU A 44 6.81 -3.03 -9.57
CA LEU A 44 7.79 -1.98 -9.49
C LEU A 44 7.12 -0.77 -8.89
N PRO A 45 7.87 0.14 -8.25
CA PRO A 45 7.32 1.41 -7.77
C PRO A 45 6.73 2.19 -8.96
N ALA A 46 7.31 1.91 -10.12
CA ALA A 46 6.90 2.55 -11.36
C ALA A 46 5.54 2.05 -11.84
N THR A 47 5.28 0.76 -11.72
CA THR A 47 4.10 0.16 -12.35
C THR A 47 2.86 0.12 -11.47
N ARG A 48 2.92 0.75 -10.30
CA ARG A 48 1.81 0.80 -9.37
C ARG A 48 0.59 1.56 -9.89
N VAL A 49 -0.56 0.91 -9.82
CA VAL A 49 -1.86 1.44 -10.19
C VAL A 49 -2.61 1.75 -8.89
N LEU A 50 -3.21 2.91 -8.81
CA LEU A 50 -3.91 3.37 -7.59
C LEU A 50 -5.15 2.52 -7.32
N LEU A 51 -5.10 1.74 -6.24
CA LEU A 51 -6.24 0.94 -5.84
C LEU A 51 -7.14 1.68 -4.85
N MET A 52 -6.58 2.02 -3.70
CA MET A 52 -7.34 2.63 -2.64
C MET A 52 -6.41 3.28 -1.61
N TYR A 53 -6.90 4.32 -0.97
CA TYR A 53 -6.22 4.98 0.13
C TYR A 53 -6.75 4.40 1.42
N VAL A 54 -5.88 3.86 2.25
CA VAL A 54 -6.30 3.29 3.50
C VAL A 54 -5.65 4.04 4.65
N ARG A 55 -6.44 4.71 5.45
CA ARG A 55 -5.93 5.40 6.62
C ARG A 55 -5.24 4.45 7.56
N ILE A 56 -4.17 4.93 8.12
CA ILE A 56 -3.43 4.15 9.11
C ILE A 56 -4.30 3.98 10.34
N GLY A 57 -4.50 2.75 10.71
CA GLY A 57 -5.34 2.43 11.84
C GLY A 57 -6.65 1.89 11.36
N ASN A 58 -6.90 2.10 10.10
CA ASN A 58 -8.13 1.73 9.47
C ASN A 58 -7.95 0.49 8.63
N THR A 59 -9.04 -0.15 8.37
CA THR A 59 -9.08 -1.35 7.59
C THR A 59 -9.86 -1.07 6.31
N ALA A 60 -9.53 -1.79 5.28
CA ALA A 60 -10.18 -1.57 3.98
C ALA A 60 -10.18 -2.83 3.17
N THR A 61 -11.23 -3.01 2.39
CA THR A 61 -11.34 -4.15 1.50
C THR A 61 -11.05 -3.65 0.09
N ILE A 62 -9.95 -4.11 -0.46
CA ILE A 62 -9.48 -3.69 -1.76
C ILE A 62 -9.91 -4.71 -2.77
N THR A 63 -10.81 -4.38 -3.65
CA THR A 63 -11.04 -5.31 -4.73
C THR A 63 -10.03 -4.93 -5.82
N ALA A 64 -9.23 -5.89 -6.19
CA ALA A 64 -8.20 -5.73 -7.19
C ALA A 64 -8.00 -7.07 -7.87
N ARG A 65 -8.08 -7.06 -9.19
CA ARG A 65 -7.89 -8.23 -10.05
C ARG A 65 -8.95 -9.29 -9.78
N GLY A 66 -10.06 -8.84 -9.24
CA GLY A 66 -11.16 -9.72 -8.91
C GLY A 66 -11.13 -10.21 -7.47
N HIS A 67 -10.04 -9.93 -6.78
CA HIS A 67 -9.88 -10.39 -5.42
C HIS A 67 -10.17 -9.25 -4.46
N GLU A 68 -10.67 -9.57 -3.30
CA GLU A 68 -10.88 -8.59 -2.27
C GLU A 68 -9.91 -8.81 -1.14
N PHE A 69 -9.07 -7.84 -0.92
CA PHE A 69 -8.06 -7.92 0.10
C PHE A 69 -8.46 -7.01 1.22
N GLU A 70 -8.86 -7.55 2.33
CA GLU A 70 -9.16 -6.69 3.44
C GLU A 70 -7.86 -6.53 4.17
N VAL A 71 -7.34 -5.35 4.15
CA VAL A 71 -6.06 -5.09 4.74
C VAL A 71 -6.25 -4.41 6.08
N GLU A 72 -5.20 -4.45 6.85
CA GLU A 72 -5.15 -3.81 8.11
C GLU A 72 -3.98 -2.87 8.04
N ALA A 73 -4.26 -1.59 7.88
CA ALA A 73 -3.18 -0.62 7.81
C ALA A 73 -2.70 -0.36 9.22
N LYS A 74 -1.74 -1.17 9.61
CA LYS A 74 -1.18 -1.17 10.95
C LYS A 74 -0.23 -0.01 11.16
N ASP A 75 0.71 0.10 10.27
CA ASP A 75 1.81 1.04 10.39
C ASP A 75 2.11 1.58 9.01
N GLN A 76 2.67 2.80 8.91
CA GLN A 76 2.88 3.38 7.58
C GLN A 76 4.20 3.04 6.93
N ASN A 77 4.74 1.89 7.26
CA ASN A 77 5.82 1.35 6.45
C ASN A 77 5.16 0.69 5.24
N CYS A 78 3.85 0.52 5.40
CA CYS A 78 2.93 0.12 4.36
C CYS A 78 3.13 -1.28 3.84
N LYS A 79 3.53 -2.15 4.73
CA LYS A 79 3.57 -3.52 4.44
C LYS A 79 2.14 -3.97 4.27
N VAL A 80 1.86 -4.66 3.21
CA VAL A 80 0.52 -5.10 2.96
C VAL A 80 0.24 -6.38 3.72
N ILE A 81 -0.41 -6.18 4.83
CA ILE A 81 -0.77 -7.23 5.74
C ILE A 81 -2.26 -7.24 5.73
N LEU A 82 -2.81 -8.36 5.41
CA LEU A 82 -4.21 -8.44 5.34
C LEU A 82 -4.78 -8.68 6.71
N THR A 83 -6.05 -8.50 6.82
CA THR A 83 -6.77 -8.80 8.07
C THR A 83 -6.70 -10.29 8.42
N ASN A 84 -6.44 -11.11 7.41
CA ASN A 84 -6.23 -12.53 7.63
C ASN A 84 -4.83 -12.81 8.17
N GLY A 85 -4.04 -11.75 8.34
CA GLY A 85 -2.78 -11.83 9.02
C GLY A 85 -1.64 -12.03 8.09
N LYS A 86 -1.94 -12.62 6.96
CA LYS A 86 -0.93 -12.93 6.02
C LYS A 86 -0.53 -11.77 5.14
N GLN A 87 0.58 -11.99 4.47
CA GLN A 87 1.14 -11.10 3.49
C GLN A 87 0.33 -11.24 2.20
N ALA A 88 0.29 -10.18 1.46
CA ALA A 88 -0.40 -10.16 0.18
C ALA A 88 0.58 -10.41 -0.97
N PRO A 89 0.08 -10.73 -2.19
CA PRO A 89 0.92 -11.00 -3.38
C PRO A 89 1.99 -9.95 -3.68
N ASP A 90 3.01 -10.40 -4.40
CA ASP A 90 4.19 -9.63 -4.80
C ASP A 90 3.82 -8.32 -5.51
N TRP A 91 2.74 -8.35 -6.25
CA TRP A 91 2.28 -7.19 -7.00
C TRP A 91 1.50 -6.18 -6.14
N LEU A 92 1.06 -6.59 -4.97
CA LEU A 92 0.27 -5.72 -4.16
C LEU A 92 1.23 -4.88 -3.34
N ALA A 93 1.16 -3.58 -3.53
CA ALA A 93 2.05 -2.65 -2.86
C ALA A 93 1.27 -1.62 -2.13
N ALA A 94 1.97 -0.91 -1.31
CA ALA A 94 1.41 0.20 -0.58
C ALA A 94 2.52 1.17 -0.26
N GLU A 95 2.22 2.44 -0.35
CA GLU A 95 3.13 3.50 0.00
C GLU A 95 2.26 4.57 0.60
N PRO A 96 2.71 5.30 1.63
CA PRO A 96 1.90 6.33 2.24
C PRO A 96 1.78 7.56 1.33
N TYR A 97 0.58 8.12 1.32
CA TYR A 97 0.17 9.17 0.40
C TYR A 97 0.95 10.49 0.57
N SER A 19 -18.03 25.29 -12.81
CA SER A 19 -17.13 25.29 -11.66
C SER A 19 -16.13 24.17 -11.82
N GLY A 20 -14.98 24.29 -11.20
CA GLY A 20 -13.98 23.29 -11.32
C GLY A 20 -13.10 23.19 -10.10
N ARG A 21 -12.17 22.29 -10.18
CA ARG A 21 -11.14 22.08 -9.18
C ARG A 21 -9.88 21.75 -9.91
N GLU A 22 -8.83 22.47 -9.62
CA GLU A 22 -7.57 22.21 -10.24
C GLU A 22 -6.97 21.01 -9.56
N ASN A 23 -6.81 19.93 -10.29
CA ASN A 23 -6.17 18.77 -9.73
C ASN A 23 -4.71 19.07 -9.85
N LEU A 24 -4.15 19.59 -8.78
CA LEU A 24 -2.77 20.03 -8.78
C LEU A 24 -1.79 18.92 -9.02
N TYR A 25 -0.61 19.35 -9.32
CA TYR A 25 0.46 18.44 -9.56
C TYR A 25 1.03 18.03 -8.22
N PHE A 26 0.85 16.78 -7.91
CA PHE A 26 1.37 16.24 -6.70
C PHE A 26 2.67 15.59 -7.03
N GLN A 27 3.71 16.21 -6.56
CA GLN A 27 5.05 15.76 -6.81
C GLN A 27 5.28 14.47 -6.07
N GLY A 28 6.13 13.66 -6.62
CA GLY A 28 6.50 12.46 -5.95
C GLY A 28 7.56 12.80 -4.95
N HIS A 29 7.13 13.15 -3.77
CA HIS A 29 8.01 13.51 -2.71
C HIS A 29 8.35 12.23 -1.98
N MET A 30 9.46 12.21 -1.27
CA MET A 30 9.87 11.05 -0.49
C MET A 30 8.72 10.61 0.42
N ALA A 31 8.46 9.32 0.44
CA ALA A 31 7.40 8.75 1.24
C ALA A 31 7.68 8.96 2.72
N ALA A 32 6.94 9.85 3.31
CA ALA A 32 7.07 10.17 4.70
C ALA A 32 5.84 9.67 5.43
N PRO A 33 5.92 9.38 6.74
CA PRO A 33 4.76 8.96 7.54
C PRO A 33 3.61 9.95 7.39
N ALA A 34 2.57 9.56 6.67
CA ALA A 34 1.51 10.48 6.33
C ALA A 34 0.12 10.03 6.75
N ARG A 35 0.06 9.19 7.74
CA ARG A 35 -1.18 8.72 8.36
C ARG A 35 -2.17 8.01 7.38
N SER A 36 -1.68 7.55 6.25
CA SER A 36 -2.46 6.79 5.30
C SER A 36 -1.56 5.90 4.45
N CYS A 37 -2.00 4.69 4.15
CA CYS A 37 -1.27 3.77 3.32
C CYS A 37 -2.02 3.69 2.02
N VAL A 38 -1.32 3.83 0.95
CA VAL A 38 -1.92 3.88 -0.36
C VAL A 38 -1.54 2.61 -1.06
N TYR A 39 -2.53 1.90 -1.51
CA TYR A 39 -2.33 0.60 -2.11
C TYR A 39 -2.29 0.71 -3.60
N TYR A 40 -1.30 0.07 -4.17
CA TYR A 40 -1.05 0.09 -5.57
C TYR A 40 -0.94 -1.31 -6.10
N ASP A 41 -1.42 -1.51 -7.30
CA ASP A 41 -1.25 -2.76 -8.01
C ASP A 41 -0.08 -2.57 -8.94
N GLY A 42 1.07 -3.08 -8.57
CA GLY A 42 2.22 -2.99 -9.42
C GLY A 42 3.39 -3.77 -8.90
N HIS A 43 4.10 -4.39 -9.80
CA HIS A 43 5.31 -5.10 -9.46
C HIS A 43 6.46 -4.10 -9.45
N LEU A 44 6.22 -3.01 -10.14
CA LEU A 44 7.20 -1.96 -10.29
C LEU A 44 6.58 -0.69 -9.79
N PRO A 45 7.38 0.32 -9.46
CA PRO A 45 6.88 1.64 -9.12
C PRO A 45 6.39 2.37 -10.39
N ALA A 46 6.59 1.74 -11.54
CA ALA A 46 6.20 2.32 -12.80
C ALA A 46 4.78 1.87 -13.18
N THR A 47 4.57 0.57 -13.15
CA THR A 47 3.32 -0.03 -13.57
C THR A 47 2.34 -0.15 -12.40
N ARG A 48 2.53 0.69 -11.41
CA ARG A 48 1.71 0.68 -10.24
C ARG A 48 0.41 1.43 -10.54
N VAL A 49 -0.68 0.93 -10.00
CA VAL A 49 -1.99 1.50 -10.20
C VAL A 49 -2.53 1.83 -8.83
N LEU A 50 -2.82 3.10 -8.59
CA LEU A 50 -3.36 3.49 -7.30
C LEU A 50 -4.76 2.94 -7.17
N LEU A 51 -4.91 2.11 -6.18
CA LEU A 51 -6.17 1.48 -5.88
C LEU A 51 -6.96 2.31 -4.89
N MET A 52 -6.37 2.55 -3.74
CA MET A 52 -7.10 3.06 -2.61
C MET A 52 -6.17 3.66 -1.57
N TYR A 53 -6.73 4.56 -0.77
CA TYR A 53 -6.08 5.17 0.36
C TYR A 53 -6.69 4.58 1.62
N VAL A 54 -5.91 3.94 2.44
CA VAL A 54 -6.40 3.40 3.68
C VAL A 54 -5.74 4.14 4.80
N ARG A 55 -6.50 4.89 5.55
CA ARG A 55 -6.01 5.67 6.66
C ARG A 55 -5.39 4.74 7.69
N ILE A 56 -4.31 5.17 8.29
CA ILE A 56 -3.69 4.40 9.36
C ILE A 56 -4.69 4.31 10.47
N GLY A 57 -5.00 3.11 10.81
CA GLY A 57 -5.97 2.87 11.84
C GLY A 57 -7.31 2.64 11.19
N ASN A 58 -7.26 2.02 10.04
CA ASN A 58 -8.45 1.59 9.33
C ASN A 58 -8.11 0.34 8.54
N THR A 59 -9.14 -0.35 8.19
CA THR A 59 -9.06 -1.54 7.39
C THR A 59 -9.86 -1.35 6.13
N ALA A 60 -9.51 -2.03 5.10
CA ALA A 60 -10.22 -1.88 3.83
C ALA A 60 -10.19 -3.14 3.00
N THR A 61 -11.29 -3.39 2.31
CA THR A 61 -11.42 -4.54 1.43
C THR A 61 -10.95 -4.08 0.05
N ILE A 62 -9.78 -4.54 -0.35
CA ILE A 62 -9.21 -4.12 -1.63
C ILE A 62 -9.52 -5.16 -2.66
N THR A 63 -10.34 -4.84 -3.61
CA THR A 63 -10.56 -5.79 -4.66
C THR A 63 -9.55 -5.46 -5.76
N ALA A 64 -8.75 -6.42 -6.14
CA ALA A 64 -7.76 -6.25 -7.17
C ALA A 64 -7.54 -7.58 -7.87
N ARG A 65 -7.73 -7.57 -9.18
CA ARG A 65 -7.53 -8.73 -10.06
C ARG A 65 -8.51 -9.86 -9.71
N GLY A 66 -9.64 -9.45 -9.17
CA GLY A 66 -10.69 -10.37 -8.80
C GLY A 66 -10.53 -10.92 -7.39
N HIS A 67 -9.57 -10.42 -6.66
CA HIS A 67 -9.33 -10.88 -5.30
C HIS A 67 -9.57 -9.75 -4.33
N GLU A 68 -10.30 -10.02 -3.27
CA GLU A 68 -10.47 -9.04 -2.23
C GLU A 68 -9.44 -9.31 -1.16
N PHE A 69 -8.69 -8.29 -0.83
CA PHE A 69 -7.69 -8.41 0.20
C PHE A 69 -8.11 -7.43 1.26
N GLU A 70 -8.57 -7.89 2.38
CA GLU A 70 -8.90 -6.94 3.40
C GLU A 70 -7.64 -6.68 4.20
N VAL A 71 -7.15 -5.46 4.08
CA VAL A 71 -5.88 -5.07 4.66
C VAL A 71 -6.11 -4.37 5.97
N GLU A 72 -5.06 -4.30 6.74
CA GLU A 72 -5.05 -3.58 7.97
C GLU A 72 -3.98 -2.53 7.84
N ALA A 73 -4.38 -1.28 7.75
CA ALA A 73 -3.39 -0.23 7.75
C ALA A 73 -2.98 -0.03 9.20
N LYS A 74 -1.99 -0.81 9.56
CA LYS A 74 -1.46 -0.91 10.90
C LYS A 74 -0.59 0.28 11.30
N ASP A 75 0.35 0.64 10.45
CA ASP A 75 1.27 1.72 10.72
C ASP A 75 1.66 2.33 9.41
N GLN A 76 2.31 3.47 9.49
CA GLN A 76 2.63 4.27 8.33
C GLN A 76 3.96 3.97 7.67
N ASN A 77 4.50 2.80 7.94
CA ASN A 77 5.63 2.33 7.15
C ASN A 77 5.01 1.66 5.93
N CYS A 78 3.79 1.17 6.16
CA CYS A 78 2.88 0.66 5.16
C CYS A 78 3.20 -0.64 4.44
N LYS A 79 3.45 -1.71 5.17
CA LYS A 79 3.44 -3.01 4.53
C LYS A 79 2.02 -3.46 4.30
N VAL A 80 1.87 -4.24 3.27
CA VAL A 80 0.59 -4.78 2.96
C VAL A 80 0.43 -6.10 3.69
N ILE A 81 -0.29 -6.01 4.77
CA ILE A 81 -0.54 -7.15 5.61
C ILE A 81 -2.01 -7.21 5.74
N LEU A 82 -2.55 -8.37 5.48
CA LEU A 82 -3.96 -8.46 5.47
C LEU A 82 -4.46 -8.74 6.84
N THR A 83 -5.61 -8.21 7.09
CA THR A 83 -6.22 -8.30 8.41
C THR A 83 -6.85 -9.70 8.62
N ASN A 84 -6.66 -10.56 7.63
CA ASN A 84 -7.10 -11.96 7.70
C ASN A 84 -5.93 -12.83 8.16
N GLY A 85 -4.77 -12.20 8.35
CA GLY A 85 -3.59 -12.91 8.82
C GLY A 85 -2.82 -13.44 7.64
N LYS A 86 -2.98 -12.75 6.53
CA LYS A 86 -2.40 -13.16 5.28
C LYS A 86 -1.37 -12.15 4.82
N GLN A 87 -0.49 -12.61 3.97
CA GLN A 87 0.48 -11.76 3.33
C GLN A 87 0.03 -11.63 1.89
N ALA A 88 0.16 -10.47 1.33
CA ALA A 88 -0.36 -10.22 0.00
C ALA A 88 0.69 -10.49 -1.08
N PRO A 89 0.26 -10.66 -2.35
CA PRO A 89 1.17 -10.80 -3.50
C PRO A 89 2.12 -9.60 -3.59
N ASP A 90 3.29 -9.79 -4.16
CA ASP A 90 4.32 -8.74 -4.25
C ASP A 90 3.83 -7.52 -5.02
N TRP A 91 2.91 -7.75 -5.96
CA TRP A 91 2.36 -6.69 -6.78
C TRP A 91 1.41 -5.81 -5.99
N LEU A 92 0.96 -6.27 -4.84
CA LEU A 92 0.08 -5.46 -4.07
C LEU A 92 0.97 -4.63 -3.18
N ALA A 93 1.12 -3.39 -3.52
CA ALA A 93 2.01 -2.50 -2.81
C ALA A 93 1.24 -1.53 -1.98
N ALA A 94 1.94 -0.95 -1.04
CA ALA A 94 1.41 0.05 -0.16
C ALA A 94 2.53 0.99 0.21
N GLU A 95 2.27 2.28 0.17
CA GLU A 95 3.22 3.29 0.59
C GLU A 95 2.43 4.42 1.21
N PRO A 96 2.94 5.11 2.21
CA PRO A 96 2.23 6.22 2.83
C PRO A 96 2.17 7.43 1.87
N TYR A 97 0.97 7.94 1.69
CA TYR A 97 0.63 8.97 0.71
C TYR A 97 1.50 10.22 0.73
N SER A 19 9.19 -22.84 -12.75
CA SER A 19 8.67 -21.49 -12.67
C SER A 19 8.85 -21.01 -11.24
N GLY A 20 9.91 -20.30 -10.99
CA GLY A 20 10.16 -19.85 -9.66
C GLY A 20 10.81 -18.51 -9.64
N ARG A 21 10.52 -17.79 -8.62
CA ARG A 21 11.11 -16.51 -8.36
C ARG A 21 11.25 -16.44 -6.87
N GLU A 22 12.34 -15.93 -6.41
CA GLU A 22 12.50 -15.73 -5.01
C GLU A 22 12.48 -14.22 -4.88
N ASN A 23 11.27 -13.75 -4.72
CA ASN A 23 10.92 -12.35 -4.84
C ASN A 23 10.95 -11.67 -3.49
N LEU A 24 11.02 -10.38 -3.53
CA LEU A 24 11.00 -9.55 -2.35
C LEU A 24 9.73 -8.74 -2.44
N TYR A 25 8.98 -8.68 -1.35
CA TYR A 25 7.71 -7.97 -1.32
C TYR A 25 7.91 -6.53 -1.71
N PHE A 26 7.32 -6.15 -2.82
CA PHE A 26 7.44 -4.82 -3.33
C PHE A 26 6.57 -3.89 -2.53
N GLN A 27 7.06 -2.71 -2.31
CA GLN A 27 6.36 -1.73 -1.58
C GLN A 27 6.24 -0.54 -2.50
N GLY A 28 5.33 0.36 -2.21
CA GLY A 28 5.15 1.53 -3.02
C GLY A 28 6.24 2.53 -2.75
N HIS A 29 6.18 3.66 -3.42
CA HIS A 29 7.14 4.72 -3.27
C HIS A 29 7.15 5.21 -1.82
N MET A 30 8.23 4.92 -1.11
CA MET A 30 8.33 5.35 0.26
C MET A 30 8.36 6.86 0.29
N ALA A 31 7.48 7.40 1.06
CA ALA A 31 7.31 8.81 1.20
C ALA A 31 7.13 9.09 2.67
N ALA A 32 6.93 10.35 3.01
CA ALA A 32 6.68 10.75 4.38
C ALA A 32 5.45 10.01 4.92
N PRO A 33 5.47 9.61 6.19
CA PRO A 33 4.36 8.86 6.78
C PRO A 33 3.17 9.78 7.02
N ALA A 34 2.35 9.89 6.01
CA ALA A 34 1.25 10.84 5.98
C ALA A 34 -0.07 10.32 6.51
N ARG A 35 0.00 9.39 7.43
CA ARG A 35 -1.17 8.84 8.12
C ARG A 35 -2.20 8.15 7.20
N SER A 36 -1.75 7.67 6.07
CA SER A 36 -2.57 6.89 5.16
C SER A 36 -1.67 6.03 4.29
N CYS A 37 -2.07 4.79 4.06
CA CYS A 37 -1.34 3.86 3.23
C CYS A 37 -2.13 3.73 1.97
N VAL A 38 -1.46 3.85 0.89
CA VAL A 38 -2.09 3.88 -0.40
C VAL A 38 -1.68 2.62 -1.12
N TYR A 39 -2.67 1.88 -1.53
CA TYR A 39 -2.47 0.59 -2.12
C TYR A 39 -2.41 0.67 -3.61
N TYR A 40 -1.38 0.07 -4.14
CA TYR A 40 -1.12 0.06 -5.53
C TYR A 40 -0.88 -1.35 -6.02
N ASP A 41 -1.28 -1.58 -7.24
CA ASP A 41 -1.07 -2.83 -7.94
C ASP A 41 0.15 -2.64 -8.82
N GLY A 42 1.28 -3.15 -8.40
CA GLY A 42 2.48 -3.04 -9.22
C GLY A 42 3.65 -3.82 -8.68
N HIS A 43 4.54 -4.22 -9.57
CA HIS A 43 5.78 -4.85 -9.16
C HIS A 43 6.90 -3.83 -9.19
N LEU A 44 6.66 -2.71 -9.85
CA LEU A 44 7.67 -1.68 -9.96
C LEU A 44 7.03 -0.38 -9.54
N PRO A 45 7.83 0.65 -9.20
CA PRO A 45 7.30 1.98 -8.89
C PRO A 45 6.72 2.65 -10.14
N ALA A 46 6.86 1.99 -11.28
CA ALA A 46 6.39 2.52 -12.54
C ALA A 46 4.98 2.04 -12.79
N THR A 47 4.74 0.85 -12.33
CA THR A 47 3.55 0.14 -12.65
C THR A 47 2.45 0.41 -11.64
N ARG A 48 2.85 0.73 -10.41
CA ARG A 48 1.95 0.89 -9.28
C ARG A 48 0.66 1.66 -9.61
N VAL A 49 -0.42 0.89 -9.71
CA VAL A 49 -1.74 1.36 -10.10
C VAL A 49 -2.52 1.68 -8.85
N LEU A 50 -3.09 2.87 -8.78
CA LEU A 50 -3.85 3.29 -7.63
C LEU A 50 -5.08 2.42 -7.48
N LEU A 51 -5.10 1.64 -6.43
CA LEU A 51 -6.24 0.86 -6.07
C LEU A 51 -7.11 1.68 -5.14
N MET A 52 -6.53 2.04 -4.00
CA MET A 52 -7.25 2.81 -2.99
C MET A 52 -6.34 3.32 -1.89
N TYR A 53 -6.87 4.26 -1.14
CA TYR A 53 -6.26 4.85 0.03
C TYR A 53 -6.87 4.21 1.26
N VAL A 54 -6.04 3.92 2.23
CA VAL A 54 -6.49 3.41 3.52
C VAL A 54 -5.84 4.29 4.56
N ARG A 55 -6.56 4.68 5.55
CA ARG A 55 -6.02 5.52 6.59
C ARG A 55 -5.27 4.66 7.58
N ILE A 56 -4.23 5.22 8.17
CA ILE A 56 -3.50 4.52 9.24
C ILE A 56 -4.47 4.33 10.38
N GLY A 57 -4.59 3.11 10.80
CA GLY A 57 -5.42 2.75 11.91
C GLY A 57 -6.80 2.43 11.44
N ASN A 58 -6.90 2.02 10.20
CA ASN A 58 -8.16 1.67 9.61
C ASN A 58 -7.97 0.50 8.68
N THR A 59 -9.04 -0.18 8.43
CA THR A 59 -9.06 -1.33 7.59
C THR A 59 -9.77 -1.03 6.29
N ALA A 60 -9.48 -1.84 5.30
CA ALA A 60 -10.12 -1.75 4.00
C ALA A 60 -10.01 -3.07 3.28
N THR A 61 -10.98 -3.35 2.46
CA THR A 61 -10.98 -4.52 1.63
C THR A 61 -10.54 -4.07 0.24
N ILE A 62 -9.40 -4.55 -0.19
CA ILE A 62 -8.81 -4.12 -1.44
C ILE A 62 -9.23 -5.10 -2.52
N THR A 63 -10.06 -4.66 -3.41
CA THR A 63 -10.41 -5.46 -4.54
C THR A 63 -9.42 -5.12 -5.66
N ALA A 64 -8.74 -6.11 -6.17
CA ALA A 64 -7.82 -5.96 -7.27
C ALA A 64 -7.78 -7.26 -8.05
N ARG A 65 -8.05 -7.19 -9.35
CA ARG A 65 -8.00 -8.33 -10.28
C ARG A 65 -9.01 -9.41 -9.90
N GLY A 66 -10.04 -9.00 -9.19
CA GLY A 66 -11.07 -9.90 -8.74
C GLY A 66 -10.80 -10.47 -7.35
N HIS A 67 -9.65 -10.11 -6.78
CA HIS A 67 -9.26 -10.59 -5.47
C HIS A 67 -9.58 -9.50 -4.46
N GLU A 68 -10.08 -9.85 -3.32
CA GLU A 68 -10.29 -8.90 -2.25
C GLU A 68 -9.38 -9.22 -1.09
N PHE A 69 -8.62 -8.25 -0.66
CA PHE A 69 -7.69 -8.43 0.42
C PHE A 69 -8.14 -7.55 1.57
N GLU A 70 -8.52 -8.13 2.68
CA GLU A 70 -8.94 -7.31 3.79
C GLU A 70 -7.69 -6.98 4.58
N VAL A 71 -7.32 -5.73 4.54
CA VAL A 71 -6.07 -5.29 5.10
C VAL A 71 -6.30 -4.30 6.21
N GLU A 72 -5.30 -4.15 7.04
CA GLU A 72 -5.31 -3.18 8.09
C GLU A 72 -4.06 -2.38 7.92
N ALA A 73 -4.20 -1.14 7.50
CA ALA A 73 -3.04 -0.29 7.45
C ALA A 73 -2.82 0.18 8.86
N LYS A 74 -2.08 -0.60 9.61
CA LYS A 74 -1.90 -0.34 11.00
C LYS A 74 -0.73 0.57 11.31
N ASP A 75 0.23 0.61 10.43
CA ASP A 75 1.44 1.33 10.75
C ASP A 75 1.86 2.15 9.56
N GLN A 76 2.58 3.24 9.80
CA GLN A 76 3.00 4.17 8.75
C GLN A 76 4.05 3.55 7.82
N ASN A 77 4.52 2.36 8.18
CA ASN A 77 5.43 1.61 7.33
C ASN A 77 4.72 1.38 6.01
N CYS A 78 3.44 1.08 6.12
CA CYS A 78 2.59 0.78 4.99
C CYS A 78 3.08 -0.44 4.25
N LYS A 79 3.41 -1.45 5.02
CA LYS A 79 3.74 -2.71 4.48
C LYS A 79 2.42 -3.36 4.22
N VAL A 80 2.42 -4.31 3.33
CA VAL A 80 1.19 -4.93 2.97
C VAL A 80 0.85 -6.02 3.99
N ILE A 81 -0.02 -5.67 4.90
CA ILE A 81 -0.44 -6.57 5.95
C ILE A 81 -1.93 -6.76 5.89
N LEU A 82 -2.31 -7.98 5.70
CA LEU A 82 -3.68 -8.34 5.59
C LEU A 82 -4.16 -8.77 6.93
N THR A 83 -5.33 -8.32 7.27
CA THR A 83 -5.84 -8.45 8.64
C THR A 83 -6.47 -9.84 8.84
N ASN A 84 -6.41 -10.64 7.81
CA ASN A 84 -6.95 -11.99 7.87
C ASN A 84 -5.85 -12.97 8.21
N GLY A 85 -4.62 -12.46 8.22
CA GLY A 85 -3.47 -13.28 8.52
C GLY A 85 -2.87 -13.80 7.24
N LYS A 86 -3.29 -13.16 6.18
CA LYS A 86 -2.95 -13.51 4.84
C LYS A 86 -1.78 -12.70 4.34
N GLN A 87 -1.00 -13.31 3.50
CA GLN A 87 0.04 -12.63 2.77
C GLN A 87 -0.63 -12.12 1.53
N ALA A 88 -0.12 -11.08 0.99
CA ALA A 88 -0.68 -10.56 -0.23
C ALA A 88 0.29 -10.85 -1.37
N PRO A 89 -0.22 -10.92 -2.62
CA PRO A 89 0.61 -11.12 -3.82
C PRO A 89 1.76 -10.13 -3.92
N ASP A 90 2.73 -10.51 -4.73
CA ASP A 90 4.00 -9.80 -4.90
C ASP A 90 3.82 -8.47 -5.65
N TRP A 91 2.59 -8.19 -6.04
CA TRP A 91 2.25 -6.98 -6.76
C TRP A 91 1.40 -6.04 -5.93
N LEU A 92 1.03 -6.45 -4.74
CA LEU A 92 0.22 -5.60 -3.91
C LEU A 92 1.10 -4.71 -3.05
N ALA A 93 1.18 -3.45 -3.41
CA ALA A 93 2.02 -2.50 -2.71
C ALA A 93 1.20 -1.52 -1.92
N ALA A 94 1.88 -0.86 -1.01
CA ALA A 94 1.33 0.20 -0.20
C ALA A 94 2.44 1.18 0.09
N GLU A 95 2.11 2.46 0.09
CA GLU A 95 3.04 3.53 0.40
C GLU A 95 2.24 4.62 1.10
N PRO A 96 2.78 5.32 2.11
CA PRO A 96 2.07 6.45 2.69
C PRO A 96 1.97 7.59 1.67
N TYR A 97 0.76 8.09 1.53
CA TYR A 97 0.37 9.07 0.52
C TYR A 97 1.18 10.36 0.54
#